data_7FVN
# 
_entry.id   7FVN 
# 
_audit_conform.dict_name       mmcif_pdbx.dic 
_audit_conform.dict_version    5.392 
_audit_conform.dict_location   http://mmcif.pdb.org/dictionaries/ascii/mmcif_pdbx.dic 
# 
loop_
_database_2.database_id 
_database_2.database_code 
_database_2.pdbx_database_accession 
_database_2.pdbx_DOI 
PDB   7FVN         pdb_00007fvn 10.2210/pdb7fvn/pdb 
WWPDB D_1001405404 ?            ?                   
# 
loop_
_pdbx_audit_revision_history.ordinal 
_pdbx_audit_revision_history.data_content_type 
_pdbx_audit_revision_history.major_revision 
_pdbx_audit_revision_history.minor_revision 
_pdbx_audit_revision_history.revision_date 
1 'Structure model' 1 0 2023-03-29 
2 'Structure model' 1 1 2024-05-22 
# 
_pdbx_audit_revision_details.ordinal             1 
_pdbx_audit_revision_details.revision_ordinal    1 
_pdbx_audit_revision_details.data_content_type   'Structure model' 
_pdbx_audit_revision_details.provider            repository 
_pdbx_audit_revision_details.type                'Initial release' 
_pdbx_audit_revision_details.description         ? 
_pdbx_audit_revision_details.details             ? 
# 
_pdbx_audit_revision_group.ordinal             1 
_pdbx_audit_revision_group.revision_ordinal    2 
_pdbx_audit_revision_group.data_content_type   'Structure model' 
_pdbx_audit_revision_group.group               'Data collection' 
# 
loop_
_pdbx_audit_revision_category.ordinal 
_pdbx_audit_revision_category.revision_ordinal 
_pdbx_audit_revision_category.data_content_type 
_pdbx_audit_revision_category.category 
1 2 'Structure model' chem_comp_atom 
2 2 'Structure model' chem_comp_bond 
# 
_pdbx_database_status.entry_id                        7FVN 
_pdbx_database_status.status_code                     REL 
_pdbx_database_status.status_code_sf                  REL 
_pdbx_database_status.status_code_mr                  ? 
_pdbx_database_status.status_code_cs                  ? 
_pdbx_database_status.recvd_initial_deposition_date   2023-03-09 
_pdbx_database_status.status_code_nmr_data            ? 
_pdbx_database_status.deposit_site                    RCSB 
_pdbx_database_status.process_site                    RCSB 
_pdbx_database_status.SG_entry                        ? 
_pdbx_database_status.pdb_format_compatible           Y 
_pdbx_database_status.methods_development_category    ? 
# 
_pdbx_contact_author.id                 1 
_pdbx_contact_author.email              frank.von-delft@diamond.ac.uk 
_pdbx_contact_author.name_first         Frank 
_pdbx_contact_author.name_last          'von Delft' 
_pdbx_contact_author.role               'principal investigator/group leader' 
_pdbx_contact_author.identifier_ORCID   0000-0003-0378-0017 
_pdbx_contact_author.name_mi            ? 
# 
loop_
_audit_author.name 
_audit_author.pdbx_ordinal 
'Grosjean, H.'   1 
'Tomlinson, C.'  2 
'Bradshaw, W.J.' 3 
'Koekemoer, L.'  4 
'Krojer, T.'     5 
'Fearon, D.'     6 
'Biggin, P.C.'   7 
'von Delft, F.'  8 
# 
_citation.id                        primary 
_citation.title                     'PanDDA analysis group deposition' 
_citation.journal_abbrev            'To Be Published' 
_citation.journal_volume            ? 
_citation.page_first                ? 
_citation.page_last                 ? 
_citation.year                      ? 
_citation.journal_id_ASTM           ? 
_citation.country                   ? 
_citation.journal_id_ISSN           ? 
_citation.journal_id_CSD            0353 
_citation.book_publisher            ? 
_citation.pdbx_database_id_PubMed   ? 
_citation.pdbx_database_id_DOI      ? 
# 
loop_
_citation_author.citation_id 
_citation_author.name 
_citation_author.identifier_ORCID 
_citation_author.ordinal 
primary 'Grosjean, H.'   ? 1 
primary 'Tomlinson, C.'  ? 2 
primary 'Bradshaw, W.J.' ? 3 
primary 'Koekemoer, L.'  ? 4 
primary 'Krojer, T.'     ? 5 
primary 'Fearon, D.'     ? 6 
primary 'Biggin, P.C.'   ? 7 
primary 'von Delft, F.'  ? 8 
# 
loop_
_entity.id 
_entity.type 
_entity.src_method 
_entity.pdbx_description 
_entity.formula_weight 
_entity.pdbx_number_of_molecules 
_entity.pdbx_ec 
_entity.pdbx_mutation 
_entity.pdbx_fragment 
_entity.details 
1 polymer     man 'PH-interacting protein'                                           17627.859 1   ? ? ? ? 
2 non-polymer syn 'N-(propan-2-yl)-4-(thiophene-2-carbonyl)piperazine-1-carboxamide' 281.374   1   ? ? ? ? 
3 water       nat water                                                              18.015    209 ? ? ? ? 
# 
_entity_name_com.entity_id   1 
_entity_name_com.name        
'PHIP,DDB1- and CUL4-associated factor 14,IRS-1 PH domain-binding protein,WD repeat-containing protein 11' 
# 
_entity_poly.entity_id                      1 
_entity_poly.type                           'polypeptide(L)' 
_entity_poly.nstd_linkage                   no 
_entity_poly.nstd_monomer                   no 
_entity_poly.pdbx_seq_one_letter_code       
;MHHHHHHSSGVDLGTENLYFQSMSYDIQAWKKQCEELLNLIFQCEDSEPFRQPVDLLEYPDYRDIIDTPMDFATVRETLE
AGNYESPMELCKDVRLIFSNSKAYTPSKRSRIYSMSLRLSAFFEEHISSVLSDYKSALRFHKRNTITKR
;
_entity_poly.pdbx_seq_one_letter_code_can   
;MHHHHHHSSGVDLGTENLYFQSMSYDIQAWKKQCEELLNLIFQCEDSEPFRQPVDLLEYPDYRDIIDTPMDFATVRETLE
AGNYESPMELCKDVRLIFSNSKAYTPSKRSRIYSMSLRLSAFFEEHISSVLSDYKSALRFHKRNTITKR
;
_entity_poly.pdbx_strand_id                 A 
_entity_poly.pdbx_target_identifier         ? 
# 
loop_
_pdbx_entity_nonpoly.entity_id 
_pdbx_entity_nonpoly.name 
_pdbx_entity_nonpoly.comp_id 
2 'N-(propan-2-yl)-4-(thiophene-2-carbonyl)piperazine-1-carboxamide' ZPB 
3 water                                                              HOH 
# 
loop_
_entity_poly_seq.entity_id 
_entity_poly_seq.num 
_entity_poly_seq.mon_id 
_entity_poly_seq.hetero 
1 1   MET n 
1 2   HIS n 
1 3   HIS n 
1 4   HIS n 
1 5   HIS n 
1 6   HIS n 
1 7   HIS n 
1 8   SER n 
1 9   SER n 
1 10  GLY n 
1 11  VAL n 
1 12  ASP n 
1 13  LEU n 
1 14  GLY n 
1 15  THR n 
1 16  GLU n 
1 17  ASN n 
1 18  LEU n 
1 19  TYR n 
1 20  PHE n 
1 21  GLN n 
1 22  SER n 
1 23  MET n 
1 24  SER n 
1 25  TYR n 
1 26  ASP n 
1 27  ILE n 
1 28  GLN n 
1 29  ALA n 
1 30  TRP n 
1 31  LYS n 
1 32  LYS n 
1 33  GLN n 
1 34  CYS n 
1 35  GLU n 
1 36  GLU n 
1 37  LEU n 
1 38  LEU n 
1 39  ASN n 
1 40  LEU n 
1 41  ILE n 
1 42  PHE n 
1 43  GLN n 
1 44  CYS n 
1 45  GLU n 
1 46  ASP n 
1 47  SER n 
1 48  GLU n 
1 49  PRO n 
1 50  PHE n 
1 51  ARG n 
1 52  GLN n 
1 53  PRO n 
1 54  VAL n 
1 55  ASP n 
1 56  LEU n 
1 57  LEU n 
1 58  GLU n 
1 59  TYR n 
1 60  PRO n 
1 61  ASP n 
1 62  TYR n 
1 63  ARG n 
1 64  ASP n 
1 65  ILE n 
1 66  ILE n 
1 67  ASP n 
1 68  THR n 
1 69  PRO n 
1 70  MET n 
1 71  ASP n 
1 72  PHE n 
1 73  ALA n 
1 74  THR n 
1 75  VAL n 
1 76  ARG n 
1 77  GLU n 
1 78  THR n 
1 79  LEU n 
1 80  GLU n 
1 81  ALA n 
1 82  GLY n 
1 83  ASN n 
1 84  TYR n 
1 85  GLU n 
1 86  SER n 
1 87  PRO n 
1 88  MET n 
1 89  GLU n 
1 90  LEU n 
1 91  CYS n 
1 92  LYS n 
1 93  ASP n 
1 94  VAL n 
1 95  ARG n 
1 96  LEU n 
1 97  ILE n 
1 98  PHE n 
1 99  SER n 
1 100 ASN n 
1 101 SER n 
1 102 LYS n 
1 103 ALA n 
1 104 TYR n 
1 105 THR n 
1 106 PRO n 
1 107 SER n 
1 108 LYS n 
1 109 ARG n 
1 110 SER n 
1 111 ARG n 
1 112 ILE n 
1 113 TYR n 
1 114 SER n 
1 115 MET n 
1 116 SER n 
1 117 LEU n 
1 118 ARG n 
1 119 LEU n 
1 120 SER n 
1 121 ALA n 
1 122 PHE n 
1 123 PHE n 
1 124 GLU n 
1 125 GLU n 
1 126 HIS n 
1 127 ILE n 
1 128 SER n 
1 129 SER n 
1 130 VAL n 
1 131 LEU n 
1 132 SER n 
1 133 ASP n 
1 134 TYR n 
1 135 LYS n 
1 136 SER n 
1 137 ALA n 
1 138 LEU n 
1 139 ARG n 
1 140 PHE n 
1 141 HIS n 
1 142 LYS n 
1 143 ARG n 
1 144 ASN n 
1 145 THR n 
1 146 ILE n 
1 147 THR n 
1 148 LYS n 
1 149 ARG n 
# 
_entity_src_gen.entity_id                          1 
_entity_src_gen.pdbx_src_id                        1 
_entity_src_gen.pdbx_alt_source_flag               sample 
_entity_src_gen.pdbx_seq_type                      'Biological sequence' 
_entity_src_gen.pdbx_beg_seq_num                   1 
_entity_src_gen.pdbx_end_seq_num                   149 
_entity_src_gen.gene_src_common_name               human 
_entity_src_gen.gene_src_genus                     ? 
_entity_src_gen.pdbx_gene_src_gene                 'PHIP, DCAF14, WDR11' 
_entity_src_gen.gene_src_species                   ? 
_entity_src_gen.gene_src_strain                    ? 
_entity_src_gen.gene_src_tissue                    ? 
_entity_src_gen.gene_src_tissue_fraction           ? 
_entity_src_gen.gene_src_details                   ? 
_entity_src_gen.pdbx_gene_src_fragment             ? 
_entity_src_gen.pdbx_gene_src_scientific_name      'Homo sapiens' 
_entity_src_gen.pdbx_gene_src_ncbi_taxonomy_id     9606 
_entity_src_gen.pdbx_gene_src_variant              ? 
_entity_src_gen.pdbx_gene_src_cell_line            ? 
_entity_src_gen.pdbx_gene_src_atcc                 ? 
_entity_src_gen.pdbx_gene_src_organ                ? 
_entity_src_gen.pdbx_gene_src_organelle            ? 
_entity_src_gen.pdbx_gene_src_cell                 ? 
_entity_src_gen.pdbx_gene_src_cellular_location    ? 
_entity_src_gen.host_org_common_name               ? 
_entity_src_gen.pdbx_host_org_scientific_name      'Escherichia coli' 
_entity_src_gen.pdbx_host_org_ncbi_taxonomy_id     562 
_entity_src_gen.host_org_genus                     ? 
_entity_src_gen.pdbx_host_org_gene                 ? 
_entity_src_gen.pdbx_host_org_organ                ? 
_entity_src_gen.host_org_species                   ? 
_entity_src_gen.pdbx_host_org_tissue               ? 
_entity_src_gen.pdbx_host_org_tissue_fraction      ? 
_entity_src_gen.pdbx_host_org_strain               ? 
_entity_src_gen.pdbx_host_org_variant              ? 
_entity_src_gen.pdbx_host_org_cell_line            ? 
_entity_src_gen.pdbx_host_org_atcc                 ? 
_entity_src_gen.pdbx_host_org_culture_collection   ? 
_entity_src_gen.pdbx_host_org_cell                 ? 
_entity_src_gen.pdbx_host_org_organelle            ? 
_entity_src_gen.pdbx_host_org_cellular_location    ? 
_entity_src_gen.pdbx_host_org_vector_type          ? 
_entity_src_gen.pdbx_host_org_vector               ? 
_entity_src_gen.host_org_details                   ? 
_entity_src_gen.expression_system_id               ? 
_entity_src_gen.plasmid_name                       ? 
_entity_src_gen.plasmid_details                    ? 
_entity_src_gen.pdbx_description                   ? 
# 
loop_
_chem_comp.id 
_chem_comp.type 
_chem_comp.mon_nstd_flag 
_chem_comp.name 
_chem_comp.pdbx_synonyms 
_chem_comp.formula 
_chem_comp.formula_weight 
ALA 'L-peptide linking' y ALANINE                                                            ? 'C3 H7 N O2'      89.093  
ARG 'L-peptide linking' y ARGININE                                                           ? 'C6 H15 N4 O2 1'  175.209 
ASN 'L-peptide linking' y ASPARAGINE                                                         ? 'C4 H8 N2 O3'     132.118 
ASP 'L-peptide linking' y 'ASPARTIC ACID'                                                    ? 'C4 H7 N O4'      133.103 
CYS 'L-peptide linking' y CYSTEINE                                                           ? 'C3 H7 N O2 S'    121.158 
GLN 'L-peptide linking' y GLUTAMINE                                                          ? 'C5 H10 N2 O3'    146.144 
GLU 'L-peptide linking' y 'GLUTAMIC ACID'                                                    ? 'C5 H9 N O4'      147.129 
GLY 'peptide linking'   y GLYCINE                                                            ? 'C2 H5 N O2'      75.067  
HIS 'L-peptide linking' y HISTIDINE                                                          ? 'C6 H10 N3 O2 1'  156.162 
HOH non-polymer         . WATER                                                              ? 'H2 O'            18.015  
ILE 'L-peptide linking' y ISOLEUCINE                                                         ? 'C6 H13 N O2'     131.173 
LEU 'L-peptide linking' y LEUCINE                                                            ? 'C6 H13 N O2'     131.173 
LYS 'L-peptide linking' y LYSINE                                                             ? 'C6 H15 N2 O2 1'  147.195 
MET 'L-peptide linking' y METHIONINE                                                         ? 'C5 H11 N O2 S'   149.211 
PHE 'L-peptide linking' y PHENYLALANINE                                                      ? 'C9 H11 N O2'     165.189 
PRO 'L-peptide linking' y PROLINE                                                            ? 'C5 H9 N O2'      115.130 
SER 'L-peptide linking' y SERINE                                                             ? 'C3 H7 N O3'      105.093 
THR 'L-peptide linking' y THREONINE                                                          ? 'C4 H9 N O3'      119.119 
TRP 'L-peptide linking' y TRYPTOPHAN                                                         ? 'C11 H12 N2 O2'   204.225 
TYR 'L-peptide linking' y TYROSINE                                                           ? 'C9 H11 N O3'     181.189 
VAL 'L-peptide linking' y VALINE                                                             ? 'C5 H11 N O2'     117.146 
ZPB non-polymer         . 'N-(propan-2-yl)-4-(thiophene-2-carbonyl)piperazine-1-carboxamide' ? 'C13 H19 N3 O2 S' 281.374 
# 
loop_
_pdbx_poly_seq_scheme.asym_id 
_pdbx_poly_seq_scheme.entity_id 
_pdbx_poly_seq_scheme.seq_id 
_pdbx_poly_seq_scheme.mon_id 
_pdbx_poly_seq_scheme.ndb_seq_num 
_pdbx_poly_seq_scheme.pdb_seq_num 
_pdbx_poly_seq_scheme.auth_seq_num 
_pdbx_poly_seq_scheme.pdb_mon_id 
_pdbx_poly_seq_scheme.auth_mon_id 
_pdbx_poly_seq_scheme.pdb_strand_id 
_pdbx_poly_seq_scheme.pdb_ins_code 
_pdbx_poly_seq_scheme.hetero 
A 1 1   MET 1   1292 ?    ?   ?   A . n 
A 1 2   HIS 2   1293 ?    ?   ?   A . n 
A 1 3   HIS 3   1294 ?    ?   ?   A . n 
A 1 4   HIS 4   1295 ?    ?   ?   A . n 
A 1 5   HIS 5   1296 ?    ?   ?   A . n 
A 1 6   HIS 6   1297 ?    ?   ?   A . n 
A 1 7   HIS 7   1298 ?    ?   ?   A . n 
A 1 8   SER 8   1299 ?    ?   ?   A . n 
A 1 9   SER 9   1300 ?    ?   ?   A . n 
A 1 10  GLY 10  1301 ?    ?   ?   A . n 
A 1 11  VAL 11  1302 ?    ?   ?   A . n 
A 1 12  ASP 12  1303 ?    ?   ?   A . n 
A 1 13  LEU 13  1304 ?    ?   ?   A . n 
A 1 14  GLY 14  1305 ?    ?   ?   A . n 
A 1 15  THR 15  1306 ?    ?   ?   A . n 
A 1 16  GLU 16  1307 ?    ?   ?   A . n 
A 1 17  ASN 17  1308 ?    ?   ?   A . n 
A 1 18  LEU 18  1309 ?    ?   ?   A . n 
A 1 19  TYR 19  1310 ?    ?   ?   A . n 
A 1 20  PHE 20  1311 ?    ?   ?   A . n 
A 1 21  GLN 21  1312 ?    ?   ?   A . n 
A 1 22  SER 22  1313 ?    ?   ?   A . n 
A 1 23  MET 23  1314 ?    ?   ?   A . n 
A 1 24  SER 24  1315 1315 SER SER A . n 
A 1 25  TYR 25  1316 1316 TYR TYR A . n 
A 1 26  ASP 26  1317 1317 ASP ASP A . n 
A 1 27  ILE 27  1318 1318 ILE ILE A . n 
A 1 28  GLN 28  1319 1319 GLN GLN A . n 
A 1 29  ALA 29  1320 1320 ALA ALA A . n 
A 1 30  TRP 30  1321 1321 TRP TRP A . n 
A 1 31  LYS 31  1322 1322 LYS LYS A . n 
A 1 32  LYS 32  1323 1323 LYS LYS A . n 
A 1 33  GLN 33  1324 1324 GLN GLN A . n 
A 1 34  CYS 34  1325 1325 CYS CYS A . n 
A 1 35  GLU 35  1326 1326 GLU GLU A . n 
A 1 36  GLU 36  1327 1327 GLU GLU A . n 
A 1 37  LEU 37  1328 1328 LEU LEU A . n 
A 1 38  LEU 38  1329 1329 LEU LEU A . n 
A 1 39  ASN 39  1330 1330 ASN ASN A . n 
A 1 40  LEU 40  1331 1331 LEU LEU A . n 
A 1 41  ILE 41  1332 1332 ILE ILE A . n 
A 1 42  PHE 42  1333 1333 PHE PHE A . n 
A 1 43  GLN 43  1334 1334 GLN GLN A . n 
A 1 44  CYS 44  1335 1335 CYS CYS A . n 
A 1 45  GLU 45  1336 1336 GLU GLU A . n 
A 1 46  ASP 46  1337 1337 ASP ASP A . n 
A 1 47  SER 47  1338 1338 SER SER A . n 
A 1 48  GLU 48  1339 1339 GLU GLU A . n 
A 1 49  PRO 49  1340 1340 PRO PRO A . n 
A 1 50  PHE 50  1341 1341 PHE PHE A . n 
A 1 51  ARG 51  1342 1342 ARG ARG A . n 
A 1 52  GLN 52  1343 1343 GLN GLN A . n 
A 1 53  PRO 53  1344 1344 PRO PRO A . n 
A 1 54  VAL 54  1345 1345 VAL VAL A . n 
A 1 55  ASP 55  1346 1346 ASP ASP A . n 
A 1 56  LEU 56  1347 1347 LEU LEU A . n 
A 1 57  LEU 57  1348 1348 LEU LEU A . n 
A 1 58  GLU 58  1349 1349 GLU GLU A . n 
A 1 59  TYR 59  1350 1350 TYR TYR A . n 
A 1 60  PRO 60  1351 1351 PRO PRO A . n 
A 1 61  ASP 61  1352 1352 ASP ASP A . n 
A 1 62  TYR 62  1353 1353 TYR TYR A . n 
A 1 63  ARG 63  1354 1354 ARG ARG A . n 
A 1 64  ASP 64  1355 1355 ASP ASP A . n 
A 1 65  ILE 65  1356 1356 ILE ILE A . n 
A 1 66  ILE 66  1357 1357 ILE ILE A . n 
A 1 67  ASP 67  1358 1358 ASP ASP A . n 
A 1 68  THR 68  1359 1359 THR THR A . n 
A 1 69  PRO 69  1360 1360 PRO PRO A . n 
A 1 70  MET 70  1361 1361 MET MET A . n 
A 1 71  ASP 71  1362 1362 ASP ASP A . n 
A 1 72  PHE 72  1363 1363 PHE PHE A . n 
A 1 73  ALA 73  1364 1364 ALA ALA A . n 
A 1 74  THR 74  1365 1365 THR THR A . n 
A 1 75  VAL 75  1366 1366 VAL VAL A . n 
A 1 76  ARG 76  1367 1367 ARG ARG A . n 
A 1 77  GLU 77  1368 1368 GLU GLU A . n 
A 1 78  THR 78  1369 1369 THR THR A . n 
A 1 79  LEU 79  1370 1370 LEU LEU A . n 
A 1 80  GLU 80  1371 1371 GLU GLU A . n 
A 1 81  ALA 81  1372 1372 ALA ALA A . n 
A 1 82  GLY 82  1373 1373 GLY GLY A . n 
A 1 83  ASN 83  1374 1374 ASN ASN A . n 
A 1 84  TYR 84  1375 1375 TYR TYR A . n 
A 1 85  GLU 85  1376 1376 GLU GLU A . n 
A 1 86  SER 86  1377 1377 SER SER A . n 
A 1 87  PRO 87  1378 1378 PRO PRO A . n 
A 1 88  MET 88  1379 1379 MET MET A . n 
A 1 89  GLU 89  1380 1380 GLU GLU A . n 
A 1 90  LEU 90  1381 1381 LEU LEU A . n 
A 1 91  CYS 91  1382 1382 CYS CYS A . n 
A 1 92  LYS 92  1383 1383 LYS LYS A . n 
A 1 93  ASP 93  1384 1384 ASP ASP A . n 
A 1 94  VAL 94  1385 1385 VAL VAL A . n 
A 1 95  ARG 95  1386 1386 ARG ARG A . n 
A 1 96  LEU 96  1387 1387 LEU LEU A . n 
A 1 97  ILE 97  1388 1388 ILE ILE A . n 
A 1 98  PHE 98  1389 1389 PHE PHE A . n 
A 1 99  SER 99  1390 1390 SER SER A . n 
A 1 100 ASN 100 1391 1391 ASN ASN A . n 
A 1 101 SER 101 1392 1392 SER SER A . n 
A 1 102 LYS 102 1393 1393 LYS LYS A . n 
A 1 103 ALA 103 1394 1394 ALA ALA A . n 
A 1 104 TYR 104 1395 1395 TYR TYR A . n 
A 1 105 THR 105 1396 1396 THR THR A . n 
A 1 106 PRO 106 1397 1397 PRO PRO A . n 
A 1 107 SER 107 1398 1398 SER SER A . n 
A 1 108 LYS 108 1399 1399 LYS LYS A . n 
A 1 109 ARG 109 1400 1400 ARG ARG A . n 
A 1 110 SER 110 1401 1401 SER SER A . n 
A 1 111 ARG 111 1402 1402 ARG ARG A . n 
A 1 112 ILE 112 1403 1403 ILE ILE A . n 
A 1 113 TYR 113 1404 1404 TYR TYR A . n 
A 1 114 SER 114 1405 1405 SER SER A . n 
A 1 115 MET 115 1406 1406 MET MET A . n 
A 1 116 SER 116 1407 1407 SER SER A . n 
A 1 117 LEU 117 1408 1408 LEU LEU A . n 
A 1 118 ARG 118 1409 1409 ARG ARG A . n 
A 1 119 LEU 119 1410 1410 LEU LEU A . n 
A 1 120 SER 120 1411 1411 SER SER A . n 
A 1 121 ALA 121 1412 1412 ALA ALA A . n 
A 1 122 PHE 122 1413 1413 PHE PHE A . n 
A 1 123 PHE 123 1414 1414 PHE PHE A . n 
A 1 124 GLU 124 1415 1415 GLU GLU A . n 
A 1 125 GLU 125 1416 1416 GLU GLU A . n 
A 1 126 HIS 126 1417 1417 HIS HIS A . n 
A 1 127 ILE 127 1418 1418 ILE ILE A . n 
A 1 128 SER 128 1419 1419 SER SER A . n 
A 1 129 SER 129 1420 1420 SER SER A . n 
A 1 130 VAL 130 1421 1421 VAL VAL A . n 
A 1 131 LEU 131 1422 1422 LEU LEU A . n 
A 1 132 SER 132 1423 1423 SER SER A . n 
A 1 133 ASP 133 1424 1424 ASP ASP A . n 
A 1 134 TYR 134 1425 1425 TYR TYR A . n 
A 1 135 LYS 135 1426 1426 LYS LYS A . n 
A 1 136 SER 136 1427 1427 SER SER A . n 
A 1 137 ALA 137 1428 1428 ALA ALA A . n 
A 1 138 LEU 138 1429 1429 LEU LEU A . n 
A 1 139 ARG 139 1430 1430 ARG ARG A . n 
A 1 140 PHE 140 1431 1431 PHE PHE A . n 
A 1 141 HIS 141 1432 1432 HIS HIS A . n 
A 1 142 LYS 142 1433 1433 LYS LYS A . n 
A 1 143 ARG 143 1434 1434 ARG ARG A . n 
A 1 144 ASN 144 1435 1435 ASN ASN A . n 
A 1 145 THR 145 1436 ?    ?   ?   A . n 
A 1 146 ILE 146 1437 ?    ?   ?   A . n 
A 1 147 THR 147 1438 ?    ?   ?   A . n 
A 1 148 LYS 148 1439 ?    ?   ?   A . n 
A 1 149 ARG 149 1440 ?    ?   ?   A . n 
# 
loop_
_pdbx_nonpoly_scheme.asym_id 
_pdbx_nonpoly_scheme.entity_id 
_pdbx_nonpoly_scheme.mon_id 
_pdbx_nonpoly_scheme.ndb_seq_num 
_pdbx_nonpoly_scheme.pdb_seq_num 
_pdbx_nonpoly_scheme.auth_seq_num 
_pdbx_nonpoly_scheme.pdb_mon_id 
_pdbx_nonpoly_scheme.auth_mon_id 
_pdbx_nonpoly_scheme.pdb_strand_id 
_pdbx_nonpoly_scheme.pdb_ins_code 
B 2 ZPB 1   1901 1901 ZPB LIG A . 
C 3 HOH 1   2001 22   HOH HOH A . 
C 3 HOH 2   2002 31   HOH HOH A . 
C 3 HOH 3   2003 30   HOH HOH A . 
C 3 HOH 4   2004 1771 HOH HOH A . 
C 3 HOH 5   2005 1653 HOH HOH A . 
C 3 HOH 6   2006 1614 HOH HOH A . 
C 3 HOH 7   2007 20   HOH HOH A . 
C 3 HOH 8   2008 1648 HOH HOH A . 
C 3 HOH 9   2009 1624 HOH HOH A . 
C 3 HOH 10  2010 1739 HOH HOH A . 
C 3 HOH 11  2011 4    HOH HOH A . 
C 3 HOH 12  2012 1665 HOH HOH A . 
C 3 HOH 13  2013 1610 HOH HOH A . 
C 3 HOH 14  2014 1692 HOH HOH A . 
C 3 HOH 15  2015 1608 HOH HOH A . 
C 3 HOH 16  2016 1609 HOH HOH A . 
C 3 HOH 17  2017 21   HOH HOH A . 
C 3 HOH 18  2018 1602 HOH HOH A . 
C 3 HOH 19  2019 25   HOH HOH A . 
C 3 HOH 20  2020 1712 HOH HOH A . 
C 3 HOH 21  2021 1622 HOH HOH A . 
C 3 HOH 22  2022 1732 HOH HOH A . 
C 3 HOH 23  2023 1603 HOH HOH A . 
C 3 HOH 24  2024 1629 HOH HOH A . 
C 3 HOH 25  2025 1757 HOH HOH A . 
C 3 HOH 26  2026 1620 HOH HOH A . 
C 3 HOH 27  2027 1616 HOH HOH A . 
C 3 HOH 28  2028 1605 HOH HOH A . 
C 3 HOH 29  2029 1633 HOH HOH A . 
C 3 HOH 30  2030 7    HOH HOH A . 
C 3 HOH 31  2031 1627 HOH HOH A . 
C 3 HOH 32  2032 1638 HOH HOH A . 
C 3 HOH 33  2033 1718 HOH HOH A . 
C 3 HOH 34  2034 1676 HOH HOH A . 
C 3 HOH 35  2035 1678 HOH HOH A . 
C 3 HOH 36  2036 1625 HOH HOH A . 
C 3 HOH 37  2037 1626 HOH HOH A . 
C 3 HOH 38  2038 1655 HOH HOH A . 
C 3 HOH 39  2039 1634 HOH HOH A . 
C 3 HOH 40  2040 1612 HOH HOH A . 
C 3 HOH 41  2041 1615 HOH HOH A . 
C 3 HOH 42  2042 1644 HOH HOH A . 
C 3 HOH 43  2043 1632 HOH HOH A . 
C 3 HOH 44  2044 1607 HOH HOH A . 
C 3 HOH 45  2045 1613 HOH HOH A . 
C 3 HOH 46  2046 1663 HOH HOH A . 
C 3 HOH 47  2047 1628 HOH HOH A . 
C 3 HOH 48  2048 1658 HOH HOH A . 
C 3 HOH 49  2049 1617 HOH HOH A . 
C 3 HOH 50  2050 1660 HOH HOH A . 
C 3 HOH 51  2051 1649 HOH HOH A . 
C 3 HOH 52  2052 1623 HOH HOH A . 
C 3 HOH 53  2053 1673 HOH HOH A . 
C 3 HOH 54  2054 1645 HOH HOH A . 
C 3 HOH 55  2055 1747 HOH HOH A . 
C 3 HOH 56  2056 1664 HOH HOH A . 
C 3 HOH 57  2057 1674 HOH HOH A . 
C 3 HOH 58  2058 1619 HOH HOH A . 
C 3 HOH 59  2059 1677 HOH HOH A . 
C 3 HOH 60  2060 33   HOH HOH A . 
C 3 HOH 61  2061 1630 HOH HOH A . 
C 3 HOH 62  2062 1672 HOH HOH A . 
C 3 HOH 63  2063 1680 HOH HOH A . 
C 3 HOH 64  2064 1666 HOH HOH A . 
C 3 HOH 65  2065 1699 HOH HOH A . 
C 3 HOH 66  2066 1646 HOH HOH A . 
C 3 HOH 67  2067 29   HOH HOH A . 
C 3 HOH 68  2068 1690 HOH HOH A . 
C 3 HOH 69  2069 1693 HOH HOH A . 
C 3 HOH 70  2070 1668 HOH HOH A . 
C 3 HOH 71  2071 1687 HOH HOH A . 
C 3 HOH 72  2072 1683 HOH HOH A . 
C 3 HOH 73  2073 1650 HOH HOH A . 
C 3 HOH 74  2074 27   HOH HOH A . 
C 3 HOH 75  2075 1640 HOH HOH A . 
C 3 HOH 76  2076 24   HOH HOH A . 
C 3 HOH 77  2077 1675 HOH HOH A . 
C 3 HOH 78  2078 1714 HOH HOH A . 
C 3 HOH 79  2079 1701 HOH HOH A . 
C 3 HOH 80  2080 1733 HOH HOH A . 
C 3 HOH 81  2081 1671 HOH HOH A . 
C 3 HOH 82  2082 1681 HOH HOH A . 
C 3 HOH 83  2083 13   HOH HOH A . 
C 3 HOH 84  2084 1728 HOH HOH A . 
C 3 HOH 85  2085 26   HOH HOH A . 
C 3 HOH 86  2086 1643 HOH HOH A . 
C 3 HOH 87  2087 1662 HOH HOH A . 
C 3 HOH 88  2088 1652 HOH HOH A . 
C 3 HOH 89  2089 1750 HOH HOH A . 
C 3 HOH 90  2090 1689 HOH HOH A . 
C 3 HOH 91  2091 1694 HOH HOH A . 
C 3 HOH 92  2092 19   HOH HOH A . 
C 3 HOH 93  2093 1606 HOH HOH A . 
C 3 HOH 94  2094 1651 HOH HOH A . 
C 3 HOH 95  2095 1688 HOH HOH A . 
C 3 HOH 96  2096 1725 HOH HOH A . 
C 3 HOH 97  2097 1621 HOH HOH A . 
C 3 HOH 98  2098 1637 HOH HOH A . 
C 3 HOH 99  2099 1721 HOH HOH A . 
C 3 HOH 100 2100 1686 HOH HOH A . 
C 3 HOH 101 2101 1711 HOH HOH A . 
C 3 HOH 102 2102 1682 HOH HOH A . 
C 3 HOH 103 2103 1700 HOH HOH A . 
C 3 HOH 104 2104 1685 HOH HOH A . 
C 3 HOH 105 2105 1661 HOH HOH A . 
C 3 HOH 106 2106 1669 HOH HOH A . 
C 3 HOH 107 2107 1601 HOH HOH A . 
C 3 HOH 108 2108 1706 HOH HOH A . 
C 3 HOH 109 2109 1708 HOH HOH A . 
C 3 HOH 110 2110 1741 HOH HOH A . 
C 3 HOH 111 2111 1704 HOH HOH A . 
C 3 HOH 112 2112 10   HOH HOH A . 
C 3 HOH 113 2113 1667 HOH HOH A . 
C 3 HOH 114 2114 1719 HOH HOH A . 
C 3 HOH 115 2115 1737 HOH HOH A . 
C 3 HOH 116 2116 1727 HOH HOH A . 
C 3 HOH 117 2117 1713 HOH HOH A . 
C 3 HOH 118 2118 1702 HOH HOH A . 
C 3 HOH 119 2119 1735 HOH HOH A . 
C 3 HOH 120 2120 1738 HOH HOH A . 
C 3 HOH 121 2121 1697 HOH HOH A . 
C 3 HOH 122 2122 1716 HOH HOH A . 
C 3 HOH 123 2123 32   HOH HOH A . 
C 3 HOH 124 2124 1715 HOH HOH A . 
C 3 HOH 125 2125 1767 HOH HOH A . 
C 3 HOH 126 2126 1611 HOH HOH A . 
C 3 HOH 127 2127 1720 HOH HOH A . 
C 3 HOH 128 2128 9    HOH HOH A . 
C 3 HOH 129 2129 1724 HOH HOH A . 
C 3 HOH 130 2130 1740 HOH HOH A . 
C 3 HOH 131 2131 1736 HOH HOH A . 
C 3 HOH 132 2132 1641 HOH HOH A . 
C 3 HOH 133 2133 1710 HOH HOH A . 
C 3 HOH 134 2134 1729 HOH HOH A . 
C 3 HOH 135 2135 1684 HOH HOH A . 
C 3 HOH 136 2136 1801 HOH HOH A . 
C 3 HOH 137 2137 1726 HOH HOH A . 
C 3 HOH 138 2138 1744 HOH HOH A . 
C 3 HOH 139 2139 1734 HOH HOH A . 
C 3 HOH 140 2140 1730 HOH HOH A . 
C 3 HOH 141 2141 1723 HOH HOH A . 
C 3 HOH 142 2142 1656 HOH HOH A . 
C 3 HOH 143 2143 1695 HOH HOH A . 
C 3 HOH 144 2144 1722 HOH HOH A . 
C 3 HOH 145 2145 1746 HOH HOH A . 
C 3 HOH 146 2146 12   HOH HOH A . 
C 3 HOH 147 2147 1679 HOH HOH A . 
C 3 HOH 148 2148 1709 HOH HOH A . 
C 3 HOH 149 2149 1703 HOH HOH A . 
C 3 HOH 150 2150 1754 HOH HOH A . 
C 3 HOH 151 2151 1752 HOH HOH A . 
C 3 HOH 152 2152 35   HOH HOH A . 
C 3 HOH 153 2153 1795 HOH HOH A . 
C 3 HOH 154 2154 1745 HOH HOH A . 
C 3 HOH 155 2155 37   HOH HOH A . 
C 3 HOH 156 2156 1751 HOH HOH A . 
C 3 HOH 157 2157 1642 HOH HOH A . 
C 3 HOH 158 2158 1753 HOH HOH A . 
C 3 HOH 159 2159 1759 HOH HOH A . 
C 3 HOH 160 2160 1755 HOH HOH A . 
C 3 HOH 161 2161 1763 HOH HOH A . 
C 3 HOH 162 2162 1766 HOH HOH A . 
C 3 HOH 163 2163 1770 HOH HOH A . 
C 3 HOH 164 2164 14   HOH HOH A . 
C 3 HOH 165 2165 1794 HOH HOH A . 
C 3 HOH 166 2166 1742 HOH HOH A . 
C 3 HOH 167 2167 1731 HOH HOH A . 
C 3 HOH 168 2168 11   HOH HOH A . 
C 3 HOH 169 2169 1758 HOH HOH A . 
C 3 HOH 170 2170 1769 HOH HOH A . 
C 3 HOH 171 2171 1762 HOH HOH A . 
C 3 HOH 172 2172 1784 HOH HOH A . 
C 3 HOH 173 2173 1765 HOH HOH A . 
C 3 HOH 174 2174 1783 HOH HOH A . 
C 3 HOH 175 2175 18   HOH HOH A . 
C 3 HOH 176 2176 1743 HOH HOH A . 
C 3 HOH 177 2177 36   HOH HOH A . 
C 3 HOH 178 2178 1779 HOH HOH A . 
C 3 HOH 179 2179 1760 HOH HOH A . 
C 3 HOH 180 2180 1796 HOH HOH A . 
C 3 HOH 181 2181 1764 HOH HOH A . 
C 3 HOH 182 2182 1777 HOH HOH A . 
C 3 HOH 183 2183 1774 HOH HOH A . 
C 3 HOH 184 2184 1786 HOH HOH A . 
C 3 HOH 185 2185 1775 HOH HOH A . 
C 3 HOH 186 2186 1781 HOH HOH A . 
C 3 HOH 187 2187 1778 HOH HOH A . 
C 3 HOH 188 2188 1780 HOH HOH A . 
C 3 HOH 189 2189 1785 HOH HOH A . 
C 3 HOH 190 2190 1782 HOH HOH A . 
C 3 HOH 191 2191 5    HOH HOH A . 
C 3 HOH 192 2192 17   HOH HOH A . 
C 3 HOH 193 2193 28   HOH HOH A . 
C 3 HOH 194 2194 1776 HOH HOH A . 
C 3 HOH 195 2195 1768 HOH HOH A . 
C 3 HOH 196 2196 23   HOH HOH A . 
C 3 HOH 197 2197 1787 HOH HOH A . 
C 3 HOH 198 2198 1791 HOH HOH A . 
C 3 HOH 199 2199 1789 HOH HOH A . 
C 3 HOH 200 2200 1790 HOH HOH A . 
C 3 HOH 201 2201 1798 HOH HOH A . 
C 3 HOH 202 2202 1792 HOH HOH A . 
C 3 HOH 203 2203 1793 HOH HOH A . 
C 3 HOH 204 2204 34   HOH HOH A . 
C 3 HOH 205 2205 16   HOH HOH A . 
C 3 HOH 206 2206 15   HOH HOH A . 
C 3 HOH 207 2207 1797 HOH HOH A . 
C 3 HOH 208 2208 1799 HOH HOH A . 
C 3 HOH 209 2209 1800 HOH HOH A . 
# 
loop_
_pdbx_unobs_or_zero_occ_atoms.id 
_pdbx_unobs_or_zero_occ_atoms.PDB_model_num 
_pdbx_unobs_or_zero_occ_atoms.polymer_flag 
_pdbx_unobs_or_zero_occ_atoms.occupancy_flag 
_pdbx_unobs_or_zero_occ_atoms.auth_asym_id 
_pdbx_unobs_or_zero_occ_atoms.auth_comp_id 
_pdbx_unobs_or_zero_occ_atoms.auth_seq_id 
_pdbx_unobs_or_zero_occ_atoms.PDB_ins_code 
_pdbx_unobs_or_zero_occ_atoms.auth_atom_id 
_pdbx_unobs_or_zero_occ_atoms.label_alt_id 
_pdbx_unobs_or_zero_occ_atoms.label_asym_id 
_pdbx_unobs_or_zero_occ_atoms.label_comp_id 
_pdbx_unobs_or_zero_occ_atoms.label_seq_id 
_pdbx_unobs_or_zero_occ_atoms.label_atom_id 
1 1 Y 1 A GLN 1334 ? CD  ? A GLN 43 CD  
2 1 Y 1 A GLN 1334 ? OE1 ? A GLN 43 OE1 
3 1 Y 1 A GLN 1334 ? NE2 ? A GLN 43 NE2 
# 
loop_
_software.pdbx_ordinal 
_software.name 
_software.version 
_software.date 
_software.type 
_software.contact_author 
_software.contact_author_email 
_software.classification 
_software.location 
_software.language 
_software.citation_id 
1 REFMAC      5.8.0267 ?               program 'Garib N. Murshudov' garib@ysbl.york.ac.uk    refinement        
http://www.ccp4.ac.uk/dist/html/refmac5.html        Fortran_77 ? 
2 Aimless     0.7.7    23/04/21        program 'Phil Evans'         ?                        'data scaling'    
http://www.mrc-lmb.cam.ac.uk/harry/pre/aimless.html ?          ? 
3 PDB_EXTRACT 3.23     'SEP. 23, 2016' package PDB                  deposit@deposit.rcsb.org 'data extraction' 
http://sw-tools.pdb.org/apps/PDB_EXTRACT/           C++        ? 
4 XDS         .        ?               program ?                    ?                        'data reduction'  ? ?          ? 
5 REFMAC      .        ?               program ?                    ?                        phasing           ? ?          ? 
# 
_cell.entry_id           7FVN 
_cell.length_a           82.019 
_cell.length_b           27.387 
_cell.length_c           56.312 
_cell.angle_alpha        90.000 
_cell.angle_beta         99.840 
_cell.angle_gamma        90.000 
_cell.Z_PDB              4 
_cell.pdbx_unique_axis   ? 
# 
_symmetry.entry_id                         7FVN 
_symmetry.space_group_name_H-M             'C 1 2 1' 
_symmetry.pdbx_full_space_group_name_H-M   ? 
_symmetry.cell_setting                     ? 
_symmetry.Int_Tables_number                5 
# 
_exptl.crystals_number   1 
_exptl.entry_id          7FVN 
_exptl.method            'X-RAY DIFFRACTION' 
# 
_exptl_crystal.id                    1 
_exptl_crystal.pdbx_mosaicity        0.000 
_exptl_crystal.pdbx_mosaicity_esd    ? 
_exptl_crystal.density_Matthews      1.77 
_exptl_crystal.density_diffrn        ? 
_exptl_crystal.density_meas          ? 
_exptl_crystal.density_meas_temp     ? 
_exptl_crystal.density_percent_sol   30.41 
_exptl_crystal.size_max              ? 
_exptl_crystal.size_mid              ? 
_exptl_crystal.size_min              ? 
_exptl_crystal.size_rad              ? 
_exptl_crystal.description           ? 
# 
_exptl_crystal_grow.crystal_id      1 
_exptl_crystal_grow.method          'VAPOR DIFFUSION, SITTING DROP' 
_exptl_crystal_grow.pH              5.6 
_exptl_crystal_grow.temp            277 
_exptl_crystal_grow.pdbx_details    '20% PEG 8000, 0.04M potassium phosphate' 
_exptl_crystal_grow.temp_details    ? 
_exptl_crystal_grow.pdbx_pH_range   ? 
# 
_diffrn.id                     1 
_diffrn.ambient_temp           100 
_diffrn.crystal_id             1 
_diffrn.ambient_temp_details   ? 
# 
_diffrn_detector.detector               PIXEL 
_diffrn_detector.type                   'DECTRIS PILATUS 6M' 
_diffrn_detector.pdbx_collection_date   2022-09-24 
_diffrn_detector.diffrn_id              1 
_diffrn_detector.details                ? 
# 
_diffrn_radiation.diffrn_id                        1 
_diffrn_radiation.wavelength_id                    1 
_diffrn_radiation.pdbx_diffrn_protocol             'SINGLE WAVELENGTH' 
_diffrn_radiation.pdbx_monochromatic_or_laue_m_l   ? 
_diffrn_radiation.monochromator                    ? 
_diffrn_radiation.pdbx_scattering_type             x-ray 
# 
_diffrn_radiation_wavelength.id           1 
_diffrn_radiation_wavelength.wavelength   0.92124 
_diffrn_radiation_wavelength.wt           1.0 
# 
_diffrn_source.diffrn_id                   1 
_diffrn_source.source                      SYNCHROTRON 
_diffrn_source.type                        'DIAMOND BEAMLINE I04-1' 
_diffrn_source.pdbx_wavelength_list        0.92124 
_diffrn_source.pdbx_synchrotron_site       Diamond 
_diffrn_source.pdbx_synchrotron_beamline   I04-1 
_diffrn_source.pdbx_wavelength             ? 
# 
_reflns.entry_id                     7FVN 
_reflns.pdbx_diffrn_id               1 
_reflns.pdbx_ordinal                 1 
_reflns.observed_criterion_sigma_I   ? 
_reflns.observed_criterion_sigma_F   ? 
_reflns.d_resolution_low             55.510 
_reflns.d_resolution_high            1.150 
_reflns.number_obs                   31749 
_reflns.number_all                   ? 
_reflns.percent_possible_obs         71.900 
_reflns.pdbx_Rmerge_I_obs            0.050 
_reflns.pdbx_Rsym_value              ? 
_reflns.pdbx_netI_over_sigmaI        19.800 
_reflns.B_iso_Wilson_estimate        ? 
_reflns.pdbx_redundancy              5.500 
_reflns.pdbx_Rrim_I_all              0.056 
_reflns.pdbx_Rpim_I_all              0.023 
_reflns.pdbx_CC_half                 0.980 
_reflns.pdbx_netI_over_av_sigmaI     ? 
_reflns.pdbx_number_measured_all     173876 
_reflns.pdbx_scaling_rejects         0 
_reflns.pdbx_chi_squared             ? 
_reflns.Rmerge_F_all                 ? 
_reflns.Rmerge_F_obs                 ? 
_reflns.observed_criterion_F_max     ? 
_reflns.observed_criterion_F_min     ? 
_reflns.observed_criterion_I_max     ? 
_reflns.observed_criterion_I_min     ? 
_reflns.pdbx_d_res_high_opt          ? 
_reflns.pdbx_d_res_low_opt           ? 
_reflns.details                      ? 
# 
loop_
_reflns_shell.pdbx_diffrn_id 
_reflns_shell.pdbx_ordinal 
_reflns_shell.d_res_high 
_reflns_shell.d_res_low 
_reflns_shell.number_measured_obs 
_reflns_shell.number_measured_all 
_reflns_shell.number_unique_obs 
_reflns_shell.pdbx_rejects 
_reflns_shell.Rmerge_I_obs 
_reflns_shell.meanI_over_sigI_obs 
_reflns_shell.pdbx_Rsym_value 
_reflns_shell.pdbx_chi_squared 
_reflns_shell.pdbx_redundancy 
_reflns_shell.percent_possible_obs 
_reflns_shell.pdbx_netI_over_sigmaI_obs 
_reflns_shell.number_possible 
_reflns_shell.number_unique_all 
_reflns_shell.Rmerge_F_all 
_reflns_shell.Rmerge_F_obs 
_reflns_shell.Rmerge_I_all 
_reflns_shell.meanI_over_sigI_all 
_reflns_shell.percent_possible_all 
_reflns_shell.pdbx_Rrim_I_all 
_reflns_shell.pdbx_Rpim_I_all 
_reflns_shell.pdbx_CC_half 
1 1 1.150 1.170  ? 138  ? ? 0.243 ? ? ? 1.000 ? 0.400  ? 133 ? ? ? ? 5.900  0.343 0.243 0.990 
1 2 6.200 55.510 ? 1936 ? ? 0.047 ? ? ? 6.000 ? 58.400 ? 323 ? ? ? ? 99.800 0.052 0.022 0.995 
# 
_refine.entry_id                                 7FVN 
_refine.pdbx_refine_id                           'X-RAY DIFFRACTION' 
_refine.ls_d_res_high                            1.1500 
_refine.ls_d_res_low                             55.4800 
_refine.pdbx_ls_sigma_F                          0.000 
_refine.pdbx_data_cutoff_high_absF               ? 
_refine.pdbx_data_cutoff_low_absF                ? 
_refine.ls_percent_reflns_obs                    71.4900 
_refine.ls_number_reflns_obs                     30041 
_refine.ls_number_reflns_all                     ? 
_refine.pdbx_ls_cross_valid_method               THROUGHOUT 
_refine.ls_matrix_type                           ? 
_refine.pdbx_R_Free_selection_details            RANDOM 
_refine.details                                  
'HYDROGENS HAVE BEEN ADDED IN THE RIDING POSITIONS U VALUES      : REFINED INDIVIDUALLY' 
_refine.ls_R_factor_all                          ? 
_refine.ls_R_factor_obs                          0.1714 
_refine.ls_R_factor_R_work                       0.1701 
_refine.ls_wR_factor_R_work                      ? 
_refine.ls_R_factor_R_free                       0.1948 
_refine.ls_wR_factor_R_free                      ? 
_refine.ls_percent_reflns_R_free                 5.1000 
_refine.ls_number_reflns_R_free                  1600 
_refine.ls_number_reflns_R_work                  ? 
_refine.ls_R_factor_R_free_error                 ? 
_refine.B_iso_mean                               21.0090 
_refine.solvent_model_param_bsol                 ? 
_refine.solvent_model_param_ksol                 ? 
_refine.pdbx_isotropic_thermal_model             ? 
_refine.aniso_B[1][1]                            -0.0300 
_refine.aniso_B[2][2]                            1.0400 
_refine.aniso_B[3][3]                            -1.0600 
_refine.aniso_B[1][2]                            -0.0000 
_refine.aniso_B[1][3]                            0.3400 
_refine.aniso_B[2][3]                            0.0000 
_refine.correlation_coeff_Fo_to_Fc               0.9700 
_refine.correlation_coeff_Fo_to_Fc_free          0.9620 
_refine.overall_SU_R_Cruickshank_DPI             ? 
_refine.pdbx_overall_SU_R_free_Cruickshank_DPI   ? 
_refine.pdbx_overall_SU_R_Blow_DPI               ? 
_refine.pdbx_overall_SU_R_free_Blow_DPI          ? 
_refine.overall_SU_R_free                        ? 
_refine.pdbx_overall_ESU_R                       0.0820 
_refine.pdbx_overall_ESU_R_Free                  0.0750 
_refine.overall_SU_ML                            0.0630 
_refine.overall_SU_B                             1.4990 
_refine.solvent_model_details                    MASK 
_refine.pdbx_solvent_vdw_probe_radii             1.2000 
_refine.pdbx_solvent_ion_probe_radii             0.8000 
_refine.pdbx_solvent_shrinkage_radii             0.8000 
_refine.ls_number_parameters                     ? 
_refine.ls_number_restraints                     ? 
_refine.pdbx_starting_model                      7av9 
_refine.pdbx_method_to_determine_struct          'FOURIER SYNTHESIS' 
_refine.pdbx_stereochemistry_target_values       'MAXIMUM LIKELIHOOD' 
_refine.pdbx_stereochem_target_val_spec_case     ? 
_refine.overall_FOM_work_R_set                   ? 
_refine.B_iso_max                                258.130 
_refine.B_iso_min                                11.180 
_refine.pdbx_overall_phase_error                 ? 
_refine.occupancy_max                            ? 
_refine.occupancy_min                            ? 
_refine.pdbx_diffrn_id                           1 
_refine.pdbx_TLS_residual_ADP_flag               ? 
_refine.pdbx_ls_sigma_I                          ? 
_refine.pdbx_data_cutoff_high_rms_absF           ? 
_refine.ls_R_factor_R_free_error_details         ? 
# 
_refine_hist.cycle_id                         final 
_refine_hist.pdbx_refine_id                   'X-RAY DIFFRACTION' 
_refine_hist.d_res_high                       1.1500 
_refine_hist.d_res_low                        55.4800 
_refine_hist.pdbx_number_atoms_ligand         19 
_refine_hist.number_atoms_solvent             209 
_refine_hist.number_atoms_total               1231 
_refine_hist.pdbx_number_residues_total       121 
_refine_hist.pdbx_B_iso_mean_ligand           32.73 
_refine_hist.pdbx_B_iso_mean_solvent          31.72 
_refine_hist.pdbx_number_atoms_protein        1003 
_refine_hist.pdbx_number_atoms_nucleic_acid   0 
# 
loop_
_refine_ls_restr.pdbx_refine_id 
_refine_ls_restr.type 
_refine_ls_restr.number 
_refine_ls_restr.dev_ideal 
_refine_ls_restr.dev_ideal_target 
_refine_ls_restr.weight 
_refine_ls_restr.pdbx_restraint_function 
'X-RAY DIFFRACTION' r_bond_refined_d       3263 0.008  0.015  ? ? 
'X-RAY DIFFRACTION' r_bond_other_d         2167 0.001  0.014  ? ? 
'X-RAY DIFFRACTION' r_angle_refined_deg    3262 1.570  1.673  ? ? 
'X-RAY DIFFRACTION' r_angle_other_deg      5055 1.400  1.582  ? ? 
'X-RAY DIFFRACTION' r_dihedral_angle_1_deg 297  5.972  5.000  ? ? 
'X-RAY DIFFRACTION' r_dihedral_angle_2_deg 137  25.911 20.438 ? ? 
'X-RAY DIFFRACTION' r_dihedral_angle_3_deg 401  13.859 15.000 ? ? 
'X-RAY DIFFRACTION' r_dihedral_angle_4_deg 21   12.824 15.000 ? ? 
'X-RAY DIFFRACTION' r_chiral_restr         310  0.081  0.200  ? ? 
'X-RAY DIFFRACTION' r_gen_planes_refined   2779 0.008  0.020  ? ? 
'X-RAY DIFFRACTION' r_gen_planes_other     563  0.002  0.020  ? ? 
'X-RAY DIFFRACTION' r_mcbond_it            1569 1.728  2.059  ? ? 
'X-RAY DIFFRACTION' r_mcbond_other         1491 1.772  1.964  ? ? 
'X-RAY DIFFRACTION' r_mcangle_it           1439 3.641  2.849  ? ? 
# 
_refine_ls_shell.d_res_high                       1.1500 
_refine_ls_shell.d_res_low                        1.1800 
_refine_ls_shell.pdbx_total_number_of_bins_used   20 
_refine_ls_shell.percent_reflns_obs               6.7500 
_refine_ls_shell.number_reflns_R_work             207 
_refine_ls_shell.R_factor_all                     ? 
_refine_ls_shell.R_factor_R_work                  0.4090 
_refine_ls_shell.R_factor_R_free                  0.4570 
_refine_ls_shell.percent_reflns_R_free            ? 
_refine_ls_shell.number_reflns_R_free             11 
_refine_ls_shell.R_factor_R_free_error            ? 
_refine_ls_shell.number_reflns_all                218 
_refine_ls_shell.number_reflns_obs                ? 
_refine_ls_shell.pdbx_refine_id                   'X-RAY DIFFRACTION' 
# 
_struct.entry_id                  7FVN 
_struct.title                     'PanDDA analysis group deposition -- PHIP in complex with Z371875396' 
_struct.pdbx_model_details        ? 
_struct.pdbx_CASP_flag            ? 
_struct.pdbx_model_type_details   ? 
# 
_struct_keywords.entry_id        7FVN 
_struct_keywords.text            
'False negatives, ligand features, rescreening, catalogue, fragment follow-ups, automated chemistry, SIGNALING PROTEIN' 
_struct_keywords.pdbx_keywords   'SIGNALING PROTEIN' 
# 
loop_
_struct_asym.id 
_struct_asym.pdbx_blank_PDB_chainid_flag 
_struct_asym.pdbx_modified 
_struct_asym.entity_id 
_struct_asym.details 
A N N 1 ? 
B N N 2 ? 
C N N 3 ? 
# 
_struct_ref.id                         1 
_struct_ref.db_name                    UNP 
_struct_ref.db_code                    PHIP_HUMAN 
_struct_ref.pdbx_db_accession          Q8WWQ0 
_struct_ref.pdbx_db_isoform            ? 
_struct_ref.entity_id                  1 
_struct_ref.pdbx_seq_one_letter_code   
;SYDIQAWKKQCEELLNLIFQCEDSEPFRQPVDLLEYPDYRDIIDTPMDFATVRETLEAGNYESPMELCKDVRLIFSNSKA
YTPSKRSRIYSMSLRLSAFFEEHISSVLSDYKSALRFHKRNTITKR
;
_struct_ref.pdbx_align_begin           1315 
# 
_struct_ref_seq.align_id                      1 
_struct_ref_seq.ref_id                        1 
_struct_ref_seq.pdbx_PDB_id_code              7FVN 
_struct_ref_seq.pdbx_strand_id                A 
_struct_ref_seq.seq_align_beg                 24 
_struct_ref_seq.pdbx_seq_align_beg_ins_code   ? 
_struct_ref_seq.seq_align_end                 149 
_struct_ref_seq.pdbx_seq_align_end_ins_code   ? 
_struct_ref_seq.pdbx_db_accession             Q8WWQ0 
_struct_ref_seq.db_align_beg                  1315 
_struct_ref_seq.pdbx_db_align_beg_ins_code    ? 
_struct_ref_seq.db_align_end                  1440 
_struct_ref_seq.pdbx_db_align_end_ins_code    ? 
_struct_ref_seq.pdbx_auth_seq_align_beg       1315 
_struct_ref_seq.pdbx_auth_seq_align_end       1440 
# 
loop_
_struct_ref_seq_dif.align_id 
_struct_ref_seq_dif.pdbx_pdb_id_code 
_struct_ref_seq_dif.mon_id 
_struct_ref_seq_dif.pdbx_pdb_strand_id 
_struct_ref_seq_dif.seq_num 
_struct_ref_seq_dif.pdbx_pdb_ins_code 
_struct_ref_seq_dif.pdbx_seq_db_name 
_struct_ref_seq_dif.pdbx_seq_db_accession_code 
_struct_ref_seq_dif.db_mon_id 
_struct_ref_seq_dif.pdbx_seq_db_seq_num 
_struct_ref_seq_dif.details 
_struct_ref_seq_dif.pdbx_auth_seq_num 
_struct_ref_seq_dif.pdbx_ordinal 
1 7FVN MET A 1  ? UNP Q8WWQ0 ? ? 'initiating methionine' 1292 1  
1 7FVN HIS A 2  ? UNP Q8WWQ0 ? ? 'expression tag'        1293 2  
1 7FVN HIS A 3  ? UNP Q8WWQ0 ? ? 'expression tag'        1294 3  
1 7FVN HIS A 4  ? UNP Q8WWQ0 ? ? 'expression tag'        1295 4  
1 7FVN HIS A 5  ? UNP Q8WWQ0 ? ? 'expression tag'        1296 5  
1 7FVN HIS A 6  ? UNP Q8WWQ0 ? ? 'expression tag'        1297 6  
1 7FVN HIS A 7  ? UNP Q8WWQ0 ? ? 'expression tag'        1298 7  
1 7FVN SER A 8  ? UNP Q8WWQ0 ? ? 'expression tag'        1299 8  
1 7FVN SER A 9  ? UNP Q8WWQ0 ? ? 'expression tag'        1300 9  
1 7FVN GLY A 10 ? UNP Q8WWQ0 ? ? 'expression tag'        1301 10 
1 7FVN VAL A 11 ? UNP Q8WWQ0 ? ? 'expression tag'        1302 11 
1 7FVN ASP A 12 ? UNP Q8WWQ0 ? ? 'expression tag'        1303 12 
1 7FVN LEU A 13 ? UNP Q8WWQ0 ? ? 'expression tag'        1304 13 
1 7FVN GLY A 14 ? UNP Q8WWQ0 ? ? 'expression tag'        1305 14 
1 7FVN THR A 15 ? UNP Q8WWQ0 ? ? 'expression tag'        1306 15 
1 7FVN GLU A 16 ? UNP Q8WWQ0 ? ? 'expression tag'        1307 16 
1 7FVN ASN A 17 ? UNP Q8WWQ0 ? ? 'expression tag'        1308 17 
1 7FVN LEU A 18 ? UNP Q8WWQ0 ? ? 'expression tag'        1309 18 
1 7FVN TYR A 19 ? UNP Q8WWQ0 ? ? 'expression tag'        1310 19 
1 7FVN PHE A 20 ? UNP Q8WWQ0 ? ? 'expression tag'        1311 20 
1 7FVN GLN A 21 ? UNP Q8WWQ0 ? ? 'expression tag'        1312 21 
1 7FVN SER A 22 ? UNP Q8WWQ0 ? ? 'expression tag'        1313 22 
1 7FVN MET A 23 ? UNP Q8WWQ0 ? ? 'expression tag'        1314 23 
# 
_pdbx_struct_assembly.id                   1 
_pdbx_struct_assembly.details              author_and_software_defined_assembly 
_pdbx_struct_assembly.method_details       PISA 
_pdbx_struct_assembly.oligomeric_details   monomeric 
_pdbx_struct_assembly.oligomeric_count     1 
# 
_pdbx_struct_assembly_gen.assembly_id       1 
_pdbx_struct_assembly_gen.oper_expression   1 
_pdbx_struct_assembly_gen.asym_id_list      A,B,C 
# 
_pdbx_struct_oper_list.id                   1 
_pdbx_struct_oper_list.type                 'identity operation' 
_pdbx_struct_oper_list.name                 1_555 
_pdbx_struct_oper_list.symmetry_operation   x,y,z 
_pdbx_struct_oper_list.matrix[1][1]         1.0000000000 
_pdbx_struct_oper_list.matrix[1][2]         0.0000000000 
_pdbx_struct_oper_list.matrix[1][3]         0.0000000000 
_pdbx_struct_oper_list.vector[1]            0.0000000000 
_pdbx_struct_oper_list.matrix[2][1]         0.0000000000 
_pdbx_struct_oper_list.matrix[2][2]         1.0000000000 
_pdbx_struct_oper_list.matrix[2][3]         0.0000000000 
_pdbx_struct_oper_list.vector[2]            0.0000000000 
_pdbx_struct_oper_list.matrix[3][1]         0.0000000000 
_pdbx_struct_oper_list.matrix[3][2]         0.0000000000 
_pdbx_struct_oper_list.matrix[3][3]         1.0000000000 
_pdbx_struct_oper_list.vector[3]            0.0000000000 
# 
loop_
_struct_conf.conf_type_id 
_struct_conf.id 
_struct_conf.pdbx_PDB_helix_id 
_struct_conf.beg_label_comp_id 
_struct_conf.beg_label_asym_id 
_struct_conf.beg_label_seq_id 
_struct_conf.pdbx_beg_PDB_ins_code 
_struct_conf.end_label_comp_id 
_struct_conf.end_label_asym_id 
_struct_conf.end_label_seq_id 
_struct_conf.pdbx_end_PDB_ins_code 
_struct_conf.beg_auth_comp_id 
_struct_conf.beg_auth_asym_id 
_struct_conf.beg_auth_seq_id 
_struct_conf.end_auth_comp_id 
_struct_conf.end_auth_asym_id 
_struct_conf.end_auth_seq_id 
_struct_conf.pdbx_PDB_helix_class 
_struct_conf.details 
_struct_conf.pdbx_PDB_helix_length 
HELX_P HELX_P1 AA1 ALA A 29  ? CYS A 44  ? ALA A 1320 CYS A 1335 1 ? 16 
HELX_P HELX_P2 AA2 GLU A 45  ? ARG A 51  ? GLU A 1336 ARG A 1342 5 ? 7  
HELX_P HELX_P3 AA3 ASP A 61  ? ILE A 66  ? ASP A 1352 ILE A 1357 1 ? 6  
HELX_P HELX_P4 AA4 ASP A 71  ? ALA A 81  ? ASP A 1362 ALA A 1372 1 ? 11 
HELX_P HELX_P5 AA5 SER A 86  ? THR A 105 ? SER A 1377 THR A 1396 1 ? 20 
HELX_P HELX_P6 AA6 SER A 110 ? LYS A 142 ? SER A 1401 LYS A 1433 1 ? 33 
# 
_struct_conf_type.id          HELX_P 
_struct_conf_type.criteria    ? 
_struct_conf_type.reference   ? 
# 
loop_
_pdbx_validate_close_contact.id 
_pdbx_validate_close_contact.PDB_model_num 
_pdbx_validate_close_contact.auth_atom_id_1 
_pdbx_validate_close_contact.auth_asym_id_1 
_pdbx_validate_close_contact.auth_comp_id_1 
_pdbx_validate_close_contact.auth_seq_id_1 
_pdbx_validate_close_contact.PDB_ins_code_1 
_pdbx_validate_close_contact.label_alt_id_1 
_pdbx_validate_close_contact.auth_atom_id_2 
_pdbx_validate_close_contact.auth_asym_id_2 
_pdbx_validate_close_contact.auth_comp_id_2 
_pdbx_validate_close_contact.auth_seq_id_2 
_pdbx_validate_close_contact.PDB_ins_code_2 
_pdbx_validate_close_contact.label_alt_id_2 
_pdbx_validate_close_contact.dist 
1 1 N  A SER 1315 ? ? O A HOH 2001 ? ? 2.03 
2 1 C1 A ZPB 1901 ? ? O A HOH 2154 ? ? 2.10 
3 1 O  A HOH 2037 ? ? O A HOH 2142 ? ? 2.11 
# 
_pdbx_validate_symm_contact.id                1 
_pdbx_validate_symm_contact.PDB_model_num     1 
_pdbx_validate_symm_contact.auth_atom_id_1    O 
_pdbx_validate_symm_contact.auth_asym_id_1    A 
_pdbx_validate_symm_contact.auth_comp_id_1    HOH 
_pdbx_validate_symm_contact.auth_seq_id_1     2205 
_pdbx_validate_symm_contact.PDB_ins_code_1    ? 
_pdbx_validate_symm_contact.label_alt_id_1    ? 
_pdbx_validate_symm_contact.site_symmetry_1   1_555 
_pdbx_validate_symm_contact.auth_atom_id_2    O 
_pdbx_validate_symm_contact.auth_asym_id_2    A 
_pdbx_validate_symm_contact.auth_comp_id_2    HOH 
_pdbx_validate_symm_contact.auth_seq_id_2     2206 
_pdbx_validate_symm_contact.PDB_ins_code_2    ? 
_pdbx_validate_symm_contact.label_alt_id_2    ? 
_pdbx_validate_symm_contact.site_symmetry_2   1_545 
_pdbx_validate_symm_contact.dist              1.43 
# 
loop_
_pdbx_struct_special_symmetry.id 
_pdbx_struct_special_symmetry.PDB_model_num 
_pdbx_struct_special_symmetry.auth_asym_id 
_pdbx_struct_special_symmetry.auth_comp_id 
_pdbx_struct_special_symmetry.auth_seq_id 
_pdbx_struct_special_symmetry.PDB_ins_code 
_pdbx_struct_special_symmetry.label_asym_id 
_pdbx_struct_special_symmetry.label_comp_id 
_pdbx_struct_special_symmetry.label_seq_id 
1 1 A HOH 2119 ? C HOH . 
2 1 A HOH 2200 ? C HOH . 
# 
_phasing.method   MR 
# 
_pdbx_entry_details.entry_id                 7FVN 
_pdbx_entry_details.compound_details         ? 
_pdbx_entry_details.source_details           ? 
_pdbx_entry_details.nonpolymer_details       ? 
_pdbx_entry_details.sequence_details         ? 
_pdbx_entry_details.has_ligand_of_interest   Y 
# 
loop_
_pdbx_unobs_or_zero_occ_residues.id 
_pdbx_unobs_or_zero_occ_residues.PDB_model_num 
_pdbx_unobs_or_zero_occ_residues.polymer_flag 
_pdbx_unobs_or_zero_occ_residues.occupancy_flag 
_pdbx_unobs_or_zero_occ_residues.auth_asym_id 
_pdbx_unobs_or_zero_occ_residues.auth_comp_id 
_pdbx_unobs_or_zero_occ_residues.auth_seq_id 
_pdbx_unobs_or_zero_occ_residues.PDB_ins_code 
_pdbx_unobs_or_zero_occ_residues.label_asym_id 
_pdbx_unobs_or_zero_occ_residues.label_comp_id 
_pdbx_unobs_or_zero_occ_residues.label_seq_id 
1  1 Y 1 A MET 1292 ? A MET 1   
2  1 Y 1 A HIS 1293 ? A HIS 2   
3  1 Y 1 A HIS 1294 ? A HIS 3   
4  1 Y 1 A HIS 1295 ? A HIS 4   
5  1 Y 1 A HIS 1296 ? A HIS 5   
6  1 Y 1 A HIS 1297 ? A HIS 6   
7  1 Y 1 A HIS 1298 ? A HIS 7   
8  1 Y 1 A SER 1299 ? A SER 8   
9  1 Y 1 A SER 1300 ? A SER 9   
10 1 Y 1 A GLY 1301 ? A GLY 10  
11 1 Y 1 A VAL 1302 ? A VAL 11  
12 1 Y 1 A ASP 1303 ? A ASP 12  
13 1 Y 1 A LEU 1304 ? A LEU 13  
14 1 Y 1 A GLY 1305 ? A GLY 14  
15 1 Y 1 A THR 1306 ? A THR 15  
16 1 Y 1 A GLU 1307 ? A GLU 16  
17 1 Y 1 A ASN 1308 ? A ASN 17  
18 1 Y 1 A LEU 1309 ? A LEU 18  
19 1 Y 1 A TYR 1310 ? A TYR 19  
20 1 Y 1 A PHE 1311 ? A PHE 20  
21 1 Y 1 A GLN 1312 ? A GLN 21  
22 1 Y 1 A SER 1313 ? A SER 22  
23 1 Y 1 A MET 1314 ? A MET 23  
24 1 Y 1 A THR 1436 ? A THR 145 
25 1 Y 1 A ILE 1437 ? A ILE 146 
26 1 Y 1 A THR 1438 ? A THR 147 
27 1 Y 1 A LYS 1439 ? A LYS 148 
28 1 Y 1 A ARG 1440 ? A ARG 149 
# 
loop_
_chem_comp_atom.comp_id 
_chem_comp_atom.atom_id 
_chem_comp_atom.type_symbol 
_chem_comp_atom.pdbx_aromatic_flag 
_chem_comp_atom.pdbx_stereo_config 
_chem_comp_atom.pdbx_ordinal 
ALA N    N N N 1   
ALA CA   C N S 2   
ALA C    C N N 3   
ALA O    O N N 4   
ALA CB   C N N 5   
ALA OXT  O N N 6   
ALA H    H N N 7   
ALA H2   H N N 8   
ALA HA   H N N 9   
ALA HB1  H N N 10  
ALA HB2  H N N 11  
ALA HB3  H N N 12  
ALA HXT  H N N 13  
ARG N    N N N 14  
ARG CA   C N S 15  
ARG C    C N N 16  
ARG O    O N N 17  
ARG CB   C N N 18  
ARG CG   C N N 19  
ARG CD   C N N 20  
ARG NE   N N N 21  
ARG CZ   C N N 22  
ARG NH1  N N N 23  
ARG NH2  N N N 24  
ARG OXT  O N N 25  
ARG H    H N N 26  
ARG H2   H N N 27  
ARG HA   H N N 28  
ARG HB2  H N N 29  
ARG HB3  H N N 30  
ARG HG2  H N N 31  
ARG HG3  H N N 32  
ARG HD2  H N N 33  
ARG HD3  H N N 34  
ARG HE   H N N 35  
ARG HH11 H N N 36  
ARG HH12 H N N 37  
ARG HH21 H N N 38  
ARG HH22 H N N 39  
ARG HXT  H N N 40  
ASN N    N N N 41  
ASN CA   C N S 42  
ASN C    C N N 43  
ASN O    O N N 44  
ASN CB   C N N 45  
ASN CG   C N N 46  
ASN OD1  O N N 47  
ASN ND2  N N N 48  
ASN OXT  O N N 49  
ASN H    H N N 50  
ASN H2   H N N 51  
ASN HA   H N N 52  
ASN HB2  H N N 53  
ASN HB3  H N N 54  
ASN HD21 H N N 55  
ASN HD22 H N N 56  
ASN HXT  H N N 57  
ASP N    N N N 58  
ASP CA   C N S 59  
ASP C    C N N 60  
ASP O    O N N 61  
ASP CB   C N N 62  
ASP CG   C N N 63  
ASP OD1  O N N 64  
ASP OD2  O N N 65  
ASP OXT  O N N 66  
ASP H    H N N 67  
ASP H2   H N N 68  
ASP HA   H N N 69  
ASP HB2  H N N 70  
ASP HB3  H N N 71  
ASP HD2  H N N 72  
ASP HXT  H N N 73  
CYS N    N N N 74  
CYS CA   C N R 75  
CYS C    C N N 76  
CYS O    O N N 77  
CYS CB   C N N 78  
CYS SG   S N N 79  
CYS OXT  O N N 80  
CYS H    H N N 81  
CYS H2   H N N 82  
CYS HA   H N N 83  
CYS HB2  H N N 84  
CYS HB3  H N N 85  
CYS HG   H N N 86  
CYS HXT  H N N 87  
GLN N    N N N 88  
GLN CA   C N S 89  
GLN C    C N N 90  
GLN O    O N N 91  
GLN CB   C N N 92  
GLN CG   C N N 93  
GLN CD   C N N 94  
GLN OE1  O N N 95  
GLN NE2  N N N 96  
GLN OXT  O N N 97  
GLN H    H N N 98  
GLN H2   H N N 99  
GLN HA   H N N 100 
GLN HB2  H N N 101 
GLN HB3  H N N 102 
GLN HG2  H N N 103 
GLN HG3  H N N 104 
GLN HE21 H N N 105 
GLN HE22 H N N 106 
GLN HXT  H N N 107 
GLU N    N N N 108 
GLU CA   C N S 109 
GLU C    C N N 110 
GLU O    O N N 111 
GLU CB   C N N 112 
GLU CG   C N N 113 
GLU CD   C N N 114 
GLU OE1  O N N 115 
GLU OE2  O N N 116 
GLU OXT  O N N 117 
GLU H    H N N 118 
GLU H2   H N N 119 
GLU HA   H N N 120 
GLU HB2  H N N 121 
GLU HB3  H N N 122 
GLU HG2  H N N 123 
GLU HG3  H N N 124 
GLU HE2  H N N 125 
GLU HXT  H N N 126 
GLY N    N N N 127 
GLY CA   C N N 128 
GLY C    C N N 129 
GLY O    O N N 130 
GLY OXT  O N N 131 
GLY H    H N N 132 
GLY H2   H N N 133 
GLY HA2  H N N 134 
GLY HA3  H N N 135 
GLY HXT  H N N 136 
HIS N    N N N 137 
HIS CA   C N S 138 
HIS C    C N N 139 
HIS O    O N N 140 
HIS CB   C N N 141 
HIS CG   C Y N 142 
HIS ND1  N Y N 143 
HIS CD2  C Y N 144 
HIS CE1  C Y N 145 
HIS NE2  N Y N 146 
HIS OXT  O N N 147 
HIS H    H N N 148 
HIS H2   H N N 149 
HIS HA   H N N 150 
HIS HB2  H N N 151 
HIS HB3  H N N 152 
HIS HD1  H N N 153 
HIS HD2  H N N 154 
HIS HE1  H N N 155 
HIS HE2  H N N 156 
HIS HXT  H N N 157 
HOH O    O N N 158 
HOH H1   H N N 159 
HOH H2   H N N 160 
ILE N    N N N 161 
ILE CA   C N S 162 
ILE C    C N N 163 
ILE O    O N N 164 
ILE CB   C N S 165 
ILE CG1  C N N 166 
ILE CG2  C N N 167 
ILE CD1  C N N 168 
ILE OXT  O N N 169 
ILE H    H N N 170 
ILE H2   H N N 171 
ILE HA   H N N 172 
ILE HB   H N N 173 
ILE HG12 H N N 174 
ILE HG13 H N N 175 
ILE HG21 H N N 176 
ILE HG22 H N N 177 
ILE HG23 H N N 178 
ILE HD11 H N N 179 
ILE HD12 H N N 180 
ILE HD13 H N N 181 
ILE HXT  H N N 182 
LEU N    N N N 183 
LEU CA   C N S 184 
LEU C    C N N 185 
LEU O    O N N 186 
LEU CB   C N N 187 
LEU CG   C N N 188 
LEU CD1  C N N 189 
LEU CD2  C N N 190 
LEU OXT  O N N 191 
LEU H    H N N 192 
LEU H2   H N N 193 
LEU HA   H N N 194 
LEU HB2  H N N 195 
LEU HB3  H N N 196 
LEU HG   H N N 197 
LEU HD11 H N N 198 
LEU HD12 H N N 199 
LEU HD13 H N N 200 
LEU HD21 H N N 201 
LEU HD22 H N N 202 
LEU HD23 H N N 203 
LEU HXT  H N N 204 
LYS N    N N N 205 
LYS CA   C N S 206 
LYS C    C N N 207 
LYS O    O N N 208 
LYS CB   C N N 209 
LYS CG   C N N 210 
LYS CD   C N N 211 
LYS CE   C N N 212 
LYS NZ   N N N 213 
LYS OXT  O N N 214 
LYS H    H N N 215 
LYS H2   H N N 216 
LYS HA   H N N 217 
LYS HB2  H N N 218 
LYS HB3  H N N 219 
LYS HG2  H N N 220 
LYS HG3  H N N 221 
LYS HD2  H N N 222 
LYS HD3  H N N 223 
LYS HE2  H N N 224 
LYS HE3  H N N 225 
LYS HZ1  H N N 226 
LYS HZ2  H N N 227 
LYS HZ3  H N N 228 
LYS HXT  H N N 229 
MET N    N N N 230 
MET CA   C N S 231 
MET C    C N N 232 
MET O    O N N 233 
MET CB   C N N 234 
MET CG   C N N 235 
MET SD   S N N 236 
MET CE   C N N 237 
MET OXT  O N N 238 
MET H    H N N 239 
MET H2   H N N 240 
MET HA   H N N 241 
MET HB2  H N N 242 
MET HB3  H N N 243 
MET HG2  H N N 244 
MET HG3  H N N 245 
MET HE1  H N N 246 
MET HE2  H N N 247 
MET HE3  H N N 248 
MET HXT  H N N 249 
PHE N    N N N 250 
PHE CA   C N S 251 
PHE C    C N N 252 
PHE O    O N N 253 
PHE CB   C N N 254 
PHE CG   C Y N 255 
PHE CD1  C Y N 256 
PHE CD2  C Y N 257 
PHE CE1  C Y N 258 
PHE CE2  C Y N 259 
PHE CZ   C Y N 260 
PHE OXT  O N N 261 
PHE H    H N N 262 
PHE H2   H N N 263 
PHE HA   H N N 264 
PHE HB2  H N N 265 
PHE HB3  H N N 266 
PHE HD1  H N N 267 
PHE HD2  H N N 268 
PHE HE1  H N N 269 
PHE HE2  H N N 270 
PHE HZ   H N N 271 
PHE HXT  H N N 272 
PRO N    N N N 273 
PRO CA   C N S 274 
PRO C    C N N 275 
PRO O    O N N 276 
PRO CB   C N N 277 
PRO CG   C N N 278 
PRO CD   C N N 279 
PRO OXT  O N N 280 
PRO H    H N N 281 
PRO HA   H N N 282 
PRO HB2  H N N 283 
PRO HB3  H N N 284 
PRO HG2  H N N 285 
PRO HG3  H N N 286 
PRO HD2  H N N 287 
PRO HD3  H N N 288 
PRO HXT  H N N 289 
SER N    N N N 290 
SER CA   C N S 291 
SER C    C N N 292 
SER O    O N N 293 
SER CB   C N N 294 
SER OG   O N N 295 
SER OXT  O N N 296 
SER H    H N N 297 
SER H2   H N N 298 
SER HA   H N N 299 
SER HB2  H N N 300 
SER HB3  H N N 301 
SER HG   H N N 302 
SER HXT  H N N 303 
THR N    N N N 304 
THR CA   C N S 305 
THR C    C N N 306 
THR O    O N N 307 
THR CB   C N R 308 
THR OG1  O N N 309 
THR CG2  C N N 310 
THR OXT  O N N 311 
THR H    H N N 312 
THR H2   H N N 313 
THR HA   H N N 314 
THR HB   H N N 315 
THR HG1  H N N 316 
THR HG21 H N N 317 
THR HG22 H N N 318 
THR HG23 H N N 319 
THR HXT  H N N 320 
TRP N    N N N 321 
TRP CA   C N S 322 
TRP C    C N N 323 
TRP O    O N N 324 
TRP CB   C N N 325 
TRP CG   C Y N 326 
TRP CD1  C Y N 327 
TRP CD2  C Y N 328 
TRP NE1  N Y N 329 
TRP CE2  C Y N 330 
TRP CE3  C Y N 331 
TRP CZ2  C Y N 332 
TRP CZ3  C Y N 333 
TRP CH2  C Y N 334 
TRP OXT  O N N 335 
TRP H    H N N 336 
TRP H2   H N N 337 
TRP HA   H N N 338 
TRP HB2  H N N 339 
TRP HB3  H N N 340 
TRP HD1  H N N 341 
TRP HE1  H N N 342 
TRP HE3  H N N 343 
TRP HZ2  H N N 344 
TRP HZ3  H N N 345 
TRP HH2  H N N 346 
TRP HXT  H N N 347 
TYR N    N N N 348 
TYR CA   C N S 349 
TYR C    C N N 350 
TYR O    O N N 351 
TYR CB   C N N 352 
TYR CG   C Y N 353 
TYR CD1  C Y N 354 
TYR CD2  C Y N 355 
TYR CE1  C Y N 356 
TYR CE2  C Y N 357 
TYR CZ   C Y N 358 
TYR OH   O N N 359 
TYR OXT  O N N 360 
TYR H    H N N 361 
TYR H2   H N N 362 
TYR HA   H N N 363 
TYR HB2  H N N 364 
TYR HB3  H N N 365 
TYR HD1  H N N 366 
TYR HD2  H N N 367 
TYR HE1  H N N 368 
TYR HE2  H N N 369 
TYR HH   H N N 370 
TYR HXT  H N N 371 
VAL N    N N N 372 
VAL CA   C N S 373 
VAL C    C N N 374 
VAL O    O N N 375 
VAL CB   C N N 376 
VAL CG1  C N N 377 
VAL CG2  C N N 378 
VAL OXT  O N N 379 
VAL H    H N N 380 
VAL H2   H N N 381 
VAL HA   H N N 382 
VAL HB   H N N 383 
VAL HG11 H N N 384 
VAL HG12 H N N 385 
VAL HG13 H N N 386 
VAL HG21 H N N 387 
VAL HG22 H N N 388 
VAL HG23 H N N 389 
VAL HXT  H N N 390 
ZPB N1   N N N 391 
ZPB N3   N N N 392 
ZPB C4   C N N 393 
ZPB C5   C N N 394 
ZPB C6   C N N 395 
ZPB C7   C N N 396 
ZPB C8   C N N 397 
ZPB C10  C Y N 398 
ZPB C13  C Y N 399 
ZPB C1   C N N 400 
ZPB C11  C Y N 401 
ZPB C12  C Y N 402 
ZPB C2   C N N 403 
ZPB C3   C N N 404 
ZPB C9   C N N 405 
ZPB N2   N N N 406 
ZPB O1   O N N 407 
ZPB O2   O N N 408 
ZPB S1   S Y N 409 
ZPB H8   H N N 410 
ZPB H10  H N N 411 
ZPB H9   H N N 412 
ZPB H12  H N N 413 
ZPB H11  H N N 414 
ZPB H14  H N N 415 
ZPB H13  H N N 416 
ZPB H16  H N N 417 
ZPB H15  H N N 418 
ZPB H19  H N N 419 
ZPB H2   H N N 420 
ZPB H3   H N N 421 
ZPB H1   H N N 422 
ZPB H17  H N N 423 
ZPB H18  H N N 424 
ZPB H4   H N N 425 
ZPB H5   H N N 426 
ZPB H6   H N N 427 
ZPB H7   H N N 428 
# 
loop_
_chem_comp_bond.comp_id 
_chem_comp_bond.atom_id_1 
_chem_comp_bond.atom_id_2 
_chem_comp_bond.value_order 
_chem_comp_bond.pdbx_aromatic_flag 
_chem_comp_bond.pdbx_stereo_config 
_chem_comp_bond.pdbx_ordinal 
ALA N   CA   sing N N 1   
ALA N   H    sing N N 2   
ALA N   H2   sing N N 3   
ALA CA  C    sing N N 4   
ALA CA  CB   sing N N 5   
ALA CA  HA   sing N N 6   
ALA C   O    doub N N 7   
ALA C   OXT  sing N N 8   
ALA CB  HB1  sing N N 9   
ALA CB  HB2  sing N N 10  
ALA CB  HB3  sing N N 11  
ALA OXT HXT  sing N N 12  
ARG N   CA   sing N N 13  
ARG N   H    sing N N 14  
ARG N   H2   sing N N 15  
ARG CA  C    sing N N 16  
ARG CA  CB   sing N N 17  
ARG CA  HA   sing N N 18  
ARG C   O    doub N N 19  
ARG C   OXT  sing N N 20  
ARG CB  CG   sing N N 21  
ARG CB  HB2  sing N N 22  
ARG CB  HB3  sing N N 23  
ARG CG  CD   sing N N 24  
ARG CG  HG2  sing N N 25  
ARG CG  HG3  sing N N 26  
ARG CD  NE   sing N N 27  
ARG CD  HD2  sing N N 28  
ARG CD  HD3  sing N N 29  
ARG NE  CZ   sing N N 30  
ARG NE  HE   sing N N 31  
ARG CZ  NH1  sing N N 32  
ARG CZ  NH2  doub N N 33  
ARG NH1 HH11 sing N N 34  
ARG NH1 HH12 sing N N 35  
ARG NH2 HH21 sing N N 36  
ARG NH2 HH22 sing N N 37  
ARG OXT HXT  sing N N 38  
ASN N   CA   sing N N 39  
ASN N   H    sing N N 40  
ASN N   H2   sing N N 41  
ASN CA  C    sing N N 42  
ASN CA  CB   sing N N 43  
ASN CA  HA   sing N N 44  
ASN C   O    doub N N 45  
ASN C   OXT  sing N N 46  
ASN CB  CG   sing N N 47  
ASN CB  HB2  sing N N 48  
ASN CB  HB3  sing N N 49  
ASN CG  OD1  doub N N 50  
ASN CG  ND2  sing N N 51  
ASN ND2 HD21 sing N N 52  
ASN ND2 HD22 sing N N 53  
ASN OXT HXT  sing N N 54  
ASP N   CA   sing N N 55  
ASP N   H    sing N N 56  
ASP N   H2   sing N N 57  
ASP CA  C    sing N N 58  
ASP CA  CB   sing N N 59  
ASP CA  HA   sing N N 60  
ASP C   O    doub N N 61  
ASP C   OXT  sing N N 62  
ASP CB  CG   sing N N 63  
ASP CB  HB2  sing N N 64  
ASP CB  HB3  sing N N 65  
ASP CG  OD1  doub N N 66  
ASP CG  OD2  sing N N 67  
ASP OD2 HD2  sing N N 68  
ASP OXT HXT  sing N N 69  
CYS N   CA   sing N N 70  
CYS N   H    sing N N 71  
CYS N   H2   sing N N 72  
CYS CA  C    sing N N 73  
CYS CA  CB   sing N N 74  
CYS CA  HA   sing N N 75  
CYS C   O    doub N N 76  
CYS C   OXT  sing N N 77  
CYS CB  SG   sing N N 78  
CYS CB  HB2  sing N N 79  
CYS CB  HB3  sing N N 80  
CYS SG  HG   sing N N 81  
CYS OXT HXT  sing N N 82  
GLN N   CA   sing N N 83  
GLN N   H    sing N N 84  
GLN N   H2   sing N N 85  
GLN CA  C    sing N N 86  
GLN CA  CB   sing N N 87  
GLN CA  HA   sing N N 88  
GLN C   O    doub N N 89  
GLN C   OXT  sing N N 90  
GLN CB  CG   sing N N 91  
GLN CB  HB2  sing N N 92  
GLN CB  HB3  sing N N 93  
GLN CG  CD   sing N N 94  
GLN CG  HG2  sing N N 95  
GLN CG  HG3  sing N N 96  
GLN CD  OE1  doub N N 97  
GLN CD  NE2  sing N N 98  
GLN NE2 HE21 sing N N 99  
GLN NE2 HE22 sing N N 100 
GLN OXT HXT  sing N N 101 
GLU N   CA   sing N N 102 
GLU N   H    sing N N 103 
GLU N   H2   sing N N 104 
GLU CA  C    sing N N 105 
GLU CA  CB   sing N N 106 
GLU CA  HA   sing N N 107 
GLU C   O    doub N N 108 
GLU C   OXT  sing N N 109 
GLU CB  CG   sing N N 110 
GLU CB  HB2  sing N N 111 
GLU CB  HB3  sing N N 112 
GLU CG  CD   sing N N 113 
GLU CG  HG2  sing N N 114 
GLU CG  HG3  sing N N 115 
GLU CD  OE1  doub N N 116 
GLU CD  OE2  sing N N 117 
GLU OE2 HE2  sing N N 118 
GLU OXT HXT  sing N N 119 
GLY N   CA   sing N N 120 
GLY N   H    sing N N 121 
GLY N   H2   sing N N 122 
GLY CA  C    sing N N 123 
GLY CA  HA2  sing N N 124 
GLY CA  HA3  sing N N 125 
GLY C   O    doub N N 126 
GLY C   OXT  sing N N 127 
GLY OXT HXT  sing N N 128 
HIS N   CA   sing N N 129 
HIS N   H    sing N N 130 
HIS N   H2   sing N N 131 
HIS CA  C    sing N N 132 
HIS CA  CB   sing N N 133 
HIS CA  HA   sing N N 134 
HIS C   O    doub N N 135 
HIS C   OXT  sing N N 136 
HIS CB  CG   sing N N 137 
HIS CB  HB2  sing N N 138 
HIS CB  HB3  sing N N 139 
HIS CG  ND1  sing Y N 140 
HIS CG  CD2  doub Y N 141 
HIS ND1 CE1  doub Y N 142 
HIS ND1 HD1  sing N N 143 
HIS CD2 NE2  sing Y N 144 
HIS CD2 HD2  sing N N 145 
HIS CE1 NE2  sing Y N 146 
HIS CE1 HE1  sing N N 147 
HIS NE2 HE2  sing N N 148 
HIS OXT HXT  sing N N 149 
HOH O   H1   sing N N 150 
HOH O   H2   sing N N 151 
ILE N   CA   sing N N 152 
ILE N   H    sing N N 153 
ILE N   H2   sing N N 154 
ILE CA  C    sing N N 155 
ILE CA  CB   sing N N 156 
ILE CA  HA   sing N N 157 
ILE C   O    doub N N 158 
ILE C   OXT  sing N N 159 
ILE CB  CG1  sing N N 160 
ILE CB  CG2  sing N N 161 
ILE CB  HB   sing N N 162 
ILE CG1 CD1  sing N N 163 
ILE CG1 HG12 sing N N 164 
ILE CG1 HG13 sing N N 165 
ILE CG2 HG21 sing N N 166 
ILE CG2 HG22 sing N N 167 
ILE CG2 HG23 sing N N 168 
ILE CD1 HD11 sing N N 169 
ILE CD1 HD12 sing N N 170 
ILE CD1 HD13 sing N N 171 
ILE OXT HXT  sing N N 172 
LEU N   CA   sing N N 173 
LEU N   H    sing N N 174 
LEU N   H2   sing N N 175 
LEU CA  C    sing N N 176 
LEU CA  CB   sing N N 177 
LEU CA  HA   sing N N 178 
LEU C   O    doub N N 179 
LEU C   OXT  sing N N 180 
LEU CB  CG   sing N N 181 
LEU CB  HB2  sing N N 182 
LEU CB  HB3  sing N N 183 
LEU CG  CD1  sing N N 184 
LEU CG  CD2  sing N N 185 
LEU CG  HG   sing N N 186 
LEU CD1 HD11 sing N N 187 
LEU CD1 HD12 sing N N 188 
LEU CD1 HD13 sing N N 189 
LEU CD2 HD21 sing N N 190 
LEU CD2 HD22 sing N N 191 
LEU CD2 HD23 sing N N 192 
LEU OXT HXT  sing N N 193 
LYS N   CA   sing N N 194 
LYS N   H    sing N N 195 
LYS N   H2   sing N N 196 
LYS CA  C    sing N N 197 
LYS CA  CB   sing N N 198 
LYS CA  HA   sing N N 199 
LYS C   O    doub N N 200 
LYS C   OXT  sing N N 201 
LYS CB  CG   sing N N 202 
LYS CB  HB2  sing N N 203 
LYS CB  HB3  sing N N 204 
LYS CG  CD   sing N N 205 
LYS CG  HG2  sing N N 206 
LYS CG  HG3  sing N N 207 
LYS CD  CE   sing N N 208 
LYS CD  HD2  sing N N 209 
LYS CD  HD3  sing N N 210 
LYS CE  NZ   sing N N 211 
LYS CE  HE2  sing N N 212 
LYS CE  HE3  sing N N 213 
LYS NZ  HZ1  sing N N 214 
LYS NZ  HZ2  sing N N 215 
LYS NZ  HZ3  sing N N 216 
LYS OXT HXT  sing N N 217 
MET N   CA   sing N N 218 
MET N   H    sing N N 219 
MET N   H2   sing N N 220 
MET CA  C    sing N N 221 
MET CA  CB   sing N N 222 
MET CA  HA   sing N N 223 
MET C   O    doub N N 224 
MET C   OXT  sing N N 225 
MET CB  CG   sing N N 226 
MET CB  HB2  sing N N 227 
MET CB  HB3  sing N N 228 
MET CG  SD   sing N N 229 
MET CG  HG2  sing N N 230 
MET CG  HG3  sing N N 231 
MET SD  CE   sing N N 232 
MET CE  HE1  sing N N 233 
MET CE  HE2  sing N N 234 
MET CE  HE3  sing N N 235 
MET OXT HXT  sing N N 236 
PHE N   CA   sing N N 237 
PHE N   H    sing N N 238 
PHE N   H2   sing N N 239 
PHE CA  C    sing N N 240 
PHE CA  CB   sing N N 241 
PHE CA  HA   sing N N 242 
PHE C   O    doub N N 243 
PHE C   OXT  sing N N 244 
PHE CB  CG   sing N N 245 
PHE CB  HB2  sing N N 246 
PHE CB  HB3  sing N N 247 
PHE CG  CD1  doub Y N 248 
PHE CG  CD2  sing Y N 249 
PHE CD1 CE1  sing Y N 250 
PHE CD1 HD1  sing N N 251 
PHE CD2 CE2  doub Y N 252 
PHE CD2 HD2  sing N N 253 
PHE CE1 CZ   doub Y N 254 
PHE CE1 HE1  sing N N 255 
PHE CE2 CZ   sing Y N 256 
PHE CE2 HE2  sing N N 257 
PHE CZ  HZ   sing N N 258 
PHE OXT HXT  sing N N 259 
PRO N   CA   sing N N 260 
PRO N   CD   sing N N 261 
PRO N   H    sing N N 262 
PRO CA  C    sing N N 263 
PRO CA  CB   sing N N 264 
PRO CA  HA   sing N N 265 
PRO C   O    doub N N 266 
PRO C   OXT  sing N N 267 
PRO CB  CG   sing N N 268 
PRO CB  HB2  sing N N 269 
PRO CB  HB3  sing N N 270 
PRO CG  CD   sing N N 271 
PRO CG  HG2  sing N N 272 
PRO CG  HG3  sing N N 273 
PRO CD  HD2  sing N N 274 
PRO CD  HD3  sing N N 275 
PRO OXT HXT  sing N N 276 
SER N   CA   sing N N 277 
SER N   H    sing N N 278 
SER N   H2   sing N N 279 
SER CA  C    sing N N 280 
SER CA  CB   sing N N 281 
SER CA  HA   sing N N 282 
SER C   O    doub N N 283 
SER C   OXT  sing N N 284 
SER CB  OG   sing N N 285 
SER CB  HB2  sing N N 286 
SER CB  HB3  sing N N 287 
SER OG  HG   sing N N 288 
SER OXT HXT  sing N N 289 
THR N   CA   sing N N 290 
THR N   H    sing N N 291 
THR N   H2   sing N N 292 
THR CA  C    sing N N 293 
THR CA  CB   sing N N 294 
THR CA  HA   sing N N 295 
THR C   O    doub N N 296 
THR C   OXT  sing N N 297 
THR CB  OG1  sing N N 298 
THR CB  CG2  sing N N 299 
THR CB  HB   sing N N 300 
THR OG1 HG1  sing N N 301 
THR CG2 HG21 sing N N 302 
THR CG2 HG22 sing N N 303 
THR CG2 HG23 sing N N 304 
THR OXT HXT  sing N N 305 
TRP N   CA   sing N N 306 
TRP N   H    sing N N 307 
TRP N   H2   sing N N 308 
TRP CA  C    sing N N 309 
TRP CA  CB   sing N N 310 
TRP CA  HA   sing N N 311 
TRP C   O    doub N N 312 
TRP C   OXT  sing N N 313 
TRP CB  CG   sing N N 314 
TRP CB  HB2  sing N N 315 
TRP CB  HB3  sing N N 316 
TRP CG  CD1  doub Y N 317 
TRP CG  CD2  sing Y N 318 
TRP CD1 NE1  sing Y N 319 
TRP CD1 HD1  sing N N 320 
TRP CD2 CE2  doub Y N 321 
TRP CD2 CE3  sing Y N 322 
TRP NE1 CE2  sing Y N 323 
TRP NE1 HE1  sing N N 324 
TRP CE2 CZ2  sing Y N 325 
TRP CE3 CZ3  doub Y N 326 
TRP CE3 HE3  sing N N 327 
TRP CZ2 CH2  doub Y N 328 
TRP CZ2 HZ2  sing N N 329 
TRP CZ3 CH2  sing Y N 330 
TRP CZ3 HZ3  sing N N 331 
TRP CH2 HH2  sing N N 332 
TRP OXT HXT  sing N N 333 
TYR N   CA   sing N N 334 
TYR N   H    sing N N 335 
TYR N   H2   sing N N 336 
TYR CA  C    sing N N 337 
TYR CA  CB   sing N N 338 
TYR CA  HA   sing N N 339 
TYR C   O    doub N N 340 
TYR C   OXT  sing N N 341 
TYR CB  CG   sing N N 342 
TYR CB  HB2  sing N N 343 
TYR CB  HB3  sing N N 344 
TYR CG  CD1  doub Y N 345 
TYR CG  CD2  sing Y N 346 
TYR CD1 CE1  sing Y N 347 
TYR CD1 HD1  sing N N 348 
TYR CD2 CE2  doub Y N 349 
TYR CD2 HD2  sing N N 350 
TYR CE1 CZ   doub Y N 351 
TYR CE1 HE1  sing N N 352 
TYR CE2 CZ   sing Y N 353 
TYR CE2 HE2  sing N N 354 
TYR CZ  OH   sing N N 355 
TYR OH  HH   sing N N 356 
TYR OXT HXT  sing N N 357 
VAL N   CA   sing N N 358 
VAL N   H    sing N N 359 
VAL N   H2   sing N N 360 
VAL CA  C    sing N N 361 
VAL CA  CB   sing N N 362 
VAL CA  HA   sing N N 363 
VAL C   O    doub N N 364 
VAL C   OXT  sing N N 365 
VAL CB  CG1  sing N N 366 
VAL CB  CG2  sing N N 367 
VAL CB  HB   sing N N 368 
VAL CG1 HG11 sing N N 369 
VAL CG1 HG12 sing N N 370 
VAL CG1 HG13 sing N N 371 
VAL CG2 HG21 sing N N 372 
VAL CG2 HG22 sing N N 373 
VAL CG2 HG23 sing N N 374 
VAL OXT HXT  sing N N 375 
ZPB C1  C2   sing N N 376 
ZPB C2  C3   sing N N 377 
ZPB C2  N1   sing N N 378 
ZPB N1  C4   sing N N 379 
ZPB C4  O1   doub N N 380 
ZPB C4  N2   sing N N 381 
ZPB N2  C5   sing N N 382 
ZPB C5  C6   sing N N 383 
ZPB C6  N3   sing N N 384 
ZPB N3  C7   sing N N 385 
ZPB C7  C8   sing N N 386 
ZPB N3  C9   sing N N 387 
ZPB C9  O2   doub N N 388 
ZPB C9  C10  sing N N 389 
ZPB C10 C11  doub Y N 390 
ZPB C11 C12  sing Y N 391 
ZPB C12 C13  doub Y N 392 
ZPB C13 S1   sing Y N 393 
ZPB N2  C8   sing N N 394 
ZPB C10 S1   sing Y N 395 
ZPB N1  H8   sing N N 396 
ZPB C5  H10  sing N N 397 
ZPB C5  H9   sing N N 398 
ZPB C6  H12  sing N N 399 
ZPB C6  H11  sing N N 400 
ZPB C7  H14  sing N N 401 
ZPB C7  H13  sing N N 402 
ZPB C8  H16  sing N N 403 
ZPB C8  H15  sing N N 404 
ZPB C13 H19  sing N N 405 
ZPB C1  H2   sing N N 406 
ZPB C1  H3   sing N N 407 
ZPB C1  H1   sing N N 408 
ZPB C11 H17  sing N N 409 
ZPB C12 H18  sing N N 410 
ZPB C2  H4   sing N N 411 
ZPB C3  H5   sing N N 412 
ZPB C3  H6   sing N N 413 
ZPB C3  H7   sing N N 414 
# 
_pdbx_audit_support.ordinal                1 
_pdbx_audit_support.funding_organization   'Wellcome Trust' 
_pdbx_audit_support.grant_number           None 
_pdbx_audit_support.country                'United Kingdom' 
# 
_pdbx_deposit_group.group_id            G_1002265 
_pdbx_deposit_group.group_description   
;XDomainX of XOrganismX PHIP screened against predicted false negatives and catalogue compounds by X-ray Crystallography at the XChem facility of Diamond Light Source beamline I04-1
;
_pdbx_deposit_group.group_title         'PanDDA analysis group deposition' 
_pdbx_deposit_group.group_type          'changed state' 
# 
_pdbx_entity_instance_feature.ordinal        1 
_pdbx_entity_instance_feature.comp_id        ZPB 
_pdbx_entity_instance_feature.asym_id        ? 
_pdbx_entity_instance_feature.seq_num        ? 
_pdbx_entity_instance_feature.auth_comp_id   ZPB 
_pdbx_entity_instance_feature.auth_asym_id   ? 
_pdbx_entity_instance_feature.auth_seq_num   ? 
_pdbx_entity_instance_feature.feature_type   'SUBJECT OF INVESTIGATION' 
_pdbx_entity_instance_feature.details        ? 
# 
_atom_sites.entry_id                    7FVN 
_atom_sites.fract_transf_matrix[1][1]   -0.01077012 
_atom_sites.fract_transf_matrix[1][2]   -0.00328314 
_atom_sites.fract_transf_matrix[1][3]   -0.00513261 
_atom_sites.fract_transf_matrix[2][1]   -0.01748733 
_atom_sites.fract_transf_matrix[2][2]   0.02380128 
_atom_sites.fract_transf_matrix[2][3]   0.02147009 
_atom_sites.fract_transf_matrix[3][1]   -0.00065034 
_atom_sites.fract_transf_matrix[3][2]   0.01179829 
_atom_sites.fract_transf_matrix[3][3]   -0.01360904 
_atom_sites.fract_transf_vector[1]      -0.146973 
_atom_sites.fract_transf_vector[2]      0.449341 
_atom_sites.fract_transf_vector[3]      0.217021 
# 
loop_
_atom_type.symbol 
C 
N 
O 
S 
# 
loop_
_atom_site.group_PDB 
_atom_site.id 
_atom_site.type_symbol 
_atom_site.label_atom_id 
_atom_site.label_alt_id 
_atom_site.label_comp_id 
_atom_site.label_asym_id 
_atom_site.label_entity_id 
_atom_site.label_seq_id 
_atom_site.pdbx_PDB_ins_code 
_atom_site.Cartn_x 
_atom_site.Cartn_y 
_atom_site.Cartn_z 
_atom_site.occupancy 
_atom_site.B_iso_or_equiv 
_atom_site.pdbx_formal_charge 
_atom_site.auth_seq_id 
_atom_site.auth_comp_id 
_atom_site.auth_asym_id 
_atom_site.auth_atom_id 
_atom_site.pdbx_PDB_model_num 
ATOM   1    N N   . SER A 1 24  ? -2.206  -16.960 17.664  1.00 27.63  ? 1315 SER A N   1 
ATOM   2    C CA  . SER A 1 24  ? -3.059  -15.908 17.013  1.00 26.37  ? 1315 SER A CA  1 
ATOM   3    C C   . SER A 1 24  ? -3.430  -16.369 15.600  1.00 21.97  ? 1315 SER A C   1 
ATOM   4    O O   . SER A 1 24  ? -2.815  -15.854 14.645  1.00 22.45  ? 1315 SER A O   1 
ATOM   5    C CB  . SER A 1 24  ? -2.331  -14.585 16.989  1.00 28.17  ? 1315 SER A CB  1 
ATOM   6    O OG  . SER A 1 24  ? -0.977  -14.754 16.584  1.00 32.65  ? 1315 SER A OG  1 
ATOM   7    N N   . TYR A 1 25  ? -4.361  -17.324 15.442  1.00 18.74  ? 1316 TYR A N   1 
ATOM   8    C CA  . TYR A 1 25  ? -4.502  -18.071 14.162  1.00 15.56  ? 1316 TYR A CA  1 
ATOM   9    C C   . TYR A 1 25  ? -5.796  -17.665 13.435  1.00 14.64  ? 1316 TYR A C   1 
ATOM   10   O O   . TYR A 1 25  ? -6.334  -18.476 12.677  1.00 14.07  ? 1316 TYR A O   1 
ATOM   11   C CB  . TYR A 1 25  ? -4.432  -19.577 14.394  1.00 14.91  ? 1316 TYR A CB  1 
ATOM   12   C CG  . TYR A 1 25  ? -3.203  -20.052 15.136  1.00 14.02  ? 1316 TYR A CG  1 
ATOM   13   C CD1 . TYR A 1 25  ? -1.918  -19.857 14.661  1.00 12.68  ? 1316 TYR A CD1 1 
ATOM   14   C CD2 . TYR A 1 25  ? -3.341  -20.826 16.266  1.00 13.92  ? 1316 TYR A CD2 1 
ATOM   15   C CE1 . TYR A 1 25  ? -0.802  -20.323 15.344  1.00 12.44  ? 1316 TYR A CE1 1 
ATOM   16   C CE2 . TYR A 1 25  ? -2.244  -21.308 16.962  1.00 14.04  ? 1316 TYR A CE2 1 
ATOM   17   C CZ  . TYR A 1 25  ? -0.969  -21.068 16.497  1.00 13.17  ? 1316 TYR A CZ  1 
ATOM   18   O OH  . TYR A 1 25  ? 0.128   -21.565 17.167  1.00 13.37  ? 1316 TYR A OH  1 
ATOM   19   N N   . ASP A 1 26  ? -6.232  -16.412 13.598  1.00 14.85  ? 1317 ASP A N   1 
ATOM   20   C CA  . ASP A 1 26  ? -7.456  -15.858 12.917  1.00 14.18  ? 1317 ASP A CA  1 
ATOM   21   C C   . ASP A 1 26  ? -7.069  -15.543 11.466  1.00 13.67  ? 1317 ASP A C   1 
ATOM   22   O O   . ASP A 1 26  ? -6.340  -14.586 11.227  1.00 14.82  ? 1317 ASP A O   1 
ATOM   23   C CB  . ASP A 1 26  ? -7.995  -14.633 13.648  1.00 15.37  ? 1317 ASP A CB  1 
ATOM   24   C CG  . ASP A 1 26  ? -9.249  -14.004 13.065  1.00 14.35  ? 1317 ASP A CG  1 
ATOM   25   O OD1 . ASP A 1 26  ? -9.588  -14.312 11.904  1.00 16.32  ? 1317 ASP A OD1 1 
ATOM   26   O OD2 . ASP A 1 26  ? -9.944  -13.329 13.843  1.00 20.64  ? 1317 ASP A OD2 1 
ATOM   27   N N   . ILE A 1 27  ? -7.567  -16.347 10.522  1.00 13.53  ? 1318 ILE A N   1 
ATOM   28   C CA  . ILE A 1 27  ? -7.289  -16.235 9.055   1.00 13.47  ? 1318 ILE A CA  1 
ATOM   29   C C   . ILE A 1 27  ? -7.876  -14.922 8.504   1.00 13.93  ? 1318 ILE A C   1 
ATOM   30   O O   . ILE A 1 27  ? -7.376  -14.462 7.460   1.00 14.36  ? 1318 ILE A O   1 
ATOM   31   C CB  . ILE A 1 27  ? -7.849  -17.460 8.289   1.00 14.22  ? 1318 ILE A CB  1 
ATOM   32   C CG1 . ILE A 1 27  ? -7.214  -18.776 8.752   1.00 15.17  ? 1318 ILE A CG1 1 
ATOM   33   C CG2 . ILE A 1 27  ? -7.726  -17.277 6.778   1.00 14.63  ? 1318 ILE A CG2 1 
ATOM   34   C CD1 . ILE A 1 27  ? -7.950  -20.004 8.271   1.00 15.78  ? 1318 ILE A CD1 1 
ATOM   35   N N   . GLN A 1 28  ? -8.910  -14.360 9.136   1.00 13.53  ? 1319 GLN A N   1 
ATOM   36   C CA  . GLN A 1 28  ? -9.578  -13.108 8.637   1.00 12.86  ? 1319 GLN A CA  1 
ATOM   37   C C   . GLN A 1 28  ? -9.061  -11.821 9.286   1.00 14.28  ? 1319 GLN A C   1 
ATOM   38   O O   . GLN A 1 28  ? -9.439  -10.716 8.790   1.00 13.90  ? 1319 GLN A O   1 
ATOM   39   C CB  . GLN A 1 28  ? -11.097 -13.186 8.844   1.00 13.54  ? 1319 GLN A CB  1 
ATOM   40   C CG  . GLN A 1 28  ? -11.786 -14.139 7.857   1.00 13.64  ? 1319 GLN A CG  1 
ATOM   41   C CD  . GLN A 1 28  ? -11.927 -15.572 8.354   1.00 12.62  ? 1319 GLN A CD  1 
ATOM   42   O OE1 . GLN A 1 28  ? -12.412 -15.821 9.470   1.00 15.22  ? 1319 GLN A OE1 1 
ATOM   43   N NE2 . GLN A 1 28  ? -11.609 -16.502 7.517   1.00 13.69  ? 1319 GLN A NE2 1 
ATOM   44   N N   . ALA A 1 29  ? -8.168  -11.889 10.297  1.00 13.51  ? 1320 ALA A N   1 
ATOM   45   C CA  . ALA A 1 29  ? -7.829  -10.694 11.099  1.00 13.28  ? 1320 ALA A CA  1 
ATOM   46   C C   . ALA A 1 29  ? -7.086  -9.635  10.260  1.00 12.17  ? 1320 ALA A C   1 
ATOM   47   O O   . ALA A 1 29  ? -7.151  -8.450  10.608  1.00 13.36  ? 1320 ALA A O   1 
ATOM   48   C CB  . ALA A 1 29  ? -7.031  -11.064 12.329  1.00 14.48  ? 1320 ALA A CB  1 
ATOM   49   N N   . TRP A 1 30  ? -6.418  -10.013 9.170   1.00 12.50  ? 1321 TRP A N   1 
ATOM   50   C CA  . TRP A 1 30  ? -5.627  -9.077  8.360   1.00 12.97  ? 1321 TRP A CA  1 
ATOM   51   C C   . TRP A 1 30  ? -6.490  -7.929  7.830   1.00 13.19  ? 1321 TRP A C   1 
ATOM   52   O O   . TRP A 1 30  ? -5.974  -6.831  7.629   1.00 12.94  ? 1321 TRP A O   1 
ATOM   53   C CB  . TRP A 1 30  ? -4.959  -9.841  7.214   1.00 13.38  ? 1321 TRP A CB  1 
ATOM   54   C CG  . TRP A 1 30  ? -5.969  -10.411 6.246   1.00 12.89  ? 1321 TRP A CG  1 
ATOM   55   C CD1 . TRP A 1 30  ? -6.586  -11.611 6.341   1.00 13.15  ? 1321 TRP A CD1 1 
ATOM   56   C CD2 . TRP A 1 30  ? -6.474  -9.781  5.033   1.00 12.98  ? 1321 TRP A CD2 1 
ATOM   57   N NE1 . TRP A 1 30  ? -7.473  -11.795 5.306   1.00 14.19  ? 1321 TRP A NE1 1 
ATOM   58   C CE2 . TRP A 1 30  ? -7.393  -10.709 4.486   1.00 13.45  ? 1321 TRP A CE2 1 
ATOM   59   C CE3 . TRP A 1 30  ? -6.208  -8.607  4.340   1.00 14.54  ? 1321 TRP A CE3 1 
ATOM   60   C CZ2 . TRP A 1 30  ? -8.108  -10.457 3.305   1.00 14.82  ? 1321 TRP A CZ2 1 
ATOM   61   C CZ3 . TRP A 1 30  ? -6.904  -8.349  3.173   1.00 15.25  ? 1321 TRP A CZ3 1 
ATOM   62   C CH2 . TRP A 1 30  ? -7.859  -9.255  2.678   1.00 16.86  ? 1321 TRP A CH2 1 
ATOM   63   N N   . LYS A 1 31  ? -7.793  -8.179  7.610   1.00 13.28  ? 1322 LYS A N   1 
ATOM   64   C CA  . LYS A 1 31  ? -8.576  -7.175  6.870   1.00 13.20  ? 1322 LYS A CA  1 
ATOM   65   C C   . LYS A 1 31  ? -8.758  -5.931  7.736   1.00 12.72  ? 1322 LYS A C   1 
ATOM   66   O O   . LYS A 1 31  ? -8.453  -4.828  7.272   1.00 13.65  ? 1322 LYS A O   1 
ATOM   67   C CB  . LYS A 1 31  ? -9.874  -7.783  6.348   1.00 13.23  ? 1322 LYS A CB  1 
ATOM   68   C CG  . LYS A 1 31  ? -10.782 -6.760  5.656   1.00 14.23  ? 1322 LYS A CG  1 
ATOM   69   C CD  . LYS A 1 31  ? -11.971 -7.441  5.022   1.00 15.47  ? 1322 LYS A CD  1 
ATOM   70   C CE  . LYS A 1 31  ? -12.808 -6.527  4.156   1.00 15.63  ? 1322 LYS A CE  1 
ATOM   71   N NZ  . LYS A 1 31  ? -13.925 -7.294  3.541   1.00 16.45  ? 1322 LYS A NZ  1 
ATOM   72   N N   . LYS A 1 32  ? -9.207  -6.086  8.981   1.00 14.13  ? 1323 LYS A N   1 
ATOM   73   C CA  . LYS A 1 32  ? -9.324  -4.920  9.868   1.00 13.69  ? 1323 LYS A CA  1 
ATOM   74   C C   . LYS A 1 32  ? -7.944  -4.318  10.199  1.00 13.48  ? 1323 LYS A C   1 
ATOM   75   O O   . LYS A 1 32  ? -7.869  -3.091  10.336  1.00 14.76  ? 1323 LYS A O   1 
ATOM   76   C CB  . LYS A 1 32  ? -10.085 -5.322  11.147  1.00 17.32  ? 1323 LYS A CB  1 
ATOM   77   C CG  . LYS A 1 32  ? -10.357 -4.168  12.085  1.00 26.33  ? 1323 LYS A CG  1 
ATOM   78   C CD  . LYS A 1 32  ? -11.587 -4.297  13.010  1.00 33.40  ? 1323 LYS A CD  1 
ATOM   79   C CE  . LYS A 1 32  ? -12.024 -2.920  13.508  1.00 42.12  ? 1323 LYS A CE  1 
ATOM   80   N NZ  . LYS A 1 32  ? -13.081 -2.960  14.552  1.00 44.89  ? 1323 LYS A NZ  1 
ATOM   81   N N   . GLN A 1 33  ? -6.918  -5.147  10.295  1.00 13.78  ? 1324 GLN A N   1 
ATOM   82   C CA  . GLN A 1 33  ? -5.568  -4.628  10.578  1.00 13.63  ? 1324 GLN A CA  1 
ATOM   83   C C   . GLN A 1 33  ? -5.151  -3.738  9.398   1.00 13.69  ? 1324 GLN A C   1 
ATOM   84   O O   . GLN A 1 33  ? -4.571  -2.669  9.599   1.00 14.21  ? 1324 GLN A O   1 
ATOM   85   C CB  . GLN A 1 33  ? -4.581  -5.760  10.737  1.00 14.71  ? 1324 GLN A CB  1 
ATOM   86   C CG  . GLN A 1 33  ? -4.732  -6.506  12.047  1.00 14.92  ? 1324 GLN A CG  1 
ATOM   87   C CD  . GLN A 1 33  ? -4.104  -7.860  12.071  1.00 15.78  ? 1324 GLN A CD  1 
ATOM   88   O OE1 . GLN A 1 33  ? -3.467  -8.317  11.138  1.00 17.32  ? 1324 GLN A OE1 1 
ATOM   89   N NE2 . GLN A 1 33  ? -4.337  -8.570  13.182  1.00 17.48  ? 1324 GLN A NE2 1 
ATOM   90   N N   . CYS A 1 34  ? -5.484  -4.121  8.165   1.00 13.24  ? 1325 CYS A N   1 
ATOM   91   C CA  . CYS A 1 34  ? -5.191  -3.295  6.981   1.00 12.72  ? 1325 CYS A CA  1 
ATOM   92   C C   . CYS A 1 34  ? -6.054  -2.036  6.952   1.00 13.41  ? 1325 CYS A C   1 
ATOM   93   O O   . CYS A 1 34  ? -5.544  -0.950  6.585   1.00 13.09  ? 1325 CYS A O   1 
ATOM   94   C CB  . CYS A 1 34  ? -5.325  -4.100  5.706   1.00 13.17  ? 1325 CYS A CB  1 
ATOM   95   S SG  . CYS A 1 34  ? -3.976  -5.283  5.426   1.00 14.37  ? 1325 CYS A SG  1 
ATOM   96   N N   . GLU A 1 35  ? -7.307  -2.109  7.328   1.00 14.03  ? 1326 GLU A N   1 
ATOM   97   C CA  . GLU A 1 35  ? -8.155  -0.897  7.414   1.00 14.93  ? 1326 GLU A CA  1 
ATOM   98   C C   . GLU A 1 35  ? -7.549  0.103   8.398   1.00 13.95  ? 1326 GLU A C   1 
ATOM   99   O O   . GLU A 1 35  ? -7.503  1.291   8.072   1.00 16.73  ? 1326 GLU A O   1 
ATOM   100  C CB  . GLU A 1 35  ? -9.569  -1.271  7.883   1.00 16.85  ? 1326 GLU A CB  1 
ATOM   101  C CG  . GLU A 1 35  ? -10.402 -2.130  6.956   1.00 21.98  ? 1326 GLU A CG  1 
ATOM   102  C CD  . GLU A 1 35  ? -11.683 -2.733  7.540   1.00 25.74  ? 1326 GLU A CD  1 
ATOM   103  O OE1 . GLU A 1 35  ? -11.968 -2.548  8.758   1.00 30.28  ? 1326 GLU A OE1 1 
ATOM   104  O OE2 . GLU A 1 35  ? -12.413 -3.396  6.762   1.00 24.89  ? 1326 GLU A OE2 1 
ATOM   105  N N   . GLU A 1 36  ? -7.082  -0.352  9.541   1.00 16.31  ? 1327 GLU A N   1 
ATOM   106  C CA  . GLU A 1 36  ? -6.515  0.550   10.566  1.00 17.22  ? 1327 GLU A CA  1 
ATOM   107  C C   . GLU A 1 36  ? -5.229  1.153   10.021  1.00 15.74  ? 1327 GLU A C   1 
ATOM   108  O O   . GLU A 1 36  ? -4.982  2.350   10.251  1.00 17.43  ? 1327 GLU A O   1 
ATOM   109  C CB  . GLU A 1 36  ? -6.358  -0.225  11.876  1.00 21.69  ? 1327 GLU A CB  1 
ATOM   110  C CG  . GLU A 1 36  ? -7.715  -0.492  12.533  1.00 30.87  ? 1327 GLU A CG  1 
ATOM   111  C CD  . GLU A 1 36  ? -7.777  -1.568  13.619  1.00 39.37  ? 1327 GLU A CD  1 
ATOM   112  O OE1 . GLU A 1 36  ? -6.717  -1.913  14.225  1.00 43.94  ? 1327 GLU A OE1 1 
ATOM   113  O OE2 . GLU A 1 36  ? -8.899  -2.064  13.860  1.00 50.76  ? 1327 GLU A OE2 1 
ATOM   114  N N   . LEU A 1 37  ? -4.388  0.348   9.380   1.00 16.15  ? 1328 LEU A N   1 
ATOM   115  C CA  . LEU A 1 37  ? -3.116  0.878   8.832   1.00 14.19  ? 1328 LEU A CA  1 
ATOM   116  C C   . LEU A 1 37  ? -3.413  1.935   7.752   1.00 13.19  ? 1328 LEU A C   1 
ATOM   117  O O   . LEU A 1 37  ? -2.758  3.014   7.697   1.00 14.41  ? 1328 LEU A O   1 
ATOM   118  C CB  . LEU A 1 37  ? -2.230  -0.258  8.368   1.00 15.17  ? 1328 LEU A CB  1 
ATOM   119  C CG  . LEU A 1 37  ? -0.926  0.162   7.681   1.00 14.37  ? 1328 LEU A CG  1 
ATOM   120  C CD1 . LEU A 1 37  ? -0.093  1.105   8.569   1.00 16.23  ? 1328 LEU A CD1 1 
ATOM   121  C CD2 . LEU A 1 37  ? -0.131  -1.047  7.319   1.00 15.55  ? 1328 LEU A CD2 1 
ATOM   122  N N   . LEU A 1 38  ? -4.412  1.708   6.906   1.00 13.93  ? 1329 LEU A N   1 
ATOM   123  C CA  . LEU A 1 38  ? -4.781  2.733   5.906   1.00 14.11  ? 1329 LEU A CA  1 
ATOM   124  C C   . LEU A 1 38  ? -5.282  3.997   6.607   1.00 14.88  ? 1329 LEU A C   1 
ATOM   125  O O   . LEU A 1 38  ? -4.950  5.085   6.147   1.00 17.37  ? 1329 LEU A O   1 
ATOM   126  C CB  . LEU A 1 38  ? -5.838  2.183   4.949   1.00 15.43  ? 1329 LEU A CB  1 
ATOM   127  C CG  . LEU A 1 38  ? -5.338  1.132   3.972   1.00 15.08  ? 1329 LEU A CG  1 
ATOM   128  C CD1 . LEU A 1 38  ? -6.535  0.447   3.320   1.00 17.01  ? 1329 LEU A CD1 1 
ATOM   129  C CD2 . LEU A 1 38  ? -4.416  1.722   2.909   1.00 17.10  ? 1329 LEU A CD2 1 
ATOM   130  N N   . ASN A 1 39  ? -6.054  3.895   7.682   1.00 16.87  ? 1330 ASN A N   1 
ATOM   131  C CA  . ASN A 1 39  ? -6.451  5.123   8.437   1.00 20.04  ? 1330 ASN A CA  1 
ATOM   132  C C   . ASN A 1 39  ? -5.193  5.867   8.907   1.00 17.72  ? 1330 ASN A C   1 
ATOM   133  O O   . ASN A 1 39  ? -5.115  7.150   8.757   1.00 19.57  ? 1330 ASN A O   1 
ATOM   134  C CB  . ASN A 1 39  ? -7.374  4.759   9.608   1.00 22.93  ? 1330 ASN A CB  1 
ATOM   135  C CG  . ASN A 1 39  ? -8.765  4.323   9.179   1.00 25.43  ? 1330 ASN A CG  1 
ATOM   136  O OD1 . ASN A 1 39  ? -9.189  4.575   8.051   1.00 30.06  ? 1330 ASN A OD1 1 
ATOM   137  N ND2 . ASN A 1 39  ? -9.453  3.593   10.050  1.00 29.22  ? 1330 ASN A ND2 1 
ATOM   138  N N   . LEU A 1 40  ? -4.204  5.178   9.422   1.00 16.58  ? 1331 LEU A N   1 
ATOM   139  C CA  . LEU A 1 40  ? -2.944  5.846   9.878   1.00 18.03  ? 1331 LEU A CA  1 
ATOM   140  C C   . LEU A 1 40  ? -2.255  6.520   8.689   1.00 17.15  ? 1331 LEU A C   1 
ATOM   141  O O   . LEU A 1 40  ? -1.842  7.697   8.819   1.00 18.77  ? 1331 LEU A O   1 
ATOM   142  C CB  . LEU A 1 40  ? -1.997  4.870   10.557  1.00 17.33  ? 1331 LEU A CB  1 
ATOM   143  C CG  . LEU A 1 40  ? -2.452  4.334   11.920  1.00 17.83  ? 1331 LEU A CG  1 
ATOM   144  C CD1 . LEU A 1 40  ? -1.532  3.244   12.423  1.00 22.59  ? 1331 LEU A CD1 1 
ATOM   145  C CD2 . LEU A 1 40  ? -2.600  5.445   12.965  1.00 23.46  ? 1331 LEU A CD2 1 
ATOM   146  N N   . ILE A 1 41  ? -2.185  5.855   7.531   1.00 15.33  ? 1332 ILE A N   1 
ATOM   147  C CA  . ILE A 1 41  ? -1.518  6.405   6.334   1.00 15.56  ? 1332 ILE A CA  1 
ATOM   148  C C   . ILE A 1 41  ? -2.277  7.663   5.896   1.00 16.52  ? 1332 ILE A C   1 
ATOM   149  O O   . ILE A 1 41  ? -1.611  8.704   5.624   1.00 16.89  ? 1332 ILE A O   1 
ATOM   150  C CB  . ILE A 1 41  ? -1.479  5.329   5.240   1.00 15.72  ? 1332 ILE A CB  1 
ATOM   151  C CG1 . ILE A 1 41  ? -0.411  4.306   5.633   1.00 16.71  ? 1332 ILE A CG1 1 
ATOM   152  C CG2 . ILE A 1 41  ? -1.233  5.941   3.876   1.00 14.36  ? 1332 ILE A CG2 1 
ATOM   153  C CD1 . ILE A 1 41  ? -0.413  3.076   4.801   1.00 16.62  ? 1332 ILE A CD1 1 
ATOM   154  N N   . PHE A 1 42  ? -3.615  7.640   5.909   1.00 17.08  ? 1333 PHE A N   1 
ATOM   155  C CA  . PHE A 1 42  ? -4.398  8.873   5.573   1.00 19.48  ? 1333 PHE A CA  1 
ATOM   156  C C   . PHE A 1 42  ? -4.133  10.008  6.583   1.00 21.03  ? 1333 PHE A C   1 
ATOM   157  O O   . PHE A 1 42  ? -4.141  11.204  6.117   1.00 26.02  ? 1333 PHE A O   1 
ATOM   158  C CB  . PHE A 1 42  ? -5.879  8.516   5.381   1.00 18.12  ? 1333 PHE A CB  1 
ATOM   159  C CG  . PHE A 1 42  ? -6.224  8.012   3.990   1.00 19.18  ? 1333 PHE A CG  1 
ATOM   160  C CD1 . PHE A 1 42  ? -6.678  8.876   3.003   1.00 21.53  ? 1333 PHE A CD1 1 
ATOM   161  C CD2 . PHE A 1 42  ? -6.088  6.666   3.646   1.00 22.96  ? 1333 PHE A CD2 1 
ATOM   162  C CE1 . PHE A 1 42  ? -6.997  8.423   1.724   1.00 25.62  ? 1333 PHE A CE1 1 
ATOM   163  C CE2 . PHE A 1 42  ? -6.440  6.216   2.380   1.00 22.01  ? 1333 PHE A CE2 1 
ATOM   164  C CZ  . PHE A 1 42  ? -6.871  7.098   1.415   1.00 22.99  ? 1333 PHE A CZ  1 
ATOM   165  N N   . GLN A 1 43  ? -3.800  9.743   7.853   1.00 21.56  ? 1334 GLN A N   1 
ATOM   166  C CA  . GLN A 1 43  ? -3.458  10.819  8.851   1.00 22.09  ? 1334 GLN A CA  1 
ATOM   167  C C   . GLN A 1 43  ? -2.057  11.409  8.641   1.00 22.91  ? 1334 GLN A C   1 
ATOM   168  O O   . GLN A 1 43  ? -1.789  12.541  9.099   1.00 24.42  ? 1334 GLN A O   1 
ATOM   169  C CB  . GLN A 1 43  ? -3.587  10.233  10.267  1.00 22.29  ? 1334 GLN A CB  1 
ATOM   170  C CG  . GLN A 1 43  ? -5.013  9.838   10.613  1.00 25.73  ? 1334 GLN A CG  1 
ATOM   171  N N   A CYS A 1 44  ? -1.178  10.664  7.978   0.32 19.72  ? 1335 CYS A N   1 
ATOM   172  N N   B CYS A 1 44  ? -1.155  10.656  8.000   0.32 20.10  ? 1335 CYS A N   1 
ATOM   173  C CA  A CYS A 1 44  ? 0.210   11.090  7.678   0.32 19.02  ? 1335 CYS A CA  1 
ATOM   174  C CA  B CYS A 1 44  ? 0.241   11.080  7.704   0.32 19.63  ? 1335 CYS A CA  1 
ATOM   175  C C   A CYS A 1 44  ? 0.170   12.201  6.627   0.32 19.29  ? 1335 CYS A C   1 
ATOM   176  C C   B CYS A 1 44  ? 0.197   12.183  6.638   0.32 19.61  ? 1335 CYS A C   1 
ATOM   177  O O   A CYS A 1 44  ? -0.427  12.007  5.551   0.32 17.92  ? 1335 CYS A O   1 
ATOM   178  O O   B CYS A 1 44  ? -0.383  11.965  5.560   0.32 18.33  ? 1335 CYS A O   1 
ATOM   179  C CB  A CYS A 1 44  ? 1.052   9.922   7.179   0.32 18.44  ? 1335 CYS A CB  1 
ATOM   180  C CB  B CYS A 1 44  ? 1.115   9.924   7.211   0.32 19.50  ? 1335 CYS A CB  1 
ATOM   181  S SG  A CYS A 1 44  ? 1.329   8.698   8.481   0.32 19.33  ? 1335 CYS A SG  1 
ATOM   182  S SG  B CYS A 1 44  ? 2.899   10.267  7.258   0.32 21.59  ? 1335 CYS A SG  1 
ATOM   183  N N   . GLU A 1 45  ? 0.796   13.346  6.906   1.00 19.03  ? 1336 GLU A N   1 
ATOM   184  C CA  . GLU A 1 45  ? 0.894   14.394  5.868   1.00 17.49  ? 1336 GLU A CA  1 
ATOM   185  C C   . GLU A 1 45  ? 1.625   13.876  4.609   1.00 16.32  ? 1336 GLU A C   1 
ATOM   186  O O   . GLU A 1 45  ? 1.343   14.326  3.466   1.00 16.82  ? 1336 GLU A O   1 
ATOM   187  C CB  . GLU A 1 45  ? 1.610   15.610  6.431   1.00 19.94  ? 1336 GLU A CB  1 
ATOM   188  C CG  . GLU A 1 45  ? 0.752   16.340  7.442   1.00 22.12  ? 1336 GLU A CG  1 
ATOM   189  C CD  . GLU A 1 45  ? 1.397   17.557  8.076   1.00 27.50  ? 1336 GLU A CD  1 
ATOM   190  O OE1 . GLU A 1 45  ? 2.557   17.861  7.728   1.00 27.76  ? 1336 GLU A OE1 1 
ATOM   191  O OE2 . GLU A 1 45  ? 0.721   18.178  8.946   1.00 28.95  ? 1336 GLU A OE2 1 
ATOM   192  N N   . ASP A 1 46  ? 2.533   12.918  4.790   1.00 14.90  ? 1337 ASP A N   1 
ATOM   193  C CA  . ASP A 1 46  ? 3.335   12.363  3.662   1.00 14.77  ? 1337 ASP A CA  1 
ATOM   194  C C   . ASP A 1 46  ? 2.435   11.589  2.677   1.00 14.93  ? 1337 ASP A C   1 
ATOM   195  O O   . ASP A 1 46  ? 2.888   11.332  1.548   1.00 14.43  ? 1337 ASP A O   1 
ATOM   196  C CB  . ASP A 1 46  ? 4.463   11.453  4.150   1.00 14.68  ? 1337 ASP A CB  1 
ATOM   197  C CG  . ASP A 1 46  ? 5.582   12.192  4.866   1.00 15.31  ? 1337 ASP A CG  1 
ATOM   198  O OD1 . ASP A 1 46  ? 5.716   13.428  4.632   1.00 16.07  ? 1337 ASP A OD1 1 
ATOM   199  O OD2 . ASP A 1 46  ? 6.351   11.535  5.586   1.00 14.71  ? 1337 ASP A OD2 1 
ATOM   200  N N   . SER A 1 47  ? 1.211   11.212  3.044   1.00 13.73  ? 1338 SER A N   1 
ATOM   201  C CA  . SER A 1 47  ? 0.330   10.494  2.087   1.00 14.13  ? 1338 SER A CA  1 
ATOM   202  C C   . SER A 1 47  ? -0.348  11.461  1.110   1.00 14.14  ? 1338 SER A C   1 
ATOM   203  O O   . SER A 1 47  ? -0.948  10.973  0.148   1.00 13.52  ? 1338 SER A O   1 
ATOM   204  C CB  . SER A 1 47  ? -0.678  9.616   2.766   1.00 13.99  ? 1338 SER A CB  1 
ATOM   205  O OG  . SER A 1 47  ? -1.568  10.352  3.612   1.00 13.74  ? 1338 SER A OG  1 
ATOM   206  N N   . GLU A 1 48  ? -0.227  12.775  1.301   1.00 14.89  ? 1339 GLU A N   1 
ATOM   207  C CA  . GLU A 1 48  ? -1.004  13.762  0.504   1.00 16.25  ? 1339 GLU A CA  1 
ATOM   208  C C   . GLU A 1 48  ? -0.940  13.466  -0.998  1.00 14.81  ? 1339 GLU A C   1 
ATOM   209  O O   . GLU A 1 48  ? -1.989  13.396  -1.651  1.00 17.08  ? 1339 GLU A O   1 
ATOM   210  C CB  . GLU A 1 48  ? -0.580  15.203  0.822   1.00 18.40  ? 1339 GLU A CB  1 
ATOM   211  C CG  . GLU A 1 48  ? -1.440  16.211  0.065   1.00 20.88  ? 1339 GLU A CG  1 
ATOM   212  C CD  . GLU A 1 48  ? -1.094  17.683  0.232   1.00 23.70  ? 1339 GLU A CD  1 
ATOM   213  O OE1 . GLU A 1 48  ? -0.043  17.985  0.815   1.00 26.58  ? 1339 GLU A OE1 1 
ATOM   214  O OE2 . GLU A 1 48  ? -1.889  18.523  -0.233  1.00 28.88  ? 1339 GLU A OE2 1 
ATOM   215  N N   . PRO A 1 49  ? 0.249   13.310  -1.632  1.00 14.52  ? 1340 PRO A N   1 
ATOM   216  C CA  . PRO A 1 49  ? 0.296   13.094  -3.084  1.00 14.18  ? 1340 PRO A CA  1 
ATOM   217  C C   . PRO A 1 49  ? -0.375  11.790  -3.573  1.00 12.99  ? 1340 PRO A C   1 
ATOM   218  O O   . PRO A 1 49  ? -0.652  11.667  -4.775  1.00 12.29  ? 1340 PRO A O   1 
ATOM   219  C CB  . PRO A 1 49  ? 1.810   13.029  -3.386  1.00 14.78  ? 1340 PRO A CB  1 
ATOM   220  C CG  . PRO A 1 49  ? 2.472   13.762  -2.230  1.00 14.72  ? 1340 PRO A CG  1 
ATOM   221  C CD  . PRO A 1 49  ? 1.600   13.371  -1.043  1.00 14.36  ? 1340 PRO A CD  1 
ATOM   222  N N   . PHE A 1 50  ? -0.602  10.842  -2.666  1.00 13.30  ? 1341 PHE A N   1 
ATOM   223  C CA  . PHE A 1 50  ? -0.942  9.424   -2.973  1.00 12.90  ? 1341 PHE A CA  1 
ATOM   224  C C   . PHE A 1 50  ? -2.375  9.081   -2.539  1.00 14.40  ? 1341 PHE A C   1 
ATOM   225  O O   . PHE A 1 50  ? -2.755  7.898   -2.603  1.00 13.53  ? 1341 PHE A O   1 
ATOM   226  C CB  . PHE A 1 50  ? 0.101   8.508   -2.319  1.00 12.41  ? 1341 PHE A CB  1 
ATOM   227  C CG  . PHE A 1 50  ? 1.528   8.997   -2.457  1.00 12.07  ? 1341 PHE A CG  1 
ATOM   228  C CD1 . PHE A 1 50  ? 2.173   9.004   -3.684  1.00 13.40  ? 1341 PHE A CD1 1 
ATOM   229  C CD2 . PHE A 1 50  ? 2.202   9.530   -1.368  1.00 12.81  ? 1341 PHE A CD2 1 
ATOM   230  C CE1 . PHE A 1 50  ? 3.462   9.506   -3.814  1.00 13.43  ? 1341 PHE A CE1 1 
ATOM   231  C CE2 . PHE A 1 50  ? 3.490   10.019  -1.497  1.00 13.42  ? 1341 PHE A CE2 1 
ATOM   232  C CZ  . PHE A 1 50  ? 4.115   10.022  -2.723  1.00 13.79  ? 1341 PHE A CZ  1 
ATOM   233  N N   . ARG A 1 51  ? -3.178  10.064  -2.125  1.00 15.15  ? 1342 ARG A N   1 
ATOM   234  C CA  . ARG A 1 51  ? -4.520  9.805   -1.532  1.00 16.27  ? 1342 ARG A CA  1 
ATOM   235  C C   . ARG A 1 51  ? -5.572  9.564   -2.622  1.00 16.46  ? 1342 ARG A C   1 
ATOM   236  O O   . ARG A 1 51  ? -6.669  9.070   -2.261  1.00 17.27  ? 1342 ARG A O   1 
ATOM   237  C CB  . ARG A 1 51  ? -4.963  10.968  -0.633  1.00 17.55  ? 1342 ARG A CB  1 
ATOM   238  C CG  . ARG A 1 51  ? -4.059  11.193  0.570   1.00 18.91  ? 1342 ARG A CG  1 
ATOM   239  C CD  . ARG A 1 51  ? -4.666  12.032  1.686   1.00 19.88  ? 1342 ARG A CD  1 
ATOM   240  N NE  . ARG A 1 51  ? -3.698  12.308  2.747   1.00 20.65  ? 1342 ARG A NE  1 
ATOM   241  C CZ  . ARG A 1 51  ? -3.325  13.510  3.209   1.00 21.86  ? 1342 ARG A CZ  1 
ATOM   242  N NH1 . ARG A 1 51  ? -3.846  14.635  2.734   1.00 22.98  ? 1342 ARG A NH1 1 
ATOM   243  N NH2 . ARG A 1 51  ? -2.421  13.582  4.170   1.00 22.77  ? 1342 ARG A NH2 1 
ATOM   244  N N   . GLN A 1 52  ? -5.285  9.941   -3.870  1.00 18.00  ? 1343 GLN A N   1 
ATOM   245  C CA  . GLN A 1 52  ? -6.232  9.855   -5.011  1.00 19.66  ? 1343 GLN A CA  1 
ATOM   246  C C   . GLN A 1 52  ? -5.426  9.628   -6.287  1.00 19.80  ? 1343 GLN A C   1 
ATOM   247  O O   . GLN A 1 52  ? -4.230  9.919   -6.318  1.00 18.57  ? 1343 GLN A O   1 
ATOM   248  C CB  . GLN A 1 52  ? -7.077  11.136  -5.126  1.00 23.16  ? 1343 GLN A CB  1 
ATOM   249  C CG  . GLN A 1 52  ? -7.838  11.522  -3.862  1.00 28.49  ? 1343 GLN A CG  1 
ATOM   250  C CD  . GLN A 1 52  ? -8.917  10.543  -3.446  1.00 31.62  ? 1343 GLN A CD  1 
ATOM   251  O OE1 . GLN A 1 52  ? -9.548  9.876   -4.267  1.00 36.11  ? 1343 GLN A OE1 1 
ATOM   252  N NE2 . GLN A 1 52  ? -9.155  10.462  -2.143  1.00 34.01  ? 1343 GLN A NE2 1 
ATOM   253  N N   . PRO A 1 53  ? -6.029  9.063   -7.361  1.00 21.65  ? 1344 PRO A N   1 
ATOM   254  C CA  . PRO A 1 53  ? -5.279  8.796   -8.585  1.00 22.31  ? 1344 PRO A CA  1 
ATOM   255  C C   . PRO A 1 53  ? -4.679  10.104  -9.116  1.00 22.98  ? 1344 PRO A C   1 
ATOM   256  O O   . PRO A 1 53  ? -5.314  11.162  -8.995  1.00 24.69  ? 1344 PRO A O   1 
ATOM   257  C CB  . PRO A 1 53  ? -6.296  8.187   -9.565  1.00 22.69  ? 1344 PRO A CB  1 
ATOM   258  C CG  . PRO A 1 53  ? -7.634  8.554   -8.976  1.00 23.77  ? 1344 PRO A CG  1 
ATOM   259  C CD  . PRO A 1 53  ? -7.436  8.653   -7.479  1.00 21.53  ? 1344 PRO A CD  1 
ATOM   260  N N   . VAL A 1 54  ? -3.456  10.012  -9.636  1.00 24.08  ? 1345 VAL A N   1 
ATOM   261  C CA  . VAL A 1 54  ? -2.731  11.135  -10.294 1.00 24.11  ? 1345 VAL A CA  1 
ATOM   262  C C   . VAL A 1 54  ? -3.663  11.731  -11.352 1.00 25.98  ? 1345 VAL A C   1 
ATOM   263  O O   . VAL A 1 54  ? -4.394  10.953  -12.015 1.00 24.52  ? 1345 VAL A O   1 
ATOM   264  C CB  . VAL A 1 54  ? -1.397  10.681  -10.912 1.00 24.49  ? 1345 VAL A CB  1 
ATOM   265  C CG1 . VAL A 1 54  ? -0.769  11.785  -11.755 1.00 23.90  ? 1345 VAL A CG1 1 
ATOM   266  C CG2 . VAL A 1 54  ? -0.417  10.194  -9.856  1.00 24.75  ? 1345 VAL A CG2 1 
ATOM   267  N N   . ASP A 1 55  ? -3.667  13.062  -11.443 1.00 28.24  ? 1346 ASP A N   1 
ATOM   268  C CA  . ASP A 1 55  ? -4.445  13.854  -12.429 1.00 31.82  ? 1346 ASP A CA  1 
ATOM   269  C C   . ASP A 1 55  ? -3.584  14.044  -13.682 1.00 32.50  ? 1346 ASP A C   1 
ATOM   270  O O   . ASP A 1 55  ? -2.469  14.590  -13.566 1.00 30.97  ? 1346 ASP A O   1 
ATOM   271  C CB  . ASP A 1 55  ? -4.900  15.191  -11.833 1.00 34.30  ? 1346 ASP A CB  1 
ATOM   272  C CG  . ASP A 1 55  ? -5.387  16.195  -12.863 1.00 36.77  ? 1346 ASP A CG  1 
ATOM   273  O OD1 . ASP A 1 55  ? -6.449  15.946  -13.478 1.00 39.42  ? 1346 ASP A OD1 1 
ATOM   274  O OD2 . ASP A 1 55  ? -4.683  17.205  -13.062 1.00 35.17  ? 1346 ASP A OD2 1 
ATOM   275  N N   . LEU A 1 56  ? -4.093  13.624  -14.838 1.00 36.53  ? 1347 LEU A N   1 
ATOM   276  C CA  . LEU A 1 56  ? -3.362  13.697  -16.130 1.00 38.27  ? 1347 LEU A CA  1 
ATOM   277  C C   . LEU A 1 56  ? -3.239  15.160  -16.575 1.00 40.03  ? 1347 LEU A C   1 
ATOM   278  O O   . LEU A 1 56  ? -2.213  15.500  -17.185 1.00 42.86  ? 1347 LEU A O   1 
ATOM   279  C CB  . LEU A 1 56  ? -4.095  12.843  -17.168 1.00 39.35  ? 1347 LEU A CB  1 
ATOM   280  C CG  . LEU A 1 56  ? -4.279  11.371  -16.792 1.00 40.58  ? 1347 LEU A CG  1 
ATOM   281  C CD1 . LEU A 1 56  ? -5.037  10.628  -17.876 1.00 42.33  ? 1347 LEU A CD1 1 
ATOM   282  C CD2 . LEU A 1 56  ? -2.943  10.696  -16.518 1.00 41.68  ? 1347 LEU A CD2 1 
ATOM   283  N N   . LEU A 1 57  ? -4.212  16.011  -16.242 1.00 42.64  ? 1348 LEU A N   1 
ATOM   284  C CA  . LEU A 1 57  ? -4.207  17.436  -16.672 1.00 43.94  ? 1348 LEU A CA  1 
ATOM   285  C C   . LEU A 1 57  ? -2.894  18.083  -16.216 1.00 42.60  ? 1348 LEU A C   1 
ATOM   286  O O   . LEU A 1 57  ? -2.282  18.802  -17.031 1.00 43.01  ? 1348 LEU A O   1 
ATOM   287  C CB  . LEU A 1 57  ? -5.431  18.165  -16.106 1.00 46.77  ? 1348 LEU A CB  1 
ATOM   288  C CG  . LEU A 1 57  ? -6.792  17.556  -16.450 1.00 50.58  ? 1348 LEU A CG  1 
ATOM   289  C CD1 . LEU A 1 57  ? -7.922  18.434  -15.932 1.00 52.80  ? 1348 LEU A CD1 1 
ATOM   290  C CD2 . LEU A 1 57  ? -6.938  17.331  -17.946 1.00 51.83  ? 1348 LEU A CD2 1 
ATOM   291  N N   . GLU A 1 58  ? -2.467  17.804  -14.979 1.00 39.98  ? 1349 GLU A N   1 
ATOM   292  C CA  . GLU A 1 58  ? -1.197  18.306  -14.385 1.00 41.07  ? 1349 GLU A CA  1 
ATOM   293  C C   . GLU A 1 58  ? 0.000   17.578  -15.014 1.00 37.68  ? 1349 GLU A C   1 
ATOM   294  O O   . GLU A 1 58  ? 1.048   18.234  -15.243 1.00 35.46  ? 1349 GLU A O   1 
ATOM   295  C CB  . GLU A 1 58  ? -1.200  18.089  -12.868 1.00 44.63  ? 1349 GLU A CB  1 
ATOM   296  C CG  . GLU A 1 58  ? -2.198  18.953  -12.119 1.00 47.43  ? 1349 GLU A CG  1 
ATOM   297  C CD  . GLU A 1 58  ? -2.637  18.404  -10.771 1.00 52.30  ? 1349 GLU A CD  1 
ATOM   298  O OE1 . GLU A 1 58  ? -1.769  18.275  -9.871  1.00 57.08  ? 1349 GLU A OE1 1 
ATOM   299  O OE2 . GLU A 1 58  ? -3.845  18.103  -10.619 1.00 52.26  ? 1349 GLU A OE2 1 
ATOM   300  N N   . TYR A 1 59  ? -0.144  16.266  -15.248 1.00 34.62  ? 1350 TYR A N   1 
ATOM   301  C CA  . TYR A 1 59  ? 0.934   15.343  -15.702 1.00 32.44  ? 1350 TYR A CA  1 
ATOM   302  C C   . TYR A 1 59  ? 0.462   14.603  -16.958 1.00 30.98  ? 1350 TYR A C   1 
ATOM   303  O O   . TYR A 1 59  ? 0.162   13.410  -16.911 1.00 30.42  ? 1350 TYR A O   1 
ATOM   304  C CB  . TYR A 1 59  ? 1.337   14.436  -14.532 1.00 32.92  ? 1350 TYR A CB  1 
ATOM   305  C CG  . TYR A 1 59  ? 1.663   15.196  -13.266 1.00 34.05  ? 1350 TYR A CG  1 
ATOM   306  C CD1 . TYR A 1 59  ? 2.932   15.699  -13.034 1.00 35.58  ? 1350 TYR A CD1 1 
ATOM   307  C CD2 . TYR A 1 59  ? 0.690   15.443  -12.313 1.00 37.11  ? 1350 TYR A CD2 1 
ATOM   308  C CE1 . TYR A 1 59  ? 3.233   16.416  -11.888 1.00 36.69  ? 1350 TYR A CE1 1 
ATOM   309  C CE2 . TYR A 1 59  ? 0.967   16.167  -11.163 1.00 38.17  ? 1350 TYR A CE2 1 
ATOM   310  C CZ  . TYR A 1 59  ? 2.243   16.651  -10.947 1.00 37.95  ? 1350 TYR A CZ  1 
ATOM   311  O OH  . TYR A 1 59  ? 2.496   17.355  -9.806  1.00 41.38  ? 1350 TYR A OH  1 
ATOM   312  N N   . PRO A 1 60  ? 0.374   15.292  -18.127 1.00 28.64  ? 1351 PRO A N   1 
ATOM   313  C CA  . PRO A 1 60  ? -0.183  14.693  -19.346 1.00 26.20  ? 1351 PRO A CA  1 
ATOM   314  C C   . PRO A 1 60  ? 0.640   13.517  -19.908 1.00 24.60  ? 1351 PRO A C   1 
ATOM   315  O O   . PRO A 1 60  ? 0.076   12.703  -20.630 1.00 22.54  ? 1351 PRO A O   1 
ATOM   316  C CB  . PRO A 1 60  ? -0.229  15.870  -20.351 1.00 27.06  ? 1351 PRO A CB  1 
ATOM   317  C CG  . PRO A 1 60  ? 0.836   16.832  -19.843 1.00 27.72  ? 1351 PRO A CG  1 
ATOM   318  C CD  . PRO A 1 60  ? 0.801   16.686  -18.333 1.00 29.64  ? 1351 PRO A CD  1 
ATOM   319  N N   . ASP A 1 61  ? 1.916   13.427  -19.520 1.00 23.21  ? 1352 ASP A N   1 
ATOM   320  C CA  . ASP A 1 61  ? 2.854   12.344  -19.930 1.00 23.01  ? 1352 ASP A CA  1 
ATOM   321  C C   . ASP A 1 61  ? 2.760   11.134  -18.976 1.00 21.42  ? 1352 ASP A C   1 
ATOM   322  O O   . ASP A 1 61  ? 3.425   10.126  -19.243 1.00 20.22  ? 1352 ASP A O   1 
ATOM   323  C CB  . ASP A 1 61  ? 4.300   12.863  -20.010 1.00 24.82  ? 1352 ASP A CB  1 
ATOM   324  C CG  . ASP A 1 61  ? 4.884   13.326  -18.689 1.00 24.93  ? 1352 ASP A CG  1 
ATOM   325  O OD1 . ASP A 1 61  ? 4.087   13.748  -17.810 1.00 28.26  ? 1352 ASP A OD1 1 
ATOM   326  O OD2 . ASP A 1 61  ? 6.130   13.244  -18.531 1.00 28.16  ? 1352 ASP A OD2 1 
ATOM   327  N N   . TYR A 1 62  ? 1.973   11.195  -17.899 1.00 19.93  ? 1353 TYR A N   1 
ATOM   328  C CA  . TYR A 1 62  ? 2.034   10.169  -16.817 1.00 18.25  ? 1353 TYR A CA  1 
ATOM   329  C C   . TYR A 1 62  ? 1.857   8.751   -17.389 1.00 19.47  ? 1353 TYR A C   1 
ATOM   330  O O   . TYR A 1 62  ? 2.648   7.873   -17.020 1.00 17.18  ? 1353 TYR A O   1 
ATOM   331  C CB  . TYR A 1 62  ? 1.015   10.477  -15.717 1.00 18.86  ? 1353 TYR A CB  1 
ATOM   332  C CG  . TYR A 1 62  ? 1.236   9.716   -14.433 1.00 18.09  ? 1353 TYR A CG  1 
ATOM   333  C CD1 . TYR A 1 62  ? 2.270   10.066  -13.581 1.00 17.69  ? 1353 TYR A CD1 1 
ATOM   334  C CD2 . TYR A 1 62  ? 0.434   8.638   -14.075 1.00 17.26  ? 1353 TYR A CD2 1 
ATOM   335  C CE1 . TYR A 1 62  ? 2.502   9.379   -12.398 1.00 16.95  ? 1353 TYR A CE1 1 
ATOM   336  C CE2 . TYR A 1 62  ? 0.638   7.954   -12.880 1.00 17.16  ? 1353 TYR A CE2 1 
ATOM   337  C CZ  . TYR A 1 62  ? 1.688   8.314   -12.049 1.00 16.23  ? 1353 TYR A CZ  1 
ATOM   338  O OH  . TYR A 1 62  ? 1.925   7.609   -10.893 1.00 15.61  ? 1353 TYR A OH  1 
ATOM   339  N N   . ARG A 1 63  ? 0.859   8.517   -18.249 1.00 18.97  ? 1354 ARG A N   1 
ATOM   340  C CA  . ARG A 1 63  ? 0.531   7.161   -18.762 1.00 21.77  ? 1354 ARG A CA  1 
ATOM   341  C C   . ARG A 1 63  ? 1.533   6.716   -19.836 1.00 20.38  ? 1354 ARG A C   1 
ATOM   342  O O   . ARG A 1 63  ? 1.473   5.541   -20.222 1.00 23.22  ? 1354 ARG A O   1 
ATOM   343  C CB  . ARG A 1 63  ? -0.900  7.105   -19.305 1.00 23.78  ? 1354 ARG A CB  1 
ATOM   344  C CG  . ARG A 1 63  ? -1.976  7.270   -18.240 1.00 27.22  ? 1354 ARG A CG  1 
ATOM   345  C CD  . ARG A 1 63  ? -1.802  6.348   -17.047 1.00 30.47  ? 1354 ARG A CD  1 
ATOM   346  N NE  . ARG A 1 63  ? -1.541  4.972   -17.453 1.00 33.37  ? 1354 ARG A NE  1 
ATOM   347  C CZ  . ARG A 1 63  ? -2.470  4.078   -17.799 1.00 35.97  ? 1354 ARG A CZ  1 
ATOM   348  N NH1 . ARG A 1 63  ? -3.758  4.385   -17.779 1.00 36.17  ? 1354 ARG A NH1 1 
ATOM   349  N NH2 . ARG A 1 63  ? -2.099  2.864   -18.162 1.00 41.18  ? 1354 ARG A NH2 1 
ATOM   350  N N   . ASP A 1 64  ? 2.434   7.588   -20.300 1.00 21.51  ? 1355 ASP A N   1 
ATOM   351  C CA  . ASP A 1 64  ? 3.569   7.170   -21.174 1.00 21.10  ? 1355 ASP A CA  1 
ATOM   352  C C   . ASP A 1 64  ? 4.643   6.488   -20.321 1.00 20.94  ? 1355 ASP A C   1 
ATOM   353  O O   . ASP A 1 64  ? 5.377   5.637   -20.873 1.00 22.81  ? 1355 ASP A O   1 
ATOM   354  C CB  . ASP A 1 64  ? 4.216   8.343   -21.912 1.00 22.24  ? 1355 ASP A CB  1 
ATOM   355  C CG  . ASP A 1 64  ? 3.275   9.117   -22.814 1.00 22.78  ? 1355 ASP A CG  1 
ATOM   356  O OD1 . ASP A 1 64  ? 2.273   8.539   -23.279 1.00 22.60  ? 1355 ASP A OD1 1 
ATOM   357  O OD2 . ASP A 1 64  ? 3.536   10.302  -23.016 1.00 24.84  ? 1355 ASP A OD2 1 
ATOM   358  N N   . ILE A 1 65  ? 4.752   6.888   -19.046 1.00 19.21  ? 1356 ILE A N   1 
ATOM   359  C CA  . ILE A 1 65  ? 5.761   6.383   -18.061 1.00 18.45  ? 1356 ILE A CA  1 
ATOM   360  C C   . ILE A 1 65  ? 5.141   5.282   -17.181 1.00 17.86  ? 1356 ILE A C   1 
ATOM   361  O O   . ILE A 1 65  ? 5.829   4.270   -16.922 1.00 19.29  ? 1356 ILE A O   1 
ATOM   362  C CB  . ILE A 1 65  ? 6.333   7.535   -17.201 1.00 18.21  ? 1356 ILE A CB  1 
ATOM   363  C CG1 . ILE A 1 65  ? 6.754   8.752   -18.035 1.00 17.85  ? 1356 ILE A CG1 1 
ATOM   364  C CG2 . ILE A 1 65  ? 7.472   7.042   -16.322 1.00 18.04  ? 1356 ILE A CG2 1 
ATOM   365  C CD1 . ILE A 1 65  ? 7.891   8.495   -19.010 1.00 18.55  ? 1356 ILE A CD1 1 
ATOM   366  N N   . ILE A 1 66  ? 3.884   5.443   -16.762 1.00 16.62  ? 1357 ILE A N   1 
ATOM   367  C CA  . ILE A 1 66  ? 3.212   4.577   -15.744 1.00 17.60  ? 1357 ILE A CA  1 
ATOM   368  C C   . ILE A 1 66  ? 2.107   3.764   -16.416 1.00 17.81  ? 1357 ILE A C   1 
ATOM   369  O O   . ILE A 1 66  ? 1.063   4.340   -16.761 1.00 18.88  ? 1357 ILE A O   1 
ATOM   370  C CB  . ILE A 1 66  ? 2.673   5.443   -14.585 1.00 16.63  ? 1357 ILE A CB  1 
ATOM   371  C CG1 . ILE A 1 66  ? 3.774   6.296   -13.939 1.00 18.60  ? 1357 ILE A CG1 1 
ATOM   372  C CG2 . ILE A 1 66  ? 1.924   4.579   -13.570 1.00 16.39  ? 1357 ILE A CG2 1 
ATOM   373  C CD1 . ILE A 1 66  ? 4.958   5.515   -13.437 1.00 19.22  ? 1357 ILE A CD1 1 
ATOM   374  N N   . ASP A 1 67  ? 2.295   2.453   -16.538 1.00 19.41  ? 1358 ASP A N   1 
ATOM   375  C CA  . ASP A 1 67  ? 1.297   1.536   -17.151 1.00 20.20  ? 1358 ASP A CA  1 
ATOM   376  C C   . ASP A 1 67  ? 0.120   1.287   -16.199 1.00 19.31  ? 1358 ASP A C   1 
ATOM   377  O O   . ASP A 1 67  ? -1.008  1.045   -16.684 1.00 20.17  ? 1358 ASP A O   1 
ATOM   378  C CB  . ASP A 1 67  ? 1.910   0.174   -17.477 1.00 22.46  ? 1358 ASP A CB  1 
ATOM   379  C CG  . ASP A 1 67  ? 3.121   0.211   -18.390 1.00 25.96  ? 1358 ASP A CG  1 
ATOM   380  O OD1 . ASP A 1 67  ? 3.151   1.078   -19.284 1.00 26.52  ? 1358 ASP A OD1 1 
ATOM   381  O OD2 . ASP A 1 67  ? 4.037   -0.635  -18.190 1.00 27.73  ? 1358 ASP A OD2 1 
ATOM   382  N N   . THR A 1 68  ? 0.370   1.269   -14.881 1.00 18.23  ? 1359 THR A N   1 
ATOM   383  C CA  . THR A 1 68  ? -0.628  0.833   -13.867 1.00 18.69  ? 1359 THR A CA  1 
ATOM   384  C C   . THR A 1 68  ? -0.674  1.850   -12.729 1.00 16.78  ? 1359 THR A C   1 
ATOM   385  O O   . THR A 1 68  ? -0.083  1.612   -11.666 1.00 17.06  ? 1359 THR A O   1 
ATOM   386  C CB  . THR A 1 68  ? -0.318  -0.571  -13.327 1.00 19.46  ? 1359 THR A CB  1 
ATOM   387  O OG1 . THR A 1 68  ? 0.034   -1.463  -14.387 1.00 22.31  ? 1359 THR A OG1 1 
ATOM   388  C CG2 . THR A 1 68  ? -1.492  -1.177  -12.589 1.00 20.98  ? 1359 THR A CG2 1 
ATOM   389  N N   . PRO A 1 69  ? -1.385  2.985   -12.904 1.00 16.37  ? 1360 PRO A N   1 
ATOM   390  C CA  . PRO A 1 69  ? -1.618  3.913   -11.792 1.00 15.82  ? 1360 PRO A CA  1 
ATOM   391  C C   . PRO A 1 69  ? -2.277  3.234   -10.576 1.00 14.39  ? 1360 PRO A C   1 
ATOM   392  O O   . PRO A 1 69  ? -3.131  2.373   -10.691 1.00 14.95  ? 1360 PRO A O   1 
ATOM   393  C CB  . PRO A 1 69  ? -2.522  4.984   -12.411 1.00 16.33  ? 1360 PRO A CB  1 
ATOM   394  C CG  . PRO A 1 69  ? -2.140  4.957   -13.882 1.00 17.23  ? 1360 PRO A CG  1 
ATOM   395  C CD  . PRO A 1 69  ? -1.976  3.481   -14.170 1.00 16.70  ? 1360 PRO A CD  1 
ATOM   396  N N   . MET A 1 70  ? -1.837  3.650   -9.390  1.00 14.42  ? 1361 MET A N   1 
ATOM   397  C CA  . MET A 1 70  ? -2.399  3.140   -8.106  1.00 13.95  ? 1361 MET A CA  1 
ATOM   398  C C   . MET A 1 70  ? -2.295  4.252   -7.071  1.00 13.21  ? 1361 MET A C   1 
ATOM   399  O O   . MET A 1 70  ? -1.416  5.096   -7.123  1.00 14.19  ? 1361 MET A O   1 
ATOM   400  C CB  . MET A 1 70  ? -1.655  1.881   -7.645  1.00 13.58  ? 1361 MET A CB  1 
ATOM   401  C CG  . MET A 1 70  ? -2.266  1.132   -6.483  1.00 13.21  ? 1361 MET A CG  1 
ATOM   402  S SD  . MET A 1 70  ? -3.989  0.707   -6.636  1.00 14.60  ? 1361 MET A SD  1 
ATOM   403  C CE  . MET A 1 70  ? -4.078  -0.279  -8.128  1.00 16.25  ? 1361 MET A CE  1 
ATOM   404  N N   . ASP A 1 71  ? -3.243  4.239   -6.134  1.00 12.97  ? 1362 ASP A N   1 
ATOM   405  C CA  . ASP A 1 71  ? -3.325  5.270   -5.080  1.00 12.94  ? 1362 ASP A CA  1 
ATOM   406  C C   . ASP A 1 71  ? -4.053  4.652   -3.878  1.00 11.69  ? 1362 ASP A C   1 
ATOM   407  O O   . ASP A 1 71  ? -4.679  3.586   -3.975  1.00 12.98  ? 1362 ASP A O   1 
ATOM   408  C CB  . ASP A 1 71  ? -4.105  6.471   -5.624  1.00 14.29  ? 1362 ASP A CB  1 
ATOM   409  C CG  . ASP A 1 71  ? -5.552  6.123   -5.909  1.00 16.36  ? 1362 ASP A CG  1 
ATOM   410  O OD1 . ASP A 1 71  ? -5.824  5.557   -6.970  1.00 18.28  ? 1362 ASP A OD1 1 
ATOM   411  O OD2 . ASP A 1 71  ? -6.351  6.254   -4.967  1.00 16.37  ? 1362 ASP A OD2 1 
ATOM   412  N N   . PHE A 1 72  ? -3.983  5.296   -2.723  1.00 12.35  ? 1363 PHE A N   1 
ATOM   413  C CA  . PHE A 1 72  ? -4.522  4.734   -1.476  1.00 11.89  ? 1363 PHE A CA  1 
ATOM   414  C C   . PHE A 1 72  ? -6.039  4.664   -1.427  1.00 14.17  ? 1363 PHE A C   1 
ATOM   415  O O   . PHE A 1 72  ? -6.562  3.759   -0.766  1.00 13.66  ? 1363 PHE A O   1 
ATOM   416  C CB  . PHE A 1 72  ? -3.957  5.454   -0.254  1.00 12.10  ? 1363 PHE A CB  1 
ATOM   417  C CG  . PHE A 1 72  ? -2.528  5.064   0.045   1.00 11.79  ? 1363 PHE A CG  1 
ATOM   418  C CD1 . PHE A 1 72  ? -2.203  3.828   0.581   1.00 12.43  ? 1363 PHE A CD1 1 
ATOM   419  C CD2 . PHE A 1 72  ? -1.485  5.921   -0.222  1.00 12.27  ? 1363 PHE A CD2 1 
ATOM   420  C CE1 . PHE A 1 72  ? -0.898  3.465   0.857   1.00 13.11  ? 1363 PHE A CE1 1 
ATOM   421  C CE2 . PHE A 1 72  ? -0.175  5.581   0.060   1.00 12.42  ? 1363 PHE A CE2 1 
ATOM   422  C CZ  . PHE A 1 72  ? 0.120   4.323   0.561   1.00 12.26  ? 1363 PHE A CZ  1 
ATOM   423  N N   . ALA A 1 73  ? -6.731  5.589   -2.105  1.00 13.09  ? 1364 ALA A N   1 
ATOM   424  C CA  . ALA A 1 73  ? -8.204  5.491   -2.171  1.00 13.23  ? 1364 ALA A CA  1 
ATOM   425  C C   . ALA A 1 73  ? -8.622  4.255   -2.967  1.00 14.59  ? 1364 ALA A C   1 
ATOM   426  O O   . ALA A 1 73  ? -9.533  3.518   -2.515  1.00 14.35  ? 1364 ALA A O   1 
ATOM   427  C CB  . ALA A 1 73  ? -8.788  6.751   -2.764  1.00 14.98  ? 1364 ALA A CB  1 
ATOM   428  N N   . THR A 1 74  ? -7.927  3.946   -4.040  1.00 13.53  ? 1365 THR A N   1 
ATOM   429  C CA  . THR A 1 74  ? -8.219  2.722   -4.813  1.00 12.93  ? 1365 THR A CA  1 
ATOM   430  C C   . THR A 1 74  ? -7.955  1.482   -3.955  1.00 12.16  ? 1365 THR A C   1 
ATOM   431  O O   . THR A 1 74  ? -8.763  0.547   -3.941  1.00 13.07  ? 1365 THR A O   1 
ATOM   432  C CB  . THR A 1 74  ? -7.427  2.656   -6.108  1.00 13.35  ? 1365 THR A CB  1 
ATOM   433  O OG1 . THR A 1 74  ? -7.835  3.776   -6.913  1.00 16.56  ? 1365 THR A OG1 1 
ATOM   434  C CG2 . THR A 1 74  ? -7.594  1.358   -6.879  1.00 14.39  ? 1365 THR A CG2 1 
ATOM   435  N N   . VAL A 1 75  ? -6.853  1.474   -3.208  1.00 12.07  ? 1366 VAL A N   1 
ATOM   436  C CA  . VAL A 1 75  ? -6.541  0.335   -2.301  1.00 11.94  ? 1366 VAL A CA  1 
ATOM   437  C C   . VAL A 1 75  ? -7.663  0.149   -1.269  1.00 12.35  ? 1366 VAL A C   1 
ATOM   438  O O   . VAL A 1 75  ? -8.149  -0.984  -1.046  1.00 12.18  ? 1366 VAL A O   1 
ATOM   439  C CB  . VAL A 1 75  ? -5.152  0.473   -1.644  1.00 12.12  ? 1366 VAL A CB  1 
ATOM   440  C CG1 . VAL A 1 75  ? -4.965  -0.629  -0.622  1.00 13.42  ? 1366 VAL A CG1 1 
ATOM   441  C CG2 . VAL A 1 75  ? -4.058  0.459   -2.676  1.00 13.51  ? 1366 VAL A CG2 1 
ATOM   442  N N   . ARG A 1 76  ? -8.073  1.229   -0.604  1.00 12.56  ? 1367 ARG A N   1 
ATOM   443  C CA  . ARG A 1 76  ? -9.152  1.170   0.413   1.00 12.86  ? 1367 ARG A CA  1 
ATOM   444  C C   . ARG A 1 76  ? -10.457 0.681   -0.219  1.00 13.93  ? 1367 ARG A C   1 
ATOM   445  O O   . ARG A 1 76  ? -11.140 -0.144  0.429   1.00 13.88  ? 1367 ARG A O   1 
ATOM   446  C CB  . ARG A 1 76  ? -9.338  2.577   1.005   1.00 15.29  ? 1367 ARG A CB  1 
ATOM   447  C CG  . ARG A 1 76  ? -10.412 2.651   2.069   1.00 19.78  ? 1367 ARG A CG  1 
ATOM   448  C CD  . ARG A 1 76  ? -10.399 4.114   2.528   1.00 24.69  ? 1367 ARG A CD  1 
ATOM   449  N NE  . ARG A 1 76  ? -9.661  4.292   3.751   1.00 26.96  ? 1367 ARG A NE  1 
ATOM   450  C CZ  . ARG A 1 76  ? -9.400  5.465   4.327   1.00 27.57  ? 1367 ARG A CZ  1 
ATOM   451  N NH1 . ARG A 1 76  ? -9.687  6.600   3.706   1.00 28.21  ? 1367 ARG A NH1 1 
ATOM   452  N NH2 . ARG A 1 76  ? -8.797  5.469   5.496   1.00 29.22  ? 1367 ARG A NH2 1 
ATOM   453  N N   . GLU A 1 77  ? -10.821 1.209   -1.375  1.00 13.40  ? 1368 GLU A N   1 
ATOM   454  C CA  . GLU A 1 77  ? -12.073 0.750   -2.039  1.00 14.69  ? 1368 GLU A CA  1 
ATOM   455  C C   . GLU A 1 77  ? -11.980 -0.731  -2.391  1.00 13.78  ? 1368 GLU A C   1 
ATOM   456  O O   . GLU A 1 77  ? -12.992 -1.436  -2.286  1.00 14.21  ? 1368 GLU A O   1 
ATOM   457  C CB  . GLU A 1 77  ? -12.223 1.616   -3.273  1.00 17.28  ? 1368 GLU A CB  1 
ATOM   458  C CG  . GLU A 1 77  ? -12.702 3.032   -3.005  1.00 21.29  ? 1368 GLU A CG  1 
ATOM   459  C CD  . GLU A 1 77  ? -12.445 4.087   -4.090  1.00 30.66  ? 1368 GLU A CD  1 
ATOM   460  O OE1 . GLU A 1 77  ? -11.994 3.726   -5.230  1.00 35.99  ? 1368 GLU A OE1 1 
ATOM   461  O OE2 . GLU A 1 77  ? -12.677 5.300   -3.779  1.00 42.56  ? 1368 GLU A OE2 1 
ATOM   462  N N   . THR A 1 78  ? -10.853 -1.188  -2.893  1.00 12.88  ? 1369 THR A N   1 
ATOM   463  C CA  . THR A 1 78  ? -10.682 -2.621  -3.282  1.00 12.65  ? 1369 THR A CA  1 
ATOM   464  C C   . THR A 1 78  ? -10.852 -3.486  -2.026  1.00 13.29  ? 1369 THR A C   1 
ATOM   465  O O   . THR A 1 78  ? -11.571 -4.539  -2.065  1.00 14.34  ? 1369 THR A O   1 
ATOM   466  C CB  . THR A 1 78  ? -9.323  -2.827  -3.944  1.00 12.87  ? 1369 THR A CB  1 
ATOM   467  O OG1 . THR A 1 78  ? -9.218  -2.019  -5.118  1.00 14.13  ? 1369 THR A OG1 1 
ATOM   468  C CG2 . THR A 1 78  ? -9.116  -4.270  -4.360  1.00 14.01  ? 1369 THR A CG2 1 
ATOM   469  N N   . LEU A 1 79  ? -10.241 -3.087  -0.911  1.00 12.26  ? 1370 LEU A N   1 
ATOM   470  C CA  . LEU A 1 79  ? -10.382 -3.832  0.357   1.00 12.89  ? 1370 LEU A CA  1 
ATOM   471  C C   . LEU A 1 79  ? -11.853 -3.867  0.784   1.00 13.22  ? 1370 LEU A C   1 
ATOM   472  O O   . LEU A 1 79  ? -12.399 -4.962  1.157   1.00 13.63  ? 1370 LEU A O   1 
ATOM   473  C CB  . LEU A 1 79  ? -9.454  -3.150  1.374   1.00 12.77  ? 1370 LEU A CB  1 
ATOM   474  C CG  . LEU A 1 79  ? -9.387  -3.826  2.753   1.00 13.18  ? 1370 LEU A CG  1 
ATOM   475  C CD1 . LEU A 1 79  ? -8.734  -5.209  2.627   1.00 13.52  ? 1370 LEU A CD1 1 
ATOM   476  C CD2 . LEU A 1 79  ? -8.637  -2.951  3.740   1.00 13.71  ? 1370 LEU A CD2 1 
ATOM   477  N N   . GLU A 1 80  ? -12.494 -2.710  0.809   1.00 13.56  ? 1371 GLU A N   1 
ATOM   478  C CA  . GLU A 1 80  ? -13.901 -2.587  1.311   1.00 15.90  ? 1371 GLU A CA  1 
ATOM   479  C C   . GLU A 1 80  ? -14.898 -3.299  0.401   1.00 15.21  ? 1371 GLU A C   1 
ATOM   480  O O   . GLU A 1 80  ? -15.935 -3.741  0.901   1.00 17.70  ? 1371 GLU A O   1 
ATOM   481  C CB  . GLU A 1 80  ? -14.225 -1.118  1.553   1.00 16.43  ? 1371 GLU A CB  1 
ATOM   482  C CG  . GLU A 1 80  ? -13.367 -0.523  2.693   1.00 25.08  ? 1371 GLU A CG  1 
ATOM   483  C CD  . GLU A 1 80  ? -13.405 -1.353  3.996   1.00 34.25  ? 1371 GLU A CD  1 
ATOM   484  O OE1 . GLU A 1 80  ? -14.388 -1.143  4.739   1.00 44.89  ? 1371 GLU A OE1 1 
ATOM   485  O OE2 . GLU A 1 80  ? -12.527 -2.297  4.241   1.00 26.23  ? 1371 GLU A OE2 1 
ATOM   486  N N   . ALA A 1 81  ? -14.610 -3.435  -0.874  1.00 14.31  ? 1372 ALA A N   1 
ATOM   487  C CA  . ALA A 1 81  ? -15.446 -4.190  -1.839  1.00 14.70  ? 1372 ALA A CA  1 
ATOM   488  C C   . ALA A 1 81  ? -15.302 -5.695  -1.609  1.00 15.45  ? 1372 ALA A C   1 
ATOM   489  O O   . ALA A 1 81  ? -16.060 -6.499  -2.224  1.00 17.08  ? 1372 ALA A O   1 
ATOM   490  C CB  . ALA A 1 81  ? -15.043 -3.865  -3.251  1.00 16.27  ? 1372 ALA A CB  1 
ATOM   491  N N   . GLY A 1 82  ? -14.321 -6.139  -0.802  1.00 14.70  ? 1373 GLY A N   1 
ATOM   492  C CA  . GLY A 1 82  ? -14.081 -7.583  -0.696  1.00 13.50  ? 1373 GLY A CA  1 
ATOM   493  C C   . GLY A 1 82  ? -13.385 -8.145  -1.898  1.00 13.83  ? 1373 GLY A C   1 
ATOM   494  O O   . GLY A 1 82  ? -13.623 -9.280  -2.292  1.00 15.02  ? 1373 GLY A O   1 
ATOM   495  N N   . ASN A 1 83  ? -12.464 -7.379  -2.506  1.00 13.21  ? 1374 ASN A N   1 
ATOM   496  C CA  . ASN A 1 83  ? -11.758 -7.780  -3.747  1.00 13.58  ? 1374 ASN A CA  1 
ATOM   497  C C   . ASN A 1 83  ? -10.245 -8.031  -3.549  1.00 13.07  ? 1374 ASN A C   1 
ATOM   498  O O   . ASN A 1 83  ? -9.501  -8.195  -4.509  1.00 14.30  ? 1374 ASN A O   1 
ATOM   499  C CB  . ASN A 1 83  ? -12.034 -6.746  -4.840  1.00 15.04  ? 1374 ASN A CB  1 
ATOM   500  C CG  . ASN A 1 83  ? -13.447 -6.754  -5.394  1.00 16.58  ? 1374 ASN A CG  1 
ATOM   501  O OD1 . ASN A 1 83  ? -13.686 -5.978  -6.324  1.00 19.70  ? 1374 ASN A OD1 1 
ATOM   502  N ND2 . ASN A 1 83  ? -14.333 -7.647  -4.998  1.00 16.32  ? 1374 ASN A ND2 1 
ATOM   503  N N   . TYR A 1 84  ? -9.812  -8.092  -2.276  1.00 13.72  ? 1375 TYR A N   1 
ATOM   504  C CA  . TYR A 1 84  ? -8.497  -8.674  -1.908  1.00 13.41  ? 1375 TYR A CA  1 
ATOM   505  C C   . TYR A 1 84  ? -8.775  -10.015 -1.216  1.00 13.89  ? 1375 TYR A C   1 
ATOM   506  O O   . TYR A 1 84  ? -9.606  -10.034 -0.320  1.00 15.08  ? 1375 TYR A O   1 
ATOM   507  C CB  . TYR A 1 84  ? -7.676  -7.746  -0.991  1.00 13.27  ? 1375 TYR A CB  1 
ATOM   508  C CG  . TYR A 1 84  ? -7.107  -6.515  -1.619  1.00 12.02  ? 1375 TYR A CG  1 
ATOM   509  C CD1 . TYR A 1 84  ? -6.388  -6.592  -2.783  1.00 12.29  ? 1375 TYR A CD1 1 
ATOM   510  C CD2 . TYR A 1 84  ? -7.310  -5.268  -1.081  1.00 12.20  ? 1375 TYR A CD2 1 
ATOM   511  C CE1 . TYR A 1 84  ? -5.832  -5.474  -3.375  1.00 12.09  ? 1375 TYR A CE1 1 
ATOM   512  C CE2 . TYR A 1 84  ? -6.771  -4.144  -1.637  1.00 12.24  ? 1375 TYR A CE2 1 
ATOM   513  C CZ  . TYR A 1 84  ? -6.029  -4.234  -2.798  1.00 12.04  ? 1375 TYR A CZ  1 
ATOM   514  O OH  . TYR A 1 84  ? -5.546  -3.079  -3.333  1.00 13.62  ? 1375 TYR A OH  1 
ATOM   515  N N   . GLU A 1 85  ? -8.061  -11.068 -1.643  1.00 15.25  ? 1376 GLU A N   1 
ATOM   516  C CA  . GLU A 1 85  ? -8.145  -12.365 -0.928  1.00 16.81  ? 1376 GLU A CA  1 
ATOM   517  C C   . GLU A 1 85  ? -7.145  -12.461 0.237   1.00 16.65  ? 1376 GLU A C   1 
ATOM   518  O O   . GLU A 1 85  ? -7.393  -13.232 1.208   1.00 20.17  ? 1376 GLU A O   1 
ATOM   519  C CB  . GLU A 1 85  ? -7.903  -13.525 -1.887  1.00 18.78  ? 1376 GLU A CB  1 
ATOM   520  C CG  . GLU A 1 85  ? -8.159  -14.842 -1.194  1.00 24.40  ? 1376 GLU A CG  1 
ATOM   521  C CD  . GLU A 1 85  ? -8.071  -16.043 -2.116  1.00 29.20  ? 1376 GLU A CD  1 
ATOM   522  O OE1 . GLU A 1 85  ? -7.644  -15.866 -3.294  1.00 37.05  ? 1376 GLU A OE1 1 
ATOM   523  O OE2 . GLU A 1 85  ? -8.487  -17.152 -1.654  1.00 33.72  ? 1376 GLU A OE2 1 
ATOM   524  N N   . SER A 1 86  ? -6.070  -11.684 0.229   1.00 14.72  ? 1377 SER A N   1 
ATOM   525  C CA  . SER A 1 86  ? -4.959  -11.842 1.189   1.00 15.45  ? 1377 SER A CA  1 
ATOM   526  C C   . SER A 1 86  ? -4.323  -10.489 1.392   1.00 13.86  ? 1377 SER A C   1 
ATOM   527  O O   . SER A 1 86  ? -4.378  -9.602  0.529   1.00 13.80  ? 1377 SER A O   1 
ATOM   528  C CB  . SER A 1 86  ? -3.930  -12.809 0.679   1.00 15.63  ? 1377 SER A CB  1 
ATOM   529  O OG  . SER A 1 86  ? -3.200  -12.253 -0.375  1.00 15.80  ? 1377 SER A OG  1 
ATOM   530  N N   . PRO A 1 87  ? -3.586  -10.297 2.505   1.00 13.14  ? 1378 PRO A N   1 
ATOM   531  C CA  . PRO A 1 87  ? -2.847  -9.055  2.699   1.00 13.52  ? 1378 PRO A CA  1 
ATOM   532  C C   . PRO A 1 87  ? -1.643  -8.949  1.746   1.00 12.70  ? 1378 PRO A C   1 
ATOM   533  O O   . PRO A 1 87  ? -1.210  -7.841  1.495   1.00 12.77  ? 1378 PRO A O   1 
ATOM   534  C CB  . PRO A 1 87  ? -2.337  -9.135  4.142   1.00 13.25  ? 1378 PRO A CB  1 
ATOM   535  C CG  . PRO A 1 87  ? -2.338  -10.636 4.486   1.00 13.48  ? 1378 PRO A CG  1 
ATOM   536  C CD  . PRO A 1 87  ? -3.500  -11.173 3.693   1.00 13.90  ? 1378 PRO A CD  1 
ATOM   537  N N   . MET A 1 88  ? -1.174  -10.060 1.172   1.00 11.83  ? 1379 MET A N   1 
ATOM   538  C CA  . MET A 1 88  ? -0.101  -10.008 0.149   1.00 13.20  ? 1379 MET A CA  1 
ATOM   539  C C   . MET A 1 88  ? -0.578  -9.234  -1.073  1.00 12.31  ? 1379 MET A C   1 
ATOM   540  O O   . MET A 1 88  ? 0.195   -8.514  -1.694  1.00 12.82  ? 1379 MET A O   1 
ATOM   541  C CB  . MET A 1 88  ? 0.400   -11.398 -0.241  1.00 13.23  ? 1379 MET A CB  1 
ATOM   542  C CG  . MET A 1 88  ? 1.023   -12.165 0.927   1.00 14.17  ? 1379 MET A CG  1 
ATOM   543  S SD  . MET A 1 88  ? -0.075  -13.038 2.033   1.00 16.30  ? 1379 MET A SD  1 
ATOM   544  C CE  . MET A 1 88  ? -0.432  -14.467 1.004   1.00 19.63  ? 1379 MET A CE  1 
ATOM   545  N N   . GLU A 1 89  ? -1.830  -9.434  -1.495  1.00 12.57  ? 1380 GLU A N   1 
ATOM   546  C CA  . GLU A 1 89  ? -2.334  -8.718  -2.657  1.00 13.03  ? 1380 GLU A CA  1 
ATOM   547  C C   . GLU A 1 89  ? -2.412  -7.210  -2.353  1.00 12.17  ? 1380 GLU A C   1 
ATOM   548  O O   . GLU A 1 89  ? -2.104  -6.374  -3.222  1.00 12.79  ? 1380 GLU A O   1 
ATOM   549  C CB  . GLU A 1 89  ? -3.713  -9.225  -3.038  1.00 14.86  ? 1380 GLU A CB  1 
ATOM   550  C CG  . GLU A 1 89  ? -3.760  -10.637 -3.560  1.00 15.50  ? 1380 GLU A CG  1 
ATOM   551  C CD  . GLU A 1 89  ? -5.159  -11.112 -3.894  1.00 17.92  ? 1380 GLU A CD  1 
ATOM   552  O OE1 . GLU A 1 89  ? -6.096  -10.487 -3.488  1.00 17.36  ? 1380 GLU A OE1 1 
ATOM   553  O OE2 . GLU A 1 89  ? -5.270  -12.222 -4.556  1.00 22.57  ? 1380 GLU A OE2 1 
ATOM   554  N N   . LEU A 1 90  ? -2.913  -6.834  -1.173  1.00 11.92  ? 1381 LEU A N   1 
ATOM   555  C CA  . LEU A 1 90  ? -2.964  -5.406  -0.781  1.00 12.75  ? 1381 LEU A CA  1 
ATOM   556  C C   . LEU A 1 90  ? -1.546  -4.824  -0.784  1.00 13.03  ? 1381 LEU A C   1 
ATOM   557  O O   . LEU A 1 90  ? -1.352  -3.693  -1.288  1.00 12.46  ? 1381 LEU A O   1 
ATOM   558  C CB  . LEU A 1 90  ? -3.647  -5.266  0.590   1.00 12.51  ? 1381 LEU A CB  1 
ATOM   559  C CG  . LEU A 1 90  ? -3.745  -3.830  1.145   1.00 12.18  ? 1381 LEU A CG  1 
ATOM   560  C CD1 . LEU A 1 90  ? -5.050  -3.613  1.905   1.00 12.57  ? 1381 LEU A CD1 1 
ATOM   561  C CD2 . LEU A 1 90  ? -2.529  -3.494  2.036   1.00 12.55  ? 1381 LEU A CD2 1 
ATOM   562  N N   A CYS A 1 91  ? -0.581  -5.564  -0.234  0.35 13.27  ? 1382 CYS A N   1 
ATOM   563  N N   B CYS A 1 91  ? -0.565  -5.535  -0.227  0.15 13.32  ? 1382 CYS A N   1 
ATOM   564  C CA  A CYS A 1 91  ? 0.820   -5.114  -0.125  0.35 12.84  ? 1382 CYS A CA  1 
ATOM   565  C CA  B CYS A 1 91  ? 0.841   -5.065  -0.215  0.15 13.30  ? 1382 CYS A CA  1 
ATOM   566  C C   A CYS A 1 91  ? 1.400   -4.887  -1.547  0.35 12.85  ? 1382 CYS A C   1 
ATOM   567  C C   B CYS A 1 91  ? 1.329   -4.796  -1.629  0.15 13.13  ? 1382 CYS A C   1 
ATOM   568  O O   A CYS A 1 91  ? 2.164   -3.922  -1.745  0.35 13.93  ? 1382 CYS A O   1 
ATOM   569  O O   B CYS A 1 91  ? 1.995   -3.764  -1.857  0.15 13.81  ? 1382 CYS A O   1 
ATOM   570  C CB  A CYS A 1 91  ? 1.589   -6.128  0.720   0.35 13.96  ? 1382 CYS A CB  1 
ATOM   571  C CB  B CYS A 1 91  ? 1.790   -6.106  0.333   0.15 13.81  ? 1382 CYS A CB  1 
ATOM   572  S SG  A CYS A 1 91  ? 3.283   -5.642  1.133   0.35 14.90  ? 1382 CYS A SG  1 
ATOM   573  S SG  B CYS A 1 91  ? 1.678   -6.122  2.123   0.15 14.47  ? 1382 CYS A SG  1 
ATOM   574  N N   . LYS A 1 92  ? 1.064   -5.742  -2.525  1.00 13.19  ? 1383 LYS A N   1 
ATOM   575  C CA  . LYS A 1 92  ? 1.573   -5.597  -3.894  1.00 13.86  ? 1383 LYS A CA  1 
ATOM   576  C C   . LYS A 1 92  ? 1.062   -4.253  -4.450  1.00 13.01  ? 1383 LYS A C   1 
ATOM   577  O O   . LYS A 1 92  ? 1.806   -3.494  -5.077  1.00 14.39  ? 1383 LYS A O   1 
ATOM   578  C CB  . LYS A 1 92  ? 1.146   -6.802  -4.720  1.00 17.28  ? 1383 LYS A CB  1 
ATOM   579  C CG  . LYS A 1 92  ? 1.604   -6.759  -6.150  1.00 19.23  ? 1383 LYS A CG  1 
ATOM   580  C CD  . LYS A 1 92  ? 1.354   -8.050  -6.837  1.00 24.59  ? 1383 LYS A CD  1 
ATOM   581  C CE  . LYS A 1 92  ? 1.247   -7.864  -8.334  1.00 31.28  ? 1383 LYS A CE  1 
ATOM   582  N NZ  . LYS A 1 92  ? 1.107   -9.174  -9.032  1.00 36.52  ? 1383 LYS A NZ  1 
ATOM   583  N N   . ASP A 1 93  ? -0.220  -3.923  -4.264  1.00 12.21  ? 1384 ASP A N   1 
ATOM   584  C CA  . ASP A 1 93  ? -0.778  -2.640  -4.760  1.00 12.80  ? 1384 ASP A CA  1 
ATOM   585  C C   . ASP A 1 93  ? -0.164  -1.422  -4.033  1.00 12.02  ? 1384 ASP A C   1 
ATOM   586  O O   . ASP A 1 93  ? 0.142   -0.413  -4.674  1.00 11.18  ? 1384 ASP A O   1 
ATOM   587  C CB  . ASP A 1 93  ? -2.293  -2.595  -4.661  1.00 12.69  ? 1384 ASP A CB  1 
ATOM   588  C CG  . ASP A 1 93  ? -3.041  -3.358  -5.737  1.00 17.42  ? 1384 ASP A CG  1 
ATOM   589  O OD1 . ASP A 1 93  ? -2.369  -3.793  -6.696  1.00 20.38  ? 1384 ASP A OD1 1 
ATOM   590  O OD2 . ASP A 1 93  ? -4.316  -3.477  -5.623  1.00 16.24  ? 1384 ASP A OD2 1 
ATOM   591  N N   . VAL A 1 94  ? 0.038   -1.508  -2.711  1.00 11.57  ? 1385 VAL A N   1 
ATOM   592  C CA  . VAL A 1 94  ? 0.668   -0.366  -1.988  1.00 11.64  ? 1385 VAL A CA  1 
ATOM   593  C C   . VAL A 1 94  ? 2.104   -0.189  -2.500  1.00 11.32  ? 1385 VAL A C   1 
ATOM   594  O O   . VAL A 1 94  ? 2.527   0.946   -2.747  1.00 11.52  ? 1385 VAL A O   1 
ATOM   595  C CB  . VAL A 1 94  ? 0.639   -0.575  -0.469  1.00 11.44  ? 1385 VAL A CB  1 
ATOM   596  C CG1 . VAL A 1 94  ? 1.499   0.449   0.230   1.00 11.63  ? 1385 VAL A CG1 1 
ATOM   597  C CG2 . VAL A 1 94  ? -0.783  -0.509  0.035   1.00 11.32  ? 1385 VAL A CG2 1 
ATOM   598  N N   . ARG A 1 95  ? 2.852   -1.285  -2.713  1.00 11.46  ? 1386 ARG A N   1 
ATOM   599  C CA  . ARG A 1 95  ? 4.232   -1.200  -3.228  1.00 11.62  ? 1386 ARG A CA  1 
ATOM   600  C C   . ARG A 1 95  ? 4.239   -0.581  -4.618  1.00 11.68  ? 1386 ARG A C   1 
ATOM   601  O O   . ARG A 1 95  ? 5.214   0.126   -4.966  1.00 12.74  ? 1386 ARG A O   1 
ATOM   602  C CB  . ARG A 1 95  ? 4.906   -2.564  -3.121  1.00 12.38  ? 1386 ARG A CB  1 
ATOM   603  C CG  . ARG A 1 95  ? 5.255   -2.902  -1.676  1.00 13.03  ? 1386 ARG A CG  1 
ATOM   604  C CD  . ARG A 1 95  ? 5.754   -4.328  -1.568  1.00 14.96  ? 1386 ARG A CD  1 
ATOM   605  N NE  . ARG A 1 95  ? 6.120   -4.654  -0.192  1.00 17.01  ? 1386 ARG A NE  1 
ATOM   606  C CZ  . ARG A 1 95  ? 6.501   -5.863  0.221   1.00 19.83  ? 1386 ARG A CZ  1 
ATOM   607  N NH1 . ARG A 1 95  ? 6.472   -6.906  -0.607  1.00 21.29  ? 1386 ARG A NH1 1 
ATOM   608  N NH2 . ARG A 1 95  ? 6.897   -6.028  1.473   1.00 22.38  ? 1386 ARG A NH2 1 
ATOM   609  N N   . LEU A 1 96  ? 3.186   -0.803  -5.409  1.00 11.75  ? 1387 LEU A N   1 
ATOM   610  C CA  . LEU A 1 96  ? 3.056   -0.202  -6.768  1.00 12.39  ? 1387 LEU A CA  1 
ATOM   611  C C   . LEU A 1 96  ? 2.903   1.322   -6.669  1.00 11.67  ? 1387 LEU A C   1 
ATOM   612  O O   . LEU A 1 96  ? 3.474   2.052   -7.483  1.00 11.96  ? 1387 LEU A O   1 
ATOM   613  C CB  . LEU A 1 96  ? 1.852   -0.807  -7.493  1.00 13.49  ? 1387 LEU A CB  1 
ATOM   614  C CG  . LEU A 1 96  ? 1.539   -0.337  -8.892  1.00 15.08  ? 1387 LEU A CG  1 
ATOM   615  C CD1 . LEU A 1 96  ? 2.691   -0.578  -9.817  1.00 16.66  ? 1387 LEU A CD1 1 
ATOM   616  C CD2 . LEU A 1 96  ? 0.286   -1.043  -9.377  1.00 15.00  ? 1387 LEU A CD2 1 
ATOM   617  N N   . ILE A 1 97  ? 2.212   1.838   -5.634  1.00 12.81  ? 1388 ILE A N   1 
ATOM   618  C CA  . ILE A 1 97  ? 2.138   3.316   -5.416  1.00 11.79  ? 1388 ILE A CA  1 
ATOM   619  C C   . ILE A 1 97  ? 3.575   3.837   -5.340  1.00 12.87  ? 1388 ILE A C   1 
ATOM   620  O O   . ILE A 1 97  ? 3.932   4.835   -5.994  1.00 12.59  ? 1388 ILE A O   1 
ATOM   621  C CB  . ILE A 1 97  ? 1.333   3.666   -4.143  1.00 12.32  ? 1388 ILE A CB  1 
ATOM   622  C CG1 . ILE A 1 97  ? -0.117  3.202   -4.290  1.00 11.71  ? 1388 ILE A CG1 1 
ATOM   623  C CG2 . ILE A 1 97  ? 1.387   5.137   -3.831  1.00 13.15  ? 1388 ILE A CG2 1 
ATOM   624  C CD1 . ILE A 1 97  ? -0.932  3.258   -2.970  1.00 12.30  ? 1388 ILE A CD1 1 
ATOM   625  N N   . PHE A 1 98  ? 4.408   3.179   -4.553  1.00 11.60  ? 1389 PHE A N   1 
ATOM   626  C CA  . PHE A 1 98  ? 5.783   3.667   -4.289  1.00 12.73  ? 1389 PHE A CA  1 
ATOM   627  C C   . PHE A 1 98  ? 6.683   3.464   -5.520  1.00 11.51  ? 1389 PHE A C   1 
ATOM   628  O O   . PHE A 1 98  ? 7.473   4.376   -5.844  1.00 12.57  ? 1389 PHE A O   1 
ATOM   629  C CB  . PHE A 1 98  ? 6.343   3.026   -3.022  1.00 12.69  ? 1389 PHE A CB  1 
ATOM   630  C CG  . PHE A 1 98  ? 5.528   3.312   -1.780  1.00 12.68  ? 1389 PHE A CG  1 
ATOM   631  C CD1 . PHE A 1 98  ? 5.037   4.564   -1.494  1.00 14.55  ? 1389 PHE A CD1 1 
ATOM   632  C CD2 . PHE A 1 98  ? 5.206   2.277   -0.916  1.00 13.52  ? 1389 PHE A CD2 1 
ATOM   633  C CE1 . PHE A 1 98  ? 4.296   4.814   -0.323  1.00 15.64  ? 1389 PHE A CE1 1 
ATOM   634  C CE2 . PHE A 1 98  ? 4.417   2.535   0.214   1.00 13.85  ? 1389 PHE A CE2 1 
ATOM   635  C CZ  . PHE A 1 98  ? 4.004   3.797   0.487   1.00 14.80  ? 1389 PHE A CZ  1 
ATOM   636  N N   . SER A 1 99  ? 6.574   2.331   -6.206  1.00 12.53  ? 1390 SER A N   1 
ATOM   637  C CA  . SER A 1 99  ? 7.417   2.136   -7.436  1.00 12.76  ? 1390 SER A CA  1 
ATOM   638  C C   . SER A 1 99  ? 6.991   3.117   -8.511  1.00 12.41  ? 1390 SER A C   1 
ATOM   639  O O   . SER A 1 99  ? 7.868   3.616   -9.280  1.00 13.39  ? 1390 SER A O   1 
ATOM   640  C CB  . SER A 1 99  ? 7.397   0.699   -7.901  1.00 14.03  ? 1390 SER A CB  1 
ATOM   641  O OG  . SER A 1 99  ? 6.116   0.292   -8.219  1.00 15.01  ? 1390 SER A OG  1 
ATOM   642  N N   . ASN A 1 100 ? 5.698   3.438   -8.631  1.00 12.17  ? 1391 ASN A N   1 
ATOM   643  C CA  . ASN A 1 100 ? 5.242   4.451   -9.616  1.00 12.66  ? 1391 ASN A CA  1 
ATOM   644  C C   . ASN A 1 100 ? 5.915   5.773   -9.297  1.00 12.78  ? 1391 ASN A C   1 
ATOM   645  O O   . ASN A 1 100 ? 6.399   6.492   -10.218 1.00 15.13  ? 1391 ASN A O   1 
ATOM   646  C CB  . ASN A 1 100 ? 3.737   4.561   -9.682  1.00 12.86  ? 1391 ASN A CB  1 
ATOM   647  C CG  . ASN A 1 100 ? 3.048   3.407   -10.356 1.00 12.97  ? 1391 ASN A CG  1 
ATOM   648  O OD1 . ASN A 1 100 ? 3.680   2.583   -11.021 1.00 14.32  ? 1391 ASN A OD1 1 
ATOM   649  N ND2 . ASN A 1 100 ? 1.741   3.364   -10.226 1.00 13.41  ? 1391 ASN A ND2 1 
ATOM   650  N N   . SER A 1 101 ? 5.950   6.185   -8.038  1.00 13.25  ? 1392 SER A N   1 
ATOM   651  C CA  . SER A 1 101 ? 6.560   7.480   -7.673  1.00 13.20  ? 1392 SER A CA  1 
ATOM   652  C C   . SER A 1 101 ? 8.055   7.489   -8.058  1.00 13.11  ? 1392 SER A C   1 
ATOM   653  O O   . SER A 1 101 ? 8.572   8.490   -8.565  1.00 13.18  ? 1392 SER A O   1 
ATOM   654  C CB  . SER A 1 101 ? 6.297   7.769   -6.225  1.00 13.37  ? 1392 SER A CB  1 
ATOM   655  O OG  . SER A 1 101 ? 6.897   9.026   -5.834  1.00 15.15  ? 1392 SER A OG  1 
ATOM   656  N N   . LYS A 1 102 ? 8.757   6.392   -7.763  1.00 14.53  ? 1393 LYS A N   1 
ATOM   657  C CA  . LYS A 1 102 ? 10.218  6.282   -8.003  1.00 16.53  ? 1393 LYS A CA  1 
ATOM   658  C C   . LYS A 1 102 ? 10.509  6.364   -9.503  1.00 16.88  ? 1393 LYS A C   1 
ATOM   659  O O   . LYS A 1 102 ? 11.560  6.924   -9.871  1.00 16.75  ? 1393 LYS A O   1 
ATOM   660  C CB  . LYS A 1 102 ? 10.774  4.984   -7.417  1.00 17.68  ? 1393 LYS A CB  1 
ATOM   661  C CG  . LYS A 1 102 ? 12.297  4.890   -7.440  1.00 20.02  ? 1393 LYS A CG  1 
ATOM   662  C CD  . LYS A 1 102 ? 12.801  3.474   -7.467  1.00 22.35  ? 1393 LYS A CD  1 
ATOM   663  C CE  . LYS A 1 102 ? 14.298  3.395   -7.660  1.00 23.84  ? 1393 LYS A CE  1 
ATOM   664  N NZ  . LYS A 1 102 ? 14.971  3.055   -6.389  1.00 24.70  ? 1393 LYS A NZ  1 
ATOM   665  N N   . ALA A 1 103 ? 9.588   5.872   -10.331 1.00 16.54  ? 1394 ALA A N   1 
ATOM   666  C CA  . ALA A 1 103 ? 9.712   5.862   -11.806 1.00 16.68  ? 1394 ALA A CA  1 
ATOM   667  C C   . ALA A 1 103 ? 9.444   7.259   -12.367 1.00 16.52  ? 1394 ALA A C   1 
ATOM   668  O O   . ALA A 1 103 ? 10.072  7.627   -13.380 1.00 17.21  ? 1394 ALA A O   1 
ATOM   669  C CB  . ALA A 1 103 ? 8.753   4.845   -12.383 1.00 17.10  ? 1394 ALA A CB  1 
ATOM   670  N N   . TYR A 1 104 ? 8.475   7.990   -11.821 1.00 16.15  ? 1395 TYR A N   1 
ATOM   671  C CA  . TYR A 1 104 ? 8.051   9.298   -12.383 1.00 16.76  ? 1395 TYR A CA  1 
ATOM   672  C C   . TYR A 1 104 ? 8.957   10.443  -11.905 1.00 17.02  ? 1395 TYR A C   1 
ATOM   673  O O   . TYR A 1 104 ? 8.928   11.482  -12.556 1.00 15.95  ? 1395 TYR A O   1 
ATOM   674  C CB  . TYR A 1 104 ? 6.584   9.604   -12.088 1.00 17.06  ? 1395 TYR A CB  1 
ATOM   675  C CG  . TYR A 1 104 ? 6.081   10.782  -12.881 1.00 17.81  ? 1395 TYR A CG  1 
ATOM   676  C CD1 . TYR A 1 104 ? 5.911   10.713  -14.254 1.00 17.97  ? 1395 TYR A CD1 1 
ATOM   677  C CD2 . TYR A 1 104 ? 5.791   11.979  -12.252 1.00 19.64  ? 1395 TYR A CD2 1 
ATOM   678  C CE1 . TYR A 1 104 ? 5.489   11.812  -14.984 1.00 17.44  ? 1395 TYR A CE1 1 
ATOM   679  C CE2 . TYR A 1 104 ? 5.350   13.081  -12.961 1.00 19.90  ? 1395 TYR A CE2 1 
ATOM   680  C CZ  . TYR A 1 104 ? 5.203   12.998  -14.334 1.00 18.04  ? 1395 TYR A CZ  1 
ATOM   681  O OH  . TYR A 1 104 ? 4.766   14.084  -15.031 1.00 19.33  ? 1395 TYR A OH  1 
ATOM   682  N N   . THR A 1 105 ? 9.711   10.305  -10.810 1.00 18.16  ? 1396 THR A N   1 
ATOM   683  C CA  . THR A 1 105 ? 10.533  11.409  -10.246 1.00 18.97  ? 1396 THR A CA  1 
ATOM   684  C C   . THR A 1 105 ? 11.710  11.724  -11.179 1.00 19.82  ? 1396 THR A C   1 
ATOM   685  O O   . THR A 1 105 ? 12.403  10.821  -11.660 1.00 19.36  ? 1396 THR A O   1 
ATOM   686  C CB  . THR A 1 105 ? 10.933  11.079  -8.802  1.00 19.68  ? 1396 THR A CB  1 
ATOM   687  O OG1 . THR A 1 105 ? 11.551  12.219  -8.212  1.00 18.49  ? 1396 THR A OG1 1 
ATOM   688  C CG2 . THR A 1 105 ? 11.872  9.901   -8.691  1.00 19.95  ? 1396 THR A CG2 1 
ATOM   689  N N   . PRO A 1 106 ? 11.983  13.019  -11.464 1.00 20.47  ? 1397 PRO A N   1 
ATOM   690  C CA  . PRO A 1 106 ? 13.155  13.389  -12.260 1.00 20.23  ? 1397 PRO A CA  1 
ATOM   691  C C   . PRO A 1 106 ? 14.439  13.436  -11.423 1.00 22.39  ? 1397 PRO A C   1 
ATOM   692  O O   . PRO A 1 106 ? 15.501  13.528  -12.000 1.00 21.98  ? 1397 PRO A O   1 
ATOM   693  C CB  . PRO A 1 106 ? 12.797  14.803  -12.731 1.00 21.46  ? 1397 PRO A CB  1 
ATOM   694  C CG  . PRO A 1 106 ? 12.031  15.365  -11.559 1.00 21.23  ? 1397 PRO A CG  1 
ATOM   695  C CD  . PRO A 1 106 ? 11.200  14.200  -11.052 1.00 19.95  ? 1397 PRO A CD  1 
ATOM   696  N N   . SER A 1 107 ? 14.293  13.444  -10.094 1.00 22.40  ? 1398 SER A N   1 
ATOM   697  C CA  . SER A 1 107 ? 15.382  13.593  -9.098  1.00 24.40  ? 1398 SER A CA  1 
ATOM   698  C C   . SER A 1 107 ? 15.088  12.696  -7.893  1.00 25.54  ? 1398 SER A C   1 
ATOM   699  O O   . SER A 1 107 ? 13.903  12.590  -7.478  1.00 23.51  ? 1398 SER A O   1 
ATOM   700  C CB  . SER A 1 107 ? 15.516  15.035  -8.669  1.00 24.78  ? 1398 SER A CB  1 
ATOM   701  O OG  . SER A 1 107 ? 16.361  15.151  -7.542  1.00 29.27  ? 1398 SER A OG  1 
ATOM   702  N N   . LYS A 1 108 ? 16.128  12.122  -7.290  1.00 28.70  ? 1399 LYS A N   1 
ATOM   703  C CA  . LYS A 1 108 ? 15.970  11.383  -6.011  1.00 31.90  ? 1399 LYS A CA  1 
ATOM   704  C C   . LYS A 1 108 ? 15.865  12.406  -4.874  1.00 34.94  ? 1399 LYS A C   1 
ATOM   705  O O   . LYS A 1 108 ? 15.575  11.984  -3.735  1.00 35.05  ? 1399 LYS A O   1 
ATOM   706  C CB  . LYS A 1 108 ? 17.086  10.347  -5.848  1.00 37.07  ? 1399 LYS A CB  1 
ATOM   707  C CG  . LYS A 1 108 ? 17.000  9.218   -6.872  1.00 40.26  ? 1399 LYS A CG  1 
ATOM   708  C CD  . LYS A 1 108 ? 17.765  7.961   -6.518  1.00 44.21  ? 1399 LYS A CD  1 
ATOM   709  C CE  . LYS A 1 108 ? 17.407  6.801   -7.423  1.00 46.02  ? 1399 LYS A CE  1 
ATOM   710  N NZ  . LYS A 1 108 ? 18.300  5.639   -7.197  1.00 48.39  ? 1399 LYS A NZ  1 
ATOM   711  N N   . ARG A 1 109 ? 16.055  13.694  -5.192  1.00 33.20  ? 1400 ARG A N   1 
ATOM   712  C CA  . ARG A 1 109 ? 15.918  14.840  -4.253  1.00 35.00  ? 1400 ARG A CA  1 
ATOM   713  C C   . ARG A 1 109 ? 14.614  15.594  -4.542  1.00 32.41  ? 1400 ARG A C   1 
ATOM   714  O O   . ARG A 1 109 ? 14.582  16.818  -4.357  1.00 34.96  ? 1400 ARG A O   1 
ATOM   715  C CB  . ARG A 1 109 ? 17.107  15.798  -4.394  1.00 38.21  ? 1400 ARG A CB  1 
ATOM   716  C CG  . ARG A 1 109 ? 18.476  15.129  -4.370  1.00 41.16  ? 1400 ARG A CG  1 
ATOM   717  C CD  . ARG A 1 109 ? 19.594  16.122  -4.639  1.00 42.74  ? 1400 ARG A CD  1 
ATOM   718  N NE  . ARG A 1 109 ? 19.574  17.224  -3.681  1.00 44.81  ? 1400 ARG A NE  1 
ATOM   719  C CZ  . ARG A 1 109 ? 18.984  18.410  -3.865  1.00 46.87  ? 1400 ARG A CZ  1 
ATOM   720  N NH1 . ARG A 1 109 ? 18.344  18.693  -4.989  1.00 49.57  ? 1400 ARG A NH1 1 
ATOM   721  N NH2 . ARG A 1 109 ? 19.031  19.318  -2.904  1.00 49.24  ? 1400 ARG A NH2 1 
ATOM   722  N N   . SER A 1 110 ? 13.570  14.900  -4.994  1.00 27.36  ? 1401 SER A N   1 
ATOM   723  C CA  . SER A 1 110 ? 12.243  15.509  -5.258  1.00 23.19  ? 1401 SER A CA  1 
ATOM   724  C C   . SER A 1 110 ? 11.393  15.471  -3.981  1.00 20.36  ? 1401 SER A C   1 
ATOM   725  O O   . SER A 1 110 ? 11.521  14.511  -3.201  1.00 18.23  ? 1401 SER A O   1 
ATOM   726  C CB  . SER A 1 110 ? 11.566  14.840  -6.417  1.00 23.83  ? 1401 SER A CB  1 
ATOM   727  O OG  . SER A 1 110 ? 10.193  14.578  -6.152  1.00 27.50  ? 1401 SER A OG  1 
ATOM   728  N N   . ARG A 1 111 ? 10.572  16.496  -3.772  1.00 18.43  ? 1402 ARG A N   1 
ATOM   729  C CA  . ARG A 1 111 ? 9.658   16.586  -2.607  1.00 18.98  ? 1402 ARG A CA  1 
ATOM   730  C C   . ARG A 1 111 ? 8.775   15.339  -2.575  1.00 17.96  ? 1402 ARG A C   1 
ATOM   731  O O   . ARG A 1 111 ? 8.813   14.595  -1.579  1.00 17.35  ? 1402 ARG A O   1 
ATOM   732  C CB  . ARG A 1 111 ? 8.788   17.846  -2.715  1.00 19.13  ? 1402 ARG A CB  1 
ATOM   733  C CG  . ARG A 1 111 ? 7.652   17.906  -1.702  1.00 19.33  ? 1402 ARG A CG  1 
ATOM   734  C CD  . ARG A 1 111 ? 8.197   18.285  -0.337  1.00 19.81  ? 1402 ARG A CD  1 
ATOM   735  N NE  . ARG A 1 111 ? 7.297   18.063  0.797   1.00 22.54  ? 1402 ARG A NE  1 
ATOM   736  C CZ  . ARG A 1 111 ? 6.393   18.926  1.265   1.00 21.86  ? 1402 ARG A CZ  1 
ATOM   737  N NH1 . ARG A 1 111 ? 6.240   20.115  0.717   1.00 23.99  ? 1402 ARG A NH1 1 
ATOM   738  N NH2 . ARG A 1 111 ? 5.642   18.600  2.306   1.00 24.48  ? 1402 ARG A NH2 1 
ATOM   739  N N   . ILE A 1 112 ? 7.969   15.141  -3.612  1.00 16.61  ? 1403 ILE A N   1 
ATOM   740  C CA  . ILE A 1 112 ? 6.921   14.072  -3.634  1.00 17.45  ? 1403 ILE A CA  1 
ATOM   741  C C   . ILE A 1 112 ? 7.586   12.691  -3.542  1.00 16.61  ? 1403 ILE A C   1 
ATOM   742  O O   . ILE A 1 112 ? 7.065   11.811  -2.818  1.00 15.48  ? 1403 ILE A O   1 
ATOM   743  C CB  . ILE A 1 112 ? 6.004   14.218  -4.864  1.00 17.34  ? 1403 ILE A CB  1 
ATOM   744  C CG1 . ILE A 1 112 ? 5.070   15.421  -4.690  1.00 18.21  ? 1403 ILE A CG1 1 
ATOM   745  C CG2 . ILE A 1 112 ? 5.224   12.930  -5.135  1.00 18.72  ? 1403 ILE A CG2 1 
ATOM   746  C CD1 . ILE A 1 112 ? 4.339   15.866  -5.947  1.00 19.89  ? 1403 ILE A CD1 1 
ATOM   747  N N   . TYR A 1 113 ? 8.737   12.491  -4.181  1.00 14.25  ? 1404 TYR A N   1 
ATOM   748  C CA  . TYR A 1 113 ? 9.481   11.210  -4.103  1.00 14.84  ? 1404 TYR A CA  1 
ATOM   749  C C   . TYR A 1 113 ? 9.956   10.986  -2.668  1.00 14.83  ? 1404 TYR A C   1 
ATOM   750  O O   . TYR A 1 113 ? 9.737   9.883   -2.146  1.00 15.36  ? 1404 TYR A O   1 
ATOM   751  C CB  . TYR A 1 113 ? 10.647  11.185  -5.092  1.00 15.82  ? 1404 TYR A CB  1 
ATOM   752  C CG  . TYR A 1 113 ? 11.496  9.944   -5.003  1.00 15.93  ? 1404 TYR A CG  1 
ATOM   753  C CD1 . TYR A 1 113 ? 10.946  8.683   -5.149  1.00 16.89  ? 1404 TYR A CD1 1 
ATOM   754  C CD2 . TYR A 1 113 ? 12.860  10.034  -4.763  1.00 16.47  ? 1404 TYR A CD2 1 
ATOM   755  C CE1 . TYR A 1 113 ? 11.735  7.539   -5.061  1.00 17.25  ? 1404 TYR A CE1 1 
ATOM   756  C CE2 . TYR A 1 113 ? 13.662  8.911   -4.693  1.00 18.08  ? 1404 TYR A CE2 1 
ATOM   757  C CZ  . TYR A 1 113 ? 13.097  7.655   -4.841  1.00 17.28  ? 1404 TYR A CZ  1 
ATOM   758  O OH  . TYR A 1 113 ? 13.928  6.570   -4.762  1.00 18.60  ? 1404 TYR A OH  1 
ATOM   759  N N   A SER A 1 114 ? 10.583  11.983  -2.037  0.32 15.13  ? 1405 SER A N   1 
ATOM   760  N N   B SER A 1 114 ? 10.577  11.965  -2.020  0.32 15.41  ? 1405 SER A N   1 
ATOM   761  C CA  A SER A 1 114 ? 11.052  11.900  -0.629  0.32 15.17  ? 1405 SER A CA  1 
ATOM   762  C CA  B SER A 1 114 ? 11.039  11.844  -0.612  0.32 15.62  ? 1405 SER A CA  1 
ATOM   763  C C   A SER A 1 114 ? 9.874   11.602  0.314   0.32 14.56  ? 1405 SER A C   1 
ATOM   764  C C   B SER A 1 114 ? 9.856   11.582  0.332   0.32 14.84  ? 1405 SER A C   1 
ATOM   765  O O   A SER A 1 114 ? 10.073  10.894  1.325   0.32 14.04  ? 1405 SER A O   1 
ATOM   766  O O   B SER A 1 114 ? 10.041  10.885  1.353   0.32 14.21  ? 1405 SER A O   1 
ATOM   767  C CB  A SER A 1 114 ? 11.795  13.143  -0.194  0.32 16.32  ? 1405 SER A CB  1 
ATOM   768  C CB  B SER A 1 114 ? 11.807  13.049  -0.179  0.32 17.13  ? 1405 SER A CB  1 
ATOM   769  O OG  A SER A 1 114 ? 10.905  14.220  0.063   0.32 16.75  ? 1405 SER A OG  1 
ATOM   770  O OG  B SER A 1 114 ? 12.947  13.192  -0.996  0.32 18.04  ? 1405 SER A OG  1 
ATOM   771  N N   . MET A 1 115 ? 8.687   12.149  0.048   1.00 14.34  ? 1406 MET A N   1 
ATOM   772  C CA  . MET A 1 115 ? 7.459   11.813  0.813   1.00 14.20  ? 1406 MET A CA  1 
ATOM   773  C C   . MET A 1 115 ? 7.168   10.313  0.613   1.00 13.63  ? 1406 MET A C   1 
ATOM   774  O O   . MET A 1 115 ? 6.889   9.598   1.611   1.00 13.56  ? 1406 MET A O   1 
ATOM   775  C CB  . MET A 1 115 ? 6.255   12.647  0.367   1.00 14.93  ? 1406 MET A CB  1 
ATOM   776  C CG  . MET A 1 115 ? 6.221   14.048  0.964   1.00 15.79  ? 1406 MET A CG  1 
ATOM   777  S SD  . MET A 1 115 ? 5.098   15.164  0.078   1.00 18.05  ? 1406 MET A SD  1 
ATOM   778  C CE  . MET A 1 115 ? 3.626   15.133  1.090   1.00 19.74  ? 1406 MET A CE  1 
ATOM   779  N N   . SER A 1 116 ? 7.245   9.829   -0.628  1.00 13.15  ? 1407 SER A N   1 
ATOM   780  C CA  . SER A 1 116 ? 7.020   8.395   -0.946  1.00 13.40  ? 1407 SER A CA  1 
ATOM   781  C C   . SER A 1 116 ? 7.953   7.540   -0.078  1.00 12.91  ? 1407 SER A C   1 
ATOM   782  O O   . SER A 1 116 ? 7.503   6.536   0.442   1.00 13.77  ? 1407 SER A O   1 
ATOM   783  C CB  . SER A 1 116 ? 7.175   8.089   -2.434  1.00 13.88  ? 1407 SER A CB  1 
ATOM   784  O OG  . SER A 1 116 ? 8.513   7.783   -2.791  1.00 14.77  ? 1407 SER A OG  1 
ATOM   785  N N   . LEU A 1 117 ? 9.228   7.908   0.082   1.00 13.54  ? 1408 LEU A N   1 
ATOM   786  C CA  . LEU A 1 117 ? 10.224  7.017   0.738   1.00 14.37  ? 1408 LEU A CA  1 
ATOM   787  C C   . LEU A 1 117 ? 9.962   6.951   2.253   1.00 13.33  ? 1408 LEU A C   1 
ATOM   788  O O   . LEU A 1 117 ? 10.063  5.863   2.839   1.00 13.33  ? 1408 LEU A O   1 
ATOM   789  C CB  . LEU A 1 117 ? 11.652  7.477   0.425   1.00 14.97  ? 1408 LEU A CB  1 
ATOM   790  C CG  . LEU A 1 117 ? 12.049  7.493   -1.055  1.00 15.02  ? 1408 LEU A CG  1 
ATOM   791  C CD1 . LEU A 1 117 ? 13.422  8.126   -1.251  1.00 15.89  ? 1408 LEU A CD1 1 
ATOM   792  C CD2 . LEU A 1 117 ? 12.012  6.091   -1.663  1.00 16.42  ? 1408 LEU A CD2 1 
ATOM   793  N N   . ARG A 1 118 ? 9.579   8.069   2.891   1.00 12.98  ? 1409 ARG A N   1 
ATOM   794  C CA  . ARG A 1 118 ? 9.224   8.047   4.331   1.00 12.40  ? 1409 ARG A CA  1 
ATOM   795  C C   . ARG A 1 118 ? 7.935   7.236   4.526   1.00 12.59  ? 1409 ARG A C   1 
ATOM   796  O O   . ARG A 1 118 ? 7.842   6.414   5.459   1.00 12.94  ? 1409 ARG A O   1 
ATOM   797  C CB  . ARG A 1 118 ? 9.017   9.447   4.901   1.00 13.10  ? 1409 ARG A CB  1 
ATOM   798  C CG  . ARG A 1 118 ? 10.311  10.262  5.030   1.00 13.57  ? 1409 ARG A CG  1 
ATOM   799  C CD  . ARG A 1 118 ? 10.109  11.601  5.773   1.00 14.76  ? 1409 ARG A CD  1 
ATOM   800  N NE  . ARG A 1 118 ? 9.174   12.488  5.118   1.00 14.62  ? 1409 ARG A NE  1 
ATOM   801  C CZ  . ARG A 1 118 ? 9.486   13.490  4.313   1.00 17.46  ? 1409 ARG A CZ  1 
ATOM   802  N NH1 . ARG A 1 118 ? 10.745  13.766  4.066   1.00 18.11  ? 1409 ARG A NH1 1 
ATOM   803  N NH2 . ARG A 1 118 ? 8.502   14.218  3.772   1.00 19.23  ? 1409 ARG A NH2 1 
ATOM   804  N N   . LEU A 1 119 ? 6.939   7.416   3.668   1.00 12.34  ? 1410 LEU A N   1 
ATOM   805  C CA  . LEU A 1 119 ? 5.683   6.666   3.813   1.00 12.49  ? 1410 LEU A CA  1 
ATOM   806  C C   . LEU A 1 119 ? 5.891   5.169   3.597   1.00 12.10  ? 1410 LEU A C   1 
ATOM   807  O O   . LEU A 1 119 ? 5.282   4.356   4.320   1.00 12.70  ? 1410 LEU A O   1 
ATOM   808  C CB  . LEU A 1 119 ? 4.647   7.236   2.856   1.00 14.63  ? 1410 LEU A CB  1 
ATOM   809  C CG  . LEU A 1 119 ? 3.189   6.885   3.169   1.00 15.50  ? 1410 LEU A CG  1 
ATOM   810  C CD1 . LEU A 1 119 ? 2.741   7.527   4.487   1.00 16.71  ? 1410 LEU A CD1 1 
ATOM   811  C CD2 . LEU A 1 119 ? 2.314   7.366   2.030   1.00 14.42  ? 1410 LEU A CD2 1 
ATOM   812  N N   . SER A 1 120 ? 6.759   4.804   2.661   1.00 11.76  ? 1411 SER A N   1 
ATOM   813  C CA  . SER A 1 120 ? 7.081   3.390   2.407   1.00 12.29  ? 1411 SER A CA  1 
ATOM   814  C C   . SER A 1 120 ? 7.700   2.791   3.674   1.00 12.51  ? 1411 SER A C   1 
ATOM   815  O O   . SER A 1 120 ? 7.370   1.647   4.041   1.00 12.59  ? 1411 SER A O   1 
ATOM   816  C CB  . SER A 1 120 ? 8.023   3.293   1.219   1.00 12.61  ? 1411 SER A CB  1 
ATOM   817  O OG  . SER A 1 120 ? 8.478   1.946   1.042   1.00 14.81  ? 1411 SER A OG  1 
ATOM   818  N N   . ALA A 1 121 ? 8.676   3.457   4.311   1.00 11.94  ? 1412 ALA A N   1 
ATOM   819  C CA  . ALA A 1 121 ? 9.297   2.918   5.529   1.00 12.77  ? 1412 ALA A CA  1 
ATOM   820  C C   . ALA A 1 121 ? 8.240   2.709   6.614   1.00 11.79  ? 1412 ALA A C   1 
ATOM   821  O O   . ALA A 1 121 ? 8.245   1.696   7.298   1.00 13.35  ? 1412 ALA A O   1 
ATOM   822  C CB  . ALA A 1 121 ? 10.386  3.836   6.028   1.00 13.58  ? 1412 ALA A CB  1 
ATOM   823  N N   . PHE A 1 122 ? 7.319   3.659   6.748   1.00 11.95  ? 1413 PHE A N   1 
ATOM   824  C CA  . PHE A 1 122 ? 6.231   3.551   7.767   1.00 12.09  ? 1413 PHE A CA  1 
ATOM   825  C C   . PHE A 1 122 ? 5.331   2.335   7.440   1.00 12.83  ? 1413 PHE A C   1 
ATOM   826  O O   . PHE A 1 122 ? 5.009   1.481   8.306   1.00 12.99  ? 1413 PHE A O   1 
ATOM   827  C CB  . PHE A 1 122 ? 5.419   4.835   7.814   1.00 12.48  ? 1413 PHE A CB  1 
ATOM   828  C CG  . PHE A 1 122 ? 4.231   4.818   8.727   1.00 14.41  ? 1413 PHE A CG  1 
ATOM   829  C CD1 . PHE A 1 122 ? 4.376   5.043   10.090  1.00 16.81  ? 1413 PHE A CD1 1 
ATOM   830  C CD2 . PHE A 1 122 ? 2.961   4.520   8.246   1.00 14.87  ? 1413 PHE A CD2 1 
ATOM   831  C CE1 . PHE A 1 122 ? 3.276   4.958   10.933  1.00 18.81  ? 1413 PHE A CE1 1 
ATOM   832  C CE2 . PHE A 1 122 ? 1.861   4.518   9.096   1.00 17.03  ? 1413 PHE A CE2 1 
ATOM   833  C CZ  . PHE A 1 122 ? 2.021   4.701   10.448  1.00 19.34  ? 1413 PHE A CZ  1 
ATOM   834  N N   . PHE A 1 123 ? 4.914   2.220   6.166   1.00 12.51  ? 1414 PHE A N   1 
ATOM   835  C CA  . PHE A 1 123 ? 4.080   1.091   5.730   1.00 12.44  ? 1414 PHE A CA  1 
ATOM   836  C C   . PHE A 1 123 ? 4.770   -0.249  5.978   1.00 11.89  ? 1414 PHE A C   1 
ATOM   837  O O   . PHE A 1 123 ? 4.143   -1.167  6.546   1.00 12.89  ? 1414 PHE A O   1 
ATOM   838  C CB  . PHE A 1 123 ? 3.716   1.242   4.249   1.00 13.47  ? 1414 PHE A CB  1 
ATOM   839  C CG  . PHE A 1 123 ? 2.971   0.064   3.660   1.00 13.29  ? 1414 PHE A CG  1 
ATOM   840  C CD1 . PHE A 1 123 ? 1.649   -0.159  4.010   1.00 13.37  ? 1414 PHE A CD1 1 
ATOM   841  C CD2 . PHE A 1 123 ? 3.652   -0.905  2.902   1.00 13.63  ? 1414 PHE A CD2 1 
ATOM   842  C CE1 . PHE A 1 123 ? 0.996   -1.310  3.532   1.00 14.52  ? 1414 PHE A CE1 1 
ATOM   843  C CE2 . PHE A 1 123 ? 2.969   -2.016  2.422   1.00 14.24  ? 1414 PHE A CE2 1 
ATOM   844  C CZ  . PHE A 1 123 ? 1.655   -2.202  2.739   1.00 15.42  ? 1414 PHE A CZ  1 
ATOM   845  N N   . GLU A 1 124 ? 6.031   -0.391  5.577   1.00 11.60  ? 1415 GLU A N   1 
ATOM   846  C CA  . GLU A 1 124 ? 6.750   -1.669  5.704   1.00 13.53  ? 1415 GLU A CA  1 
ATOM   847  C C   . GLU A 1 124 ? 6.875   -2.037  7.175   1.00 14.13  ? 1415 GLU A C   1 
ATOM   848  O O   . GLU A 1 124 ? 6.767   -3.215  7.548   1.00 15.46  ? 1415 GLU A O   1 
ATOM   849  C CB  . GLU A 1 124 ? 8.111   -1.656  5.005   1.00 14.13  ? 1415 GLU A CB  1 
ATOM   850  C CG  . GLU A 1 124 ? 7.993   -1.555  3.467   1.00 15.30  ? 1415 GLU A CG  1 
ATOM   851  C CD  . GLU A 1 124 ? 7.354   -2.726  2.742   1.00 17.71  ? 1415 GLU A CD  1 
ATOM   852  O OE1 . GLU A 1 124 ? 7.401   -3.855  3.302   1.00 18.73  ? 1415 GLU A OE1 1 
ATOM   853  O OE2 . GLU A 1 124 ? 6.754   -2.530  1.680   1.00 16.23  ? 1415 GLU A OE2 1 
ATOM   854  N N   . GLU A 1 125 ? 7.163   -1.044  8.012   1.00 13.56  ? 1416 GLU A N   1 
ATOM   855  C CA  . GLU A 1 125 ? 7.305   -1.292  9.479   1.00 15.20  ? 1416 GLU A CA  1 
ATOM   856  C C   . GLU A 1 125 ? 6.020   -1.887  10.046  1.00 14.59  ? 1416 GLU A C   1 
ATOM   857  O O   . GLU A 1 125 ? 6.075   -2.817  10.890  1.00 15.49  ? 1416 GLU A O   1 
ATOM   858  C CB  . GLU A 1 125 ? 7.628   0.063   10.121  1.00 13.55  ? 1416 GLU A CB  1 
ATOM   859  C CG  . GLU A 1 125 ? 7.672   0.109   11.652  1.00 15.55  ? 1416 GLU A CG  1 
ATOM   860  C CD  . GLU A 1 125 ? 8.036   1.514   12.142  1.00 15.99  ? 1416 GLU A CD  1 
ATOM   861  O OE1 . GLU A 1 125 ? 9.172   1.978   11.841  1.00 17.63  ? 1416 GLU A OE1 1 
ATOM   862  O OE2 . GLU A 1 125 ? 7.161   2.208   12.665  1.00 18.34  ? 1416 GLU A OE2 1 
ATOM   863  N N   . HIS A 1 126 ? 4.858   -1.471  9.569   1.00 14.05  ? 1417 HIS A N   1 
ATOM   864  C CA  . HIS A 1 126 ? 3.539   -1.858  10.128  1.00 15.25  ? 1417 HIS A CA  1 
ATOM   865  C C   . HIS A 1 126 ? 2.945   -3.094  9.433   1.00 14.97  ? 1417 HIS A C   1 
ATOM   866  O O   . HIS A 1 126 ? 2.263   -3.881  10.117  1.00 17.93  ? 1417 HIS A O   1 
ATOM   867  C CB  . HIS A 1 126 ? 2.584   -0.667  10.100  1.00 16.53  ? 1417 HIS A CB  1 
ATOM   868  C CG  . HIS A 1 126 ? 2.882   0.340   11.151  1.00 20.62  ? 1417 HIS A CG  1 
ATOM   869  N ND1 . HIS A 1 126 ? 3.907   1.248   11.062  1.00 21.63  ? 1417 HIS A ND1 1 
ATOM   870  C CD2 . HIS A 1 126 ? 2.233   0.591   12.301  1.00 27.07  ? 1417 HIS A CD2 1 
ATOM   871  C CE1 . HIS A 1 126 ? 3.937   1.939   12.195  1.00 24.75  ? 1417 HIS A CE1 1 
ATOM   872  N NE2 . HIS A 1 126 ? 2.907   1.630   12.909  1.00 28.18  ? 1417 HIS A NE2 1 
ATOM   873  N N   . ILE A 1 127 ? 3.236   -3.333  8.145   1.00 14.68  ? 1418 ILE A N   1 
ATOM   874  C CA  . ILE A 1 127 ? 2.649   -4.475  7.402   1.00 13.95  ? 1418 ILE A CA  1 
ATOM   875  C C   . ILE A 1 127 ? 3.325   -5.806  7.744   1.00 14.21  ? 1418 ILE A C   1 
ATOM   876  O O   . ILE A 1 127 ? 2.709   -6.872  7.570   1.00 13.68  ? 1418 ILE A O   1 
ATOM   877  C CB  . ILE A 1 127 ? 2.644   -4.232  5.885   1.00 13.49  ? 1418 ILE A CB  1 
ATOM   878  C CG1 . ILE A 1 127 ? 1.563   -5.057  5.160   1.00 15.01  ? 1418 ILE A CG1 1 
ATOM   879  C CG2 . ILE A 1 127 ? 3.992   -4.509  5.273   1.00 14.28  ? 1418 ILE A CG2 1 
ATOM   880  C CD1 . ILE A 1 127 ? 0.163   -4.729  5.481   1.00 16.91  ? 1418 ILE A CD1 1 
ATOM   881  N N   A SER A 1 128 ? 4.579   -5.769  8.195   0.25 14.26  ? 1419 SER A N   1 
ATOM   882  N N   B SER A 1 128 ? 4.576   -5.760  8.209   0.25 14.62  ? 1419 SER A N   1 
ATOM   883  C CA  A SER A 1 128 ? 5.375   -6.988  8.492   0.25 14.80  ? 1419 SER A CA  1 
ATOM   884  C CA  B SER A 1 128 ? 5.378   -6.973  8.514   0.25 15.46  ? 1419 SER A CA  1 
ATOM   885  C C   A SER A 1 128 ? 4.593   -7.946  9.419   0.25 14.84  ? 1419 SER A C   1 
ATOM   886  C C   B SER A 1 128 ? 4.585   -7.940  9.414   0.25 15.24  ? 1419 SER A C   1 
ATOM   887  O O   A SER A 1 128 ? 4.471   -9.149  9.068   0.25 15.31  ? 1419 SER A O   1 
ATOM   888  O O   B SER A 1 128 ? 4.462   -9.138  9.047   0.25 15.83  ? 1419 SER A O   1 
ATOM   889  C CB  A SER A 1 128 ? 6.702   -6.587  9.060   0.25 15.73  ? 1419 SER A CB  1 
ATOM   890  C CB  B SER A 1 128 ? 6.699   -6.603  9.126   0.25 16.99  ? 1419 SER A CB  1 
ATOM   891  O OG  A SER A 1 128 ? 6.515   -5.662  10.117  0.25 16.37  ? 1419 SER A OG  1 
ATOM   892  O OG  B SER A 1 128 ? 7.452   -7.778  9.392   0.25 18.89  ? 1419 SER A OG  1 
ATOM   893  N N   . SER A 1 129 ? 4.031   -7.448  10.518  1.00 14.14  ? 1420 SER A N   1 
ATOM   894  C CA  . SER A 1 129 ? 3.308   -8.312  11.500  1.00 15.79  ? 1420 SER A CA  1 
ATOM   895  C C   . SER A 1 129 ? 1.988   -8.825  10.879  1.00 15.08  ? 1420 SER A C   1 
ATOM   896  O O   . SER A 1 129 ? 1.583   -9.957  11.166  1.00 15.35  ? 1420 SER A O   1 
ATOM   897  C CB  . SER A 1 129 ? 3.072   -7.654  12.817  1.00 18.22  ? 1420 SER A CB  1 
ATOM   898  O OG  . SER A 1 129 ? 2.297   -6.483  12.731  1.00 23.26  ? 1420 SER A OG  1 
ATOM   899  N N   . VAL A 1 130 ? 1.339   -7.990  10.072  1.00 13.49  ? 1421 VAL A N   1 
ATOM   900  C CA  . VAL A 1 130 ? 0.072   -8.396  9.394   1.00 12.84  ? 1421 VAL A CA  1 
ATOM   901  C C   . VAL A 1 130 ? 0.332   -9.581  8.491   1.00 12.91  ? 1421 VAL A C   1 
ATOM   902  O O   . VAL A 1 130 ? -0.408  -10.629 8.533   1.00 13.42  ? 1421 VAL A O   1 
ATOM   903  C CB  . VAL A 1 130 ? -0.526  -7.217  8.633   1.00 12.50  ? 1421 VAL A CB  1 
ATOM   904  C CG1 . VAL A 1 130 ? -1.779  -7.655  7.880   1.00 13.68  ? 1421 VAL A CG1 1 
ATOM   905  C CG2 . VAL A 1 130 ? -0.799  -6.080  9.571   1.00 14.03  ? 1421 VAL A CG2 1 
ATOM   906  N N   . LEU A 1 131 ? 1.394   -9.520  7.687   1.00 13.81  ? 1422 LEU A N   1 
ATOM   907  C CA  . LEU A 1 131 ? 1.750   -10.620 6.772   1.00 13.17  ? 1422 LEU A CA  1 
ATOM   908  C C   . LEU A 1 131 ? 2.165   -11.869 7.544   1.00 13.39  ? 1422 LEU A C   1 
ATOM   909  O O   . LEU A 1 131 ? 1.717   -12.975 7.221   1.00 14.18  ? 1422 LEU A O   1 
ATOM   910  C CB  . LEU A 1 131 ? 2.904   -10.204 5.848   1.00 14.50  ? 1422 LEU A CB  1 
ATOM   911  C CG  . LEU A 1 131 ? 2.579   -9.107  4.855   1.00 14.74  ? 1422 LEU A CG  1 
ATOM   912  C CD1 . LEU A 1 131 ? 3.835   -8.532  4.224   1.00 16.22  ? 1422 LEU A CD1 1 
ATOM   913  C CD2 . LEU A 1 131 ? 1.612   -9.613  3.802   1.00 16.51  ? 1422 LEU A CD2 1 
ATOM   914  N N   A SER A 1 132 ? 3.035   -11.710 8.536   0.40 13.87  ? 1423 SER A N   1 
ATOM   915  N N   B SER A 1 132 ? 3.015   -11.706 8.559   0.10 14.36  ? 1423 SER A N   1 
ATOM   916  C CA  A SER A 1 132 ? 3.501   -12.852 9.366   0.40 14.65  ? 1423 SER A CA  1 
ATOM   917  C CA  B SER A 1 132 ? 3.515   -12.839 9.380   0.10 15.04  ? 1423 SER A CA  1 
ATOM   918  C C   A SER A 1 132 ? 2.310   -13.555 10.033  0.40 14.59  ? 1423 SER A C   1 
ATOM   919  C C   B SER A 1 132 ? 2.340   -13.554 10.059  0.10 15.05  ? 1423 SER A C   1 
ATOM   920  O O   A SER A 1 132 ? 2.268   -14.808 9.994   0.40 14.01  ? 1423 SER A O   1 
ATOM   921  O O   B SER A 1 132 ? 2.302   -14.801 9.997   0.10 15.22  ? 1423 SER A O   1 
ATOM   922  C CB  A SER A 1 132 ? 4.506   -12.378 10.393  0.40 14.83  ? 1423 SER A CB  1 
ATOM   923  C CB  B SER A 1 132 ? 4.540   -12.392 10.386  0.10 15.44  ? 1423 SER A CB  1 
ATOM   924  O OG  A SER A 1 132 ? 5.713   -11.971 9.784   0.40 16.19  ? 1423 SER A OG  1 
ATOM   925  O OG  B SER A 1 132 ? 4.980   -13.504 11.152  0.10 16.63  ? 1423 SER A OG  1 
ATOM   926  N N   . ASP A 1 133 ? 1.419   -12.809 10.678  1.00 15.16  ? 1424 ASP A N   1 
ATOM   927  C CA  . ASP A 1 133 ? 0.285   -13.439 11.386  1.00 14.66  ? 1424 ASP A CA  1 
ATOM   928  C C   . ASP A 1 133 ? -0.624  -14.191 10.404  1.00 13.42  ? 1424 ASP A C   1 
ATOM   929  O O   . ASP A 1 133 ? -1.092  -15.299 10.708  1.00 14.55  ? 1424 ASP A O   1 
ATOM   930  C CB  . ASP A 1 133 ? -0.506  -12.426 12.196  1.00 16.37  ? 1424 ASP A CB  1 
ATOM   931  C CG  . ASP A 1 133 ? 0.166   -11.872 13.442  1.00 20.68  ? 1424 ASP A CG  1 
ATOM   932  O OD1 . ASP A 1 133 ? 1.324   -12.254 13.764  1.00 22.07  ? 1424 ASP A OD1 1 
ATOM   933  O OD2 . ASP A 1 133 ? -0.525  -11.098 14.126  1.00 27.09  ? 1424 ASP A OD2 1 
ATOM   934  N N   . TYR A 1 134 ? -0.878  -13.607 9.223   1.00 12.68  ? 1425 TYR A N   1 
ATOM   935  C CA  . TYR A 1 134 ? -1.734  -14.240 8.222   1.00 12.51  ? 1425 TYR A CA  1 
ATOM   936  C C   . TYR A 1 134 ? -1.094  -15.554 7.781   1.00 13.30  ? 1425 TYR A C   1 
ATOM   937  O O   . TYR A 1 134 ? -1.796  -16.587 7.685   1.00 14.20  ? 1425 TYR A O   1 
ATOM   938  C CB  . TYR A 1 134 ? -2.055  -13.306 7.039   1.00 12.37  ? 1425 TYR A CB  1 
ATOM   939  C CG  . TYR A 1 134 ? -2.804  -13.997 5.947   1.00 13.02  ? 1425 TYR A CG  1 
ATOM   940  C CD1 . TYR A 1 134 ? -4.183  -14.109 6.020   1.00 14.53  ? 1425 TYR A CD1 1 
ATOM   941  C CD2 . TYR A 1 134 ? -2.161  -14.493 4.835   1.00 14.89  ? 1425 TYR A CD2 1 
ATOM   942  C CE1 . TYR A 1 134 ? -4.909  -14.750 5.030   1.00 16.36  ? 1425 TYR A CE1 1 
ATOM   943  C CE2 . TYR A 1 134 ? -2.876  -15.063 3.810   1.00 15.31  ? 1425 TYR A CE2 1 
ATOM   944  C CZ  . TYR A 1 134 ? -4.235  -15.225 3.919   1.00 16.26  ? 1425 TYR A CZ  1 
ATOM   945  O OH  . TYR A 1 134 ? -4.970  -15.808 2.908   1.00 19.73  ? 1425 TYR A OH  1 
ATOM   946  N N   . LYS A 1 135 ? 0.194   -15.517 7.405   1.00 13.35  ? 1426 LYS A N   1 
ATOM   947  C CA  . LYS A 1 135 ? 0.794   -16.729 6.853   1.00 13.31  ? 1426 LYS A CA  1 
ATOM   948  C C   . LYS A 1 135 ? 0.865   -17.825 7.934   1.00 12.68  ? 1426 LYS A C   1 
ATOM   949  O O   . LYS A 1 135 ? 0.661   -18.980 7.627   1.00 13.19  ? 1426 LYS A O   1 
ATOM   950  C CB  . LYS A 1 135 ? 2.169   -16.385 6.252   1.00 14.74  ? 1426 LYS A CB  1 
ATOM   951  C CG  . LYS A 1 135 ? 2.075   -15.389 5.094   1.00 15.78  ? 1426 LYS A CG  1 
ATOM   952  C CD  . LYS A 1 135 ? 3.470   -14.978 4.576   1.00 18.01  ? 1426 LYS A CD  1 
ATOM   953  C CE  . LYS A 1 135 ? 3.406   -14.154 3.317   1.00 20.49  ? 1426 LYS A CE  1 
ATOM   954  N NZ  . LYS A 1 135 ? 4.767   -13.740 2.914   1.00 25.66  ? 1426 LYS A NZ  1 
ATOM   955  N N   A SER A 1 136 ? 1.121   -17.432 9.178   0.40 13.21  ? 1427 SER A N   1 
ATOM   956  N N   B SER A 1 136 ? 1.098   -17.443 9.191   0.10 13.40  ? 1427 SER A N   1 
ATOM   957  C CA  A SER A 1 136 ? 1.097   -18.359 10.346  0.40 13.54  ? 1427 SER A CA  1 
ATOM   958  C CA  B SER A 1 136 ? 1.115   -18.393 10.337  0.10 13.74  ? 1427 SER A CA  1 
ATOM   959  C C   A SER A 1 136 ? -0.297  -18.988 10.497  0.40 14.39  ? 1427 SER A C   1 
ATOM   960  C C   B SER A 1 136 ? -0.287  -18.981 10.559  0.10 14.43  ? 1427 SER A C   1 
ATOM   961  O O   A SER A 1 136 ? -0.400  -20.217 10.646  0.40 12.39  ? 1427 SER A O   1 
ATOM   962  O O   B SER A 1 136 ? -0.373  -20.192 10.824  0.10 14.30  ? 1427 SER A O   1 
ATOM   963  C CB  A SER A 1 136 ? 1.492   -17.627 11.584  0.40 14.50  ? 1427 SER A CB  1 
ATOM   964  C CB  B SER A 1 136 ? 1.662   -17.744 11.575  0.10 13.88  ? 1427 SER A CB  1 
ATOM   965  O OG  A SER A 1 136 ? 1.173   -18.403 12.728  0.40 18.32  ? 1427 SER A OG  1 
ATOM   966  O OG  B SER A 1 136 ? 0.758   -16.780 12.084  0.10 14.25  ? 1427 SER A OG  1 
ATOM   967  N N   . ALA A 1 137 ? -1.348  -18.173 10.419  1.00 15.14  ? 1428 ALA A N   1 
ATOM   968  C CA  . ALA A 1 137 ? -2.753  -18.650 10.538  1.00 15.27  ? 1428 ALA A CA  1 
ATOM   969  C C   . ALA A 1 137 ? -3.045  -19.639 9.437   1.00 14.84  ? 1428 ALA A C   1 
ATOM   970  O O   . ALA A 1 137 ? -3.688  -20.680 9.666   1.00 16.08  ? 1428 ALA A O   1 
ATOM   971  C CB  . ALA A 1 137 ? -3.720  -17.491 10.465  1.00 16.79  ? 1428 ALA A CB  1 
ATOM   972  N N   . LEU A 1 138 ? -2.606  -19.403 8.200   1.00 14.73  ? 1429 LEU A N   1 
ATOM   973  C CA  . LEU A 1 138 ? -2.902  -20.338 7.116   1.00 15.77  ? 1429 LEU A CA  1 
ATOM   974  C C   . LEU A 1 138 ? -2.146  -21.636 7.336   1.00 14.43  ? 1429 LEU A C   1 
ATOM   975  O O   . LEU A 1 138 ? -2.706  -22.704 7.064   1.00 15.00  ? 1429 LEU A O   1 
ATOM   976  C CB  . LEU A 1 138 ? -2.533  -19.703 5.779   1.00 20.41  ? 1429 LEU A CB  1 
ATOM   977  C CG  . LEU A 1 138 ? -3.586  -19.707 4.698   1.00 26.23  ? 1429 LEU A CG  1 
ATOM   978  C CD1 . LEU A 1 138 ? -4.982  -19.340 5.167   1.00 25.55  ? 1429 LEU A CD1 1 
ATOM   979  C CD2 . LEU A 1 138 ? -3.083  -18.774 3.613   1.00 26.32  ? 1429 LEU A CD2 1 
ATOM   980  N N   . ARG A 1 139 ? -0.880  -21.553 7.796   1.00 13.35  ? 1430 ARG A N   1 
ATOM   981  C CA  . ARG A 1 139 ? -0.125  -22.795 8.061   1.00 13.46  ? 1430 ARG A CA  1 
ATOM   982  C C   . ARG A 1 139 ? -0.852  -23.585 9.168   1.00 13.27  ? 1430 ARG A C   1 
ATOM   983  O O   . ARG A 1 139 ? -0.953  -24.831 9.037   1.00 15.00  ? 1430 ARG A O   1 
ATOM   984  C CB  . ARG A 1 139 ? 1.314   -22.486 8.461   1.00 14.05  ? 1430 ARG A CB  1 
ATOM   985  C CG  . ARG A 1 139 ? 2.189   -21.965 7.309   1.00 14.51  ? 1430 ARG A CG  1 
ATOM   986  C CD  . ARG A 1 139 ? 3.641   -21.831 7.735   1.00 14.41  ? 1430 ARG A CD  1 
ATOM   987  N NE  . ARG A 1 139 ? 3.960   -20.895 8.779   1.00 14.78  ? 1430 ARG A NE  1 
ATOM   988  C CZ  . ARG A 1 139 ? 4.334   -19.620 8.611   1.00 13.62  ? 1430 ARG A CZ  1 
ATOM   989  N NH1 . ARG A 1 139 ? 4.363   -19.075 7.394   1.00 15.53  ? 1430 ARG A NH1 1 
ATOM   990  N NH2 . ARG A 1 139 ? 4.685   -18.915 9.661   1.00 14.64  ? 1430 ARG A NH2 1 
ATOM   991  N N   . PHE A 1 140 ? -1.349  -22.922 10.217  1.00 12.59  ? 1431 PHE A N   1 
ATOM   992  C CA  . PHE A 1 140 ? -2.057  -23.639 11.287  1.00 14.13  ? 1431 PHE A CA  1 
ATOM   993  C C   . PHE A 1 140 ? -3.316  -24.320 10.734  1.00 13.85  ? 1431 PHE A C   1 
ATOM   994  O O   . PHE A 1 140 ? -3.613  -25.455 11.067  1.00 14.84  ? 1431 PHE A O   1 
ATOM   995  C CB  . PHE A 1 140 ? -2.354  -22.688 12.432  1.00 13.41  ? 1431 PHE A CB  1 
ATOM   996  C CG  . PHE A 1 140 ? -2.925  -23.374 13.646  1.00 15.18  ? 1431 PHE A CG  1 
ATOM   997  C CD1 . PHE A 1 140 ? -2.071  -24.006 14.550  1.00 17.57  ? 1431 PHE A CD1 1 
ATOM   998  C CD2 . PHE A 1 140 ? -4.280  -23.419 13.889  1.00 16.35  ? 1431 PHE A CD2 1 
ATOM   999  C CE1 . PHE A 1 140 ? -2.569  -24.678 15.660  1.00 16.71  ? 1431 PHE A CE1 1 
ATOM   1000 C CE2 . PHE A 1 140 ? -4.768  -24.083 15.005  1.00 17.65  ? 1431 PHE A CE2 1 
ATOM   1001 C CZ  . PHE A 1 140 ? -3.907  -24.685 15.899  1.00 18.33  ? 1431 PHE A CZ  1 
ATOM   1002 N N   . HIS A 1 141 ? -4.021  -23.641 9.832   1.00 15.63  ? 1432 HIS A N   1 
ATOM   1003 C CA  . HIS A 1 141 ? -5.264  -24.192 9.227   1.00 16.54  ? 1432 HIS A CA  1 
ATOM   1004 C C   . HIS A 1 141 ? -4.938  -25.491 8.495   1.00 19.83  ? 1432 HIS A C   1 
ATOM   1005 O O   . HIS A 1 141 ? -5.778  -26.433 8.539   1.00 21.09  ? 1432 HIS A O   1 
ATOM   1006 C CB  . HIS A 1 141 ? -5.878  -23.162 8.311   1.00 17.06  ? 1432 HIS A CB  1 
ATOM   1007 C CG  . HIS A 1 141 ? -7.251  -23.566 7.856   1.00 16.95  ? 1432 HIS A CG  1 
ATOM   1008 N ND1 . HIS A 1 141 ? -8.323  -23.518 8.711   1.00 16.69  ? 1432 HIS A ND1 1 
ATOM   1009 C CD2 . HIS A 1 141 ? -7.693  -23.999 6.655   1.00 20.02  ? 1432 HIS A CD2 1 
ATOM   1010 C CE1 . HIS A 1 141 ? -9.408  -23.889 8.042   1.00 17.25  ? 1432 HIS A CE1 1 
ATOM   1011 N NE2 . HIS A 1 141 ? -9.054  -24.140 6.771   1.00 17.89  ? 1432 HIS A NE2 1 
ATOM   1012 N N   . LYS A 1 142 ? -3.776  -25.578 7.841   1.00 20.40  ? 1433 LYS A N   1 
ATOM   1013 C CA  . LYS A 1 142 ? -3.365  -26.782 7.068   1.00 24.40  ? 1433 LYS A CA  1 
ATOM   1014 C C   . LYS A 1 142 ? -2.479  -27.716 7.902   1.00 28.06  ? 1433 LYS A C   1 
ATOM   1015 O O   . LYS A 1 142 ? -1.898  -28.654 7.293   1.00 35.71  ? 1433 LYS A O   1 
ATOM   1016 C CB  . LYS A 1 142 ? -2.699  -26.293 5.769   1.00 30.66  ? 1433 LYS A CB  1 
ATOM   1017 C CG  . LYS A 1 142 ? -3.553  -25.264 5.020   1.00 34.21  ? 1433 LYS A CG  1 
ATOM   1018 C CD  . LYS A 1 142 ? -2.899  -24.455 3.912   1.00 39.53  ? 1433 LYS A CD  1 
ATOM   1019 C CE  . LYS A 1 142 ? -3.617  -23.133 3.721   1.00 44.94  ? 1433 LYS A CE  1 
ATOM   1020 N NZ  . LYS A 1 142 ? -3.303  -22.494 2.414   1.00 45.17  ? 1433 LYS A NZ  1 
ATOM   1021 N N   . ARG A 1 143 ? -2.385  -27.565 9.224   1.00 26.13  ? 1434 ARG A N   1 
ATOM   1022 C CA  . ARG A 1 143 ? -1.425  -28.353 10.046  1.00 29.14  ? 1434 ARG A CA  1 
ATOM   1023 C C   . ARG A 1 143 ? -1.648  -29.874 9.898   1.00 38.85  ? 1434 ARG A C   1 
ATOM   1024 O O   . ARG A 1 143 ? -0.648  -30.632 9.933   1.00 43.06  ? 1434 ARG A O   1 
ATOM   1025 C CB  . ARG A 1 143 ? -1.430  -27.900 11.503  1.00 25.92  ? 1434 ARG A CB  1 
ATOM   1026 C CG  . ARG A 1 143 ? -2.715  -28.211 12.255  1.00 23.91  ? 1434 ARG A CG  1 
ATOM   1027 C CD  . ARG A 1 143 ? -2.789  -27.525 13.579  1.00 24.13  ? 1434 ARG A CD  1 
ATOM   1028 N NE  . ARG A 1 143 ? -4.003  -27.864 14.301  1.00 23.20  ? 1434 ARG A NE  1 
ATOM   1029 C CZ  . ARG A 1 143 ? -5.208  -27.421 14.050  1.00 24.05  ? 1434 ARG A CZ  1 
ATOM   1030 N NH1 . ARG A 1 143 ? -5.441  -26.586 13.042  1.00 19.29  ? 1434 ARG A NH1 1 
ATOM   1031 N NH2 . ARG A 1 143 ? -6.219  -27.819 14.810  1.00 25.71  ? 1434 ARG A NH2 1 
ATOM   1032 N N   . ASN A 1 144 ? -2.904  -30.323 9.849   1.00 34.48  ? 1435 ASN A N   1 
ATOM   1033 C CA  . ASN A 1 144 ? -3.275  -31.770 9.823   1.00 35.55  ? 1435 ASN A CA  1 
ATOM   1034 C C   . ASN A 1 144 ? -3.652  -32.164 8.389   1.00 37.45  ? 1435 ASN A C   1 
ATOM   1035 O O   . ASN A 1 144 ? -4.453  -33.117 8.249   1.00 40.08  ? 1435 ASN A O   1 
ATOM   1036 C CB  . ASN A 1 144 ? -4.416  -32.100 10.793  1.00 34.05  ? 1435 ASN A CB  1 
ATOM   1037 C CG  . ASN A 1 144 ? -4.071  -31.846 12.248  1.00 33.51  ? 1435 ASN A CG  1 
ATOM   1038 O OD1 . ASN A 1 144 ? -3.100  -32.392 12.775  1.00 31.06  ? 1435 ASN A OD1 1 
ATOM   1039 N ND2 . ASN A 1 144 ? -4.869  -31.023 12.909  1.00 29.00  ? 1435 ASN A ND2 1 
HETATM 1040 N N1  . ZPB B 2 .   ? -1.125  13.203  -7.332  0.64 33.91  ? 1901 ZPB A N1  1 
HETATM 1041 N N3  . ZPB B 2 .   ? 3.336   11.700  -8.453  0.64 33.52  ? 1901 ZPB A N3  1 
HETATM 1042 C C4  . ZPB B 2 .   ? -0.250  13.698  -8.141  0.64 34.53  ? 1901 ZPB A C4  1 
HETATM 1043 C C5  . ZPB B 2 .   ? 2.044   13.692  -9.023  0.64 34.26  ? 1901 ZPB A C5  1 
HETATM 1044 C C6  . ZPB B 2 .   ? 2.813   12.499  -9.561  0.64 33.76  ? 1901 ZPB A C6  1 
HETATM 1045 C C7  . ZPB B 2 .   ? 2.278   11.227  -7.563  0.64 33.38  ? 1901 ZPB A C7  1 
HETATM 1046 C C8  . ZPB B 2 .   ? 1.568   12.428  -6.981  0.64 32.55  ? 1901 ZPB A C8  1 
HETATM 1047 C C10 . ZPB B 2 .   ? 5.648   12.357  -8.463  0.64 31.51  ? 1901 ZPB A C10 1 
HETATM 1048 C C13 . ZPB B 2 .   ? 7.873   13.376  -8.613  0.64 30.11  ? 1901 ZPB A C13 1 
HETATM 1049 C C1  . ZPB B 2 .   ? -1.872  14.873  -5.755  0.64 34.27  ? 1901 ZPB A C1  1 
HETATM 1050 C C11 . ZPB B 2 .   ? 5.599   13.686  -8.878  0.64 29.57  ? 1901 ZPB A C11 1 
HETATM 1051 C C12 . ZPB B 2 .   ? 6.906   14.194  -9.089  0.64 32.07  ? 1901 ZPB A C12 1 
HETATM 1052 C C2  . ZPB B 2 .   ? -2.289  13.976  -6.896  0.64 33.51  ? 1901 ZPB A C2  1 
HETATM 1053 C C3  . ZPB B 2 .   ? -3.432  13.056  -6.531  0.64 32.60  ? 1901 ZPB A C3  1 
HETATM 1054 C C9  . ZPB B 2 .   ? 4.616   11.421  -8.158  0.64 31.21  ? 1901 ZPB A C9  1 
HETATM 1055 N N2  . ZPB B 2 .   ? 1.035   13.277  -8.047  0.64 34.47  ? 1901 ZPB A N2  1 
HETATM 1056 O O1  . ZPB B 2 .   ? -0.591  14.578  -8.937  0.64 32.30  ? 1901 ZPB A O1  1 
HETATM 1057 O O2  . ZPB B 2 .   ? 4.923   10.395  -7.564  0.64 31.02  ? 1901 ZPB A O2  1 
HETATM 1058 S S1  . ZPB B 2 .   ? 7.276   11.829  -8.237  0.64 33.36  ? 1901 ZPB A S1  1 
HETATM 1059 O O   . HOH C 3 .   ? -2.668  -18.267 19.141  1.00 47.01  ? 2001 HOH A O   1 
HETATM 1060 O O   . HOH C 3 .   ? 4.548   17.043  -9.366  0.64 34.89  ? 2002 HOH A O   1 
HETATM 1061 O O   . HOH C 3 .   ? -2.499  14.927  -9.821  0.64 32.46  ? 2003 HOH A O   1 
HETATM 1062 O O   . HOH C 3 .   ? 6.442   -12.617 3.972   1.00 36.46  ? 2004 HOH A O   1 
HETATM 1063 O O   . HOH C 3 .   ? 17.804  13.116  -11.797 1.00 25.54  ? 2005 HOH A O   1 
HETATM 1064 O O   . HOH C 3 .   ? -7.376  12.362  -9.110  0.64 33.28  ? 2006 HOH A O   1 
HETATM 1065 O O   . HOH C 3 .   ? -4.624  -1.182  15.170  1.00 44.04  ? 2007 HOH A O   1 
HETATM 1066 O O   . HOH C 3 .   ? -0.624  10.545  -19.799 1.00 31.46  ? 2008 HOH A O   1 
HETATM 1067 O O   . HOH C 3 .   ? -4.906  1.526   -12.249 0.64 26.77  ? 2009 HOH A O   1 
HETATM 1068 O O   . HOH C 3 .   ? -6.868  -30.001 11.768  1.00 41.35  ? 2010 HOH A O   1 
HETATM 1069 O O   . HOH C 3 .   ? -10.624 8.301   -5.917  0.64 29.52  ? 2011 HOH A O   1 
HETATM 1070 O O   . HOH C 3 .   ? 0.141   3.405   -20.025 1.00 35.70  ? 2012 HOH A O   1 
HETATM 1071 O O   . HOH C 3 .   ? -8.975  -19.430 -2.660  1.00 38.91  ? 2013 HOH A O   1 
HETATM 1072 O O   . HOH C 3 .   ? -18.300 -3.306  0.090   1.00 46.45  ? 2014 HOH A O   1 
HETATM 1073 O O   . HOH C 3 .   ? 3.598   8.368   -9.112  0.64 14.14  ? 2015 HOH A O   1 
HETATM 1074 O O   . HOH C 3 .   ? -5.982  -4.809  -7.097  1.00 35.97  ? 2016 HOH A O   1 
HETATM 1075 O O   . HOH C 3 .   ? 0.095   -16.229 14.536  1.00 29.55  ? 2017 HOH A O   1 
HETATM 1076 O O   . HOH C 3 .   ? 2.746   -20.136 13.885  1.00 24.85  ? 2018 HOH A O   1 
HETATM 1077 O O   . HOH C 3 .   ? 7.060   15.659  -18.156 0.64 26.82  ? 2019 HOH A O   1 
HETATM 1078 O O   . HOH C 3 .   ? 11.147  6.086   -15.218 1.00 24.22  ? 2020 HOH A O   1 
HETATM 1079 O O   . HOH C 3 .   ? -2.413  -14.187 -1.982  1.00 29.30  ? 2021 HOH A O   1 
HETATM 1080 O O   . HOH C 3 .   ? -13.801 -5.485  7.584   1.00 29.58  ? 2022 HOH A O   1 
HETATM 1081 O O   . HOH C 3 .   ? 1.007   -3.547  12.415  1.00 28.45  ? 2023 HOH A O   1 
HETATM 1082 O O   . HOH C 3 .   ? 6.898   -0.272  0.317   1.00 19.53  ? 2024 HOH A O   1 
HETATM 1083 O O   . HOH C 3 .   ? -0.742  -31.416 13.541  1.00 39.95  ? 2025 HOH A O   1 
HETATM 1084 O O   . HOH C 3 .   ? -18.359 -5.565  -3.199  1.00 29.22  ? 2026 HOH A O   1 
HETATM 1085 O O   . HOH C 3 .   ? 12.977  8.302   -12.317 1.00 22.51  ? 2027 HOH A O   1 
HETATM 1086 O O   . HOH C 3 .   ? -7.590  -16.267 3.143   1.00 36.53  ? 2028 HOH A O   1 
HETATM 1087 O O   . HOH C 3 .   ? -0.106  7.413   -6.843  0.64 15.00  ? 2029 HOH A O   1 
HETATM 1088 O O   . HOH C 3 .   ? 7.270   12.217  8.011   0.64 17.88  ? 2030 HOH A O   1 
HETATM 1089 O O   . HOH C 3 .   ? -2.135  13.872  -21.619 1.00 29.57  ? 2031 HOH A O   1 
HETATM 1090 O O   . HOH C 3 .   ? 17.186  4.620   -4.968  1.00 38.68  ? 2032 HOH A O   1 
HETATM 1091 O O   . HOH C 3 .   ? -3.851  8.331   -12.308 0.64 23.69  ? 2033 HOH A O   1 
HETATM 1092 O O   . HOH C 3 .   ? -16.175 -5.972  2.400   1.00 18.67  ? 2034 HOH A O   1 
HETATM 1093 O O   . HOH C 3 .   ? -1.801  -0.308  -18.887 1.00 39.71  ? 2035 HOH A O   1 
HETATM 1094 O O   . HOH C 3 .   ? 5.875   1.001   -10.906 1.00 19.27  ? 2036 HOH A O   1 
HETATM 1095 O O   . HOH C 3 .   ? 3.754   -13.451 13.695  1.00 31.87  ? 2037 HOH A O   1 
HETATM 1096 O O   . HOH C 3 .   ? 9.118   5.353   -3.826  1.00 17.43  ? 2038 HOH A O   1 
HETATM 1097 O O   . HOH C 3 .   ? 0.986   -26.293 7.836   1.00 32.29  ? 2039 HOH A O   1 
HETATM 1098 O O   . HOH C 3 .   ? 16.237  6.506   -3.343  1.00 32.77  ? 2040 HOH A O   1 
HETATM 1099 O O   . HOH C 3 .   ? 11.245  0.300   11.345  1.00 24.47  ? 2041 HOH A O   1 
HETATM 1100 O O   . HOH C 3 .   ? 7.542   4.779   11.889  1.00 16.93  ? 2042 HOH A O   1 
HETATM 1101 O O   . HOH C 3 .   ? 6.649   0.980   15.030  1.00 27.72  ? 2043 HOH A O   1 
HETATM 1102 O O   . HOH C 3 .   ? 9.388   15.872  1.590   1.00 30.50  ? 2044 HOH A O   1 
HETATM 1103 O O   . HOH C 3 .   ? 4.763   -4.998  12.081  1.00 21.37  ? 2045 HOH A O   1 
HETATM 1104 O O   . HOH C 3 .   ? -0.374  -4.739  -8.275  1.00 33.73  ? 2046 HOH A O   1 
HETATM 1105 O O   . HOH C 3 .   ? -3.880  -16.953 0.696   1.00 27.17  ? 2047 HOH A O   1 
HETATM 1106 O O   . HOH C 3 .   ? -7.795  -22.814 11.287  1.00 16.15  ? 2048 HOH A O   1 
HETATM 1107 O O   . HOH C 3 .   ? 7.524   -5.163  5.696   1.00 17.88  ? 2049 HOH A O   1 
HETATM 1108 O O   . HOH C 3 .   ? -1.428  9.707   -6.516  1.00 16.23  ? 2050 HOH A O   1 
HETATM 1109 O O   . HOH C 3 .   ? -4.378  5.528   -9.297  0.64 18.69  ? 2051 HOH A O   1 
HETATM 1110 O O   . HOH C 3 .   ? -8.930  -11.672 15.780  1.00 36.32  ? 2052 HOH A O   1 
HETATM 1111 O O   . HOH C 3 .   ? -10.621 -8.521  9.940   1.00 15.25  ? 2053 HOH A O   1 
HETATM 1112 O O   . HOH C 3 .   ? -5.767  -20.897 11.459  1.00 16.98  ? 2054 HOH A O   1 
HETATM 1113 O O   . HOH C 3 .   ? 3.183   18.435  3.559   1.00 35.65  ? 2055 HOH A O   1 
HETATM 1114 O O   . HOH C 3 .   ? 5.303   16.100  4.052   1.00 36.17  ? 2056 HOH A O   1 
HETATM 1115 O O   . HOH C 3 .   ? 11.935  3.900   2.259   1.00 25.60  ? 2057 HOH A O   1 
HETATM 1116 O O   . HOH C 3 .   ? 6.896   -10.158 11.522  1.00 22.21  ? 2058 HOH A O   1 
HETATM 1117 O O   . HOH C 3 .   ? 5.872   -2.400  -7.580  1.00 17.94  ? 2059 HOH A O   1 
HETATM 1118 O O   . HOH C 3 .   ? -4.318  14.872  -1.320  0.64 64.26  ? 2060 HOH A O   1 
HETATM 1119 O O   . HOH C 3 .   ? -0.136  6.262   -9.597  0.64 17.35  ? 2061 HOH A O   1 
HETATM 1120 O O   . HOH C 3 .   ? 3.969   -4.120  -6.716  1.00 17.28  ? 2062 HOH A O   1 
HETATM 1121 O O   . HOH C 3 .   ? -8.000  -2.719  -7.523  1.00 34.89  ? 2063 HOH A O   1 
HETATM 1122 O O   . HOH C 3 .   ? 7.856   -0.485  -4.333  1.00 15.74  ? 2064 HOH A O   1 
HETATM 1123 O O   . HOH C 3 .   ? 10.194  2.149   -9.751  1.00 23.08  ? 2065 HOH A O   1 
HETATM 1124 O O   . HOH C 3 .   ? -8.535  3.155   -9.541  1.00 30.17  ? 2066 HOH A O   1 
HETATM 1125 O O   . HOH C 3 .   ? -3.678  12.727  -3.775  0.64 21.49  ? 2067 HOH A O   1 
HETATM 1126 O O   . HOH C 3 .   ? 10.675  0.321   7.446   1.00 24.70  ? 2068 HOH A O   1 
HETATM 1127 O O   . HOH C 3 .   ? -8.241  -7.838  13.109  1.00 24.26  ? 2069 HOH A O   1 
HETATM 1128 O O   . HOH C 3 .   ? 10.303  1.808   -1.074  1.00 27.07  ? 2070 HOH A O   1 
HETATM 1129 O O   . HOH C 3 .   ? 2.940   -9.054  -1.855  1.00 22.78  ? 2071 HOH A O   1 
HETATM 1130 O O   . HOH C 3 .   ? 2.690   7.165   -6.940  0.64 13.43  ? 2072 HOH A O   1 
HETATM 1131 O O   . HOH C 3 .   ? -3.011  -2.342  11.906  1.00 25.60  ? 2073 HOH A O   1 
HETATM 1132 O O   . HOH C 3 .   ? 5.204   21.556  2.890   0.64 28.43  ? 2074 HOH A O   1 
HETATM 1133 O O   . HOH C 3 .   ? -2.640  15.210  8.852   1.00 26.99  ? 2075 HOH A O   1 
HETATM 1134 O O   . HOH C 3 .   ? -15.563 -0.296  -2.182  0.50 16.89  ? 2076 HOH A O   1 
HETATM 1135 O O   . HOH C 3 .   ? -15.498 -8.384  5.613   1.00 19.84  ? 2077 HOH A O   1 
HETATM 1136 O O   . HOH C 3 .   ? -9.249  2.505   6.132   1.00 28.76  ? 2078 HOH A O   1 
HETATM 1137 O O   . HOH C 3 .   ? 8.206   7.468   8.055   1.00 19.06  ? 2079 HOH A O   1 
HETATM 1138 O O   . HOH C 3 .   ? -7.542  -7.204  -6.289  1.00 27.12  ? 2080 HOH A O   1 
HETATM 1139 O O   . HOH C 3 .   ? -16.389 -5.414  -6.934  1.00 34.96  ? 2081 HOH A O   1 
HETATM 1140 O O   . HOH C 3 .   ? 0.902   -19.516 4.861   1.00 19.48  ? 2082 HOH A O   1 
HETATM 1141 O O   . HOH C 3 .   ? -5.798  -16.914 17.844  1.00 38.98  ? 2083 HOH A O   1 
HETATM 1142 O O   . HOH C 3 .   ? 5.798   8.978   6.666   1.00 23.42  ? 2084 HOH A O   1 
HETATM 1143 O O   . HOH C 3 .   ? -6.446  12.390  4.983   0.64 24.58  ? 2085 HOH A O   1 
HETATM 1144 O O   . HOH C 3 .   ? 6.469   -10.189 7.348   1.00 21.36  ? 2086 HOH A O   1 
HETATM 1145 O O   . HOH C 3 .   ? 0.011   9.942   -22.304 1.00 33.68  ? 2087 HOH A O   1 
HETATM 1146 O O   . HOH C 3 .   ? 3.756   -22.243 11.265  1.00 19.47  ? 2088 HOH A O   1 
HETATM 1147 O O   . HOH C 3 .   ? 12.239  15.652  2.119   1.00 38.99  ? 2089 HOH A O   1 
HETATM 1148 O O   . HOH C 3 .   ? -2.908  -10.841 9.961   1.00 13.87  ? 2090 HOH A O   1 
HETATM 1149 O O   . HOH C 3 .   ? 13.212  12.408  4.454   1.00 17.51  ? 2091 HOH A O   1 
HETATM 1150 O O   . HOH C 3 .   ? -8.588  2.593   12.569  1.00 42.36  ? 2092 HOH A O   1 
HETATM 1151 O O   . HOH C 3 .   ? 18.779  13.644  -7.468  1.00 47.26  ? 2093 HOH A O   1 
HETATM 1152 O O   . HOH C 3 .   ? -7.537  8.648   8.921   1.00 27.14  ? 2094 HOH A O   1 
HETATM 1153 O O   . HOH C 3 .   ? -2.706  -6.915  -5.957  1.00 22.72  ? 2095 HOH A O   1 
HETATM 1154 O O   . HOH C 3 .   ? -7.880  -25.116 12.781  1.00 21.39  ? 2096 HOH A O   1 
HETATM 1155 O O   . HOH C 3 .   ? -5.471  -28.932 9.899   1.00 32.85  ? 2097 HOH A O   1 
HETATM 1156 O O   . HOH C 3 .   ? 1.292   -21.999 12.300  1.00 17.01  ? 2098 HOH A O   1 
HETATM 1157 O O   . HOH C 3 .   ? -10.893 -7.303  0.471   1.00 13.79  ? 2099 HOH A O   1 
HETATM 1158 O O   . HOH C 3 .   ? 3.037   1.036   -13.360 1.00 20.17  ? 2100 HOH A O   1 
HETATM 1159 O O   . HOH C 3 .   ? 1.793   13.800  9.569   1.00 33.45  ? 2101 HOH A O   1 
HETATM 1160 O O   . HOH C 3 .   ? 12.798  10.686  2.236   1.00 19.46  ? 2102 HOH A O   1 
HETATM 1161 O O   . HOH C 3 .   ? 8.627   -3.787  11.825  1.00 29.62  ? 2103 HOH A O   1 
HETATM 1162 O O   . HOH C 3 .   ? 10.742  1.246   2.691   1.00 21.38  ? 2104 HOH A O   1 
HETATM 1163 O O   . HOH C 3 .   ? -2.148  18.333  8.614   1.00 26.73  ? 2105 HOH A O   1 
HETATM 1164 O O   . HOH C 3 .   ? 10.149  -8.561  10.101  1.00 38.63  ? 2106 HOH A O   1 
HETATM 1165 O O   . HOH C 3 .   ? -3.983  -13.728 12.675  1.00 18.47  ? 2107 HOH A O   1 
HETATM 1166 O O   . HOH C 3 .   ? -11.021 -16.440 4.672   1.00 23.98  ? 2108 HOH A O   1 
HETATM 1167 O O   . HOH C 3 .   ? -3.401  -11.355 13.793  1.00 21.10  ? 2109 HOH A O   1 
HETATM 1168 O O   . HOH C 3 .   ? -10.131 5.646   -6.376  1.00 35.68  ? 2110 HOH A O   1 
HETATM 1169 O O   . HOH C 3 .   ? -2.542  7.259   -9.951  0.64 18.44  ? 2111 HOH A O   1 
HETATM 1170 O O   . HOH C 3 .   ? 3.589   12.367  7.457   0.64 21.69  ? 2112 HOH A O   1 
HETATM 1171 O O   . HOH C 3 .   ? -3.148  15.392  6.352   1.00 38.78  ? 2113 HOH A O   1 
HETATM 1172 O O   . HOH C 3 .   ? -10.996 -11.362 11.934  1.00 20.43  ? 2114 HOH A O   1 
HETATM 1173 O O   . HOH C 3 .   ? -10.000 -13.234 4.828   1.00 23.47  ? 2115 HOH A O   1 
HETATM 1174 O O   . HOH C 3 .   ? -10.469 7.034   0.898   1.00 39.85  ? 2116 HOH A O   1 
HETATM 1175 O O   . HOH C 3 .   ? 3.652   -20.020 4.690   1.00 20.75  ? 2117 HOH A O   1 
HETATM 1176 O O   . HOH C 3 .   ? -6.689  12.485  -13.981 1.00 51.21  ? 2118 HOH A O   1 
HETATM 1177 O O   . HOH C 3 .   ? -8.935  -17.429 1.263   0.50 34.17  ? 2119 HOH A O   1 
HETATM 1178 O O   . HOH C 3 .   ? 9.209   -4.455  9.789   1.00 36.57  ? 2120 HOH A O   1 
HETATM 1179 O O   . HOH C 3 .   ? -6.105  3.637   12.696  1.00 32.24  ? 2121 HOH A O   1 
HETATM 1180 O O   . HOH C 3 .   ? -3.039  -3.720  -9.604  1.00 39.79  ? 2122 HOH A O   1 
HETATM 1181 O O   . HOH C 3 .   ? 17.187  3.982   -9.418  0.64 33.39  ? 2123 HOH A O   1 
HETATM 1182 O O   . HOH C 3 .   ? -5.030  -12.679 9.335   1.00 14.34  ? 2124 HOH A O   1 
HETATM 1183 O O   . HOH C 3 .   ? 6.322   11.389  -22.958 1.00 28.32  ? 2125 HOH A O   1 
HETATM 1184 O O   . HOH C 3 .   ? -4.633  -15.003 -3.656  1.00 32.34  ? 2126 HOH A O   1 
HETATM 1185 O O   . HOH C 3 .   ? 4.419   -12.992 0.033   1.00 32.55  ? 2127 HOH A O   1 
HETATM 1186 O O   . HOH C 3 .   ? -17.271 -7.030  -4.936  1.00 32.13  ? 2128 HOH A O   1 
HETATM 1187 O O   . HOH C 3 .   ? -11.024 -11.050 6.261   1.00 16.49  ? 2129 HOH A O   1 
HETATM 1188 O O   . HOH C 3 .   ? -11.617 -0.595  11.014  1.00 43.33  ? 2130 HOH A O   1 
HETATM 1189 O O   . HOH C 3 .   ? 4.068   -9.594  -9.311  1.00 36.03  ? 2131 HOH A O   1 
HETATM 1190 O O   . HOH C 3 .   ? 19.507  15.909  -0.977  1.00 44.43  ? 2132 HOH A O   1 
HETATM 1191 O O   . HOH C 3 .   ? 7.550   -8.595  2.913   1.00 27.67  ? 2133 HOH A O   1 
HETATM 1192 O O   . HOH C 3 .   ? -10.122 9.491   4.462   1.00 37.41  ? 2134 HOH A O   1 
HETATM 1193 O O   . HOH C 3 .   ? -13.190 -3.016  -5.952  1.00 50.24  ? 2135 HOH A O   1 
HETATM 1194 O O   . HOH C 3 .   ? -0.449  8.453   11.398  1.00 34.79  ? 2136 HOH A O   1 
HETATM 1195 O O   . HOH C 3 .   ? 4.694   -7.298  -3.072  1.00 19.51  ? 2137 HOH A O   1 
HETATM 1196 O O   . HOH C 3 .   ? -11.486 5.064   -0.710  1.00 31.28  ? 2138 HOH A O   1 
HETATM 1197 O O   . HOH C 3 .   ? 6.946   -7.246  12.722  1.00 31.98  ? 2139 HOH A O   1 
HETATM 1198 O O   . HOH C 3 .   ? 9.650   -8.660  7.425   1.00 47.43  ? 2140 HOH A O   1 
HETATM 1199 O O   . HOH C 3 .   ? 6.423   -9.501  1.060   1.00 38.04  ? 2141 HOH A O   1 
HETATM 1200 O O   . HOH C 3 .   ? 3.779   -15.505 13.207  1.00 41.56  ? 2142 HOH A O   1 
HETATM 1201 O O   . HOH C 3 .   ? -5.416  -14.293 15.761  1.00 25.98  ? 2143 HOH A O   1 
HETATM 1202 O O   . HOH C 3 .   ? 5.013   1.448   -15.230 1.00 29.59  ? 2144 HOH A O   1 
HETATM 1203 O O   . HOH C 3 .   ? 6.671   6.623   -23.611 1.00 45.07  ? 2145 HOH A O   1 
HETATM 1204 O O   . HOH C 3 .   ? -7.568  -4.981  14.047  1.00 40.48  ? 2146 HOH A O   1 
HETATM 1205 O O   . HOH C 3 .   ? -6.833  14.914  1.540   1.00 30.69  ? 2147 HOH A O   1 
HETATM 1206 O O   . HOH C 3 .   ? 13.546  3.465   -3.515  1.00 27.05  ? 2148 HOH A O   1 
HETATM 1207 O O   . HOH C 3 .   ? -0.648  -7.997  12.899  1.00 31.12  ? 2149 HOH A O   1 
HETATM 1208 O O   . HOH C 3 .   ? 14.968  11.171  0.723   1.00 26.83  ? 2150 HOH A O   1 
HETATM 1209 O O   . HOH C 3 .   ? 0.119   -10.941 -4.067  1.00 32.03  ? 2151 HOH A O   1 
HETATM 1210 O O   . HOH C 3 .   ? -7.218  9.379   -13.052 0.64 29.33  ? 2152 HOH A O   1 
HETATM 1211 O O   . HOH C 3 .   ? 3.241   -1.868  -13.309 1.00 34.28  ? 2153 HOH A O   1 
HETATM 1212 O O   . HOH C 3 .   ? -2.152  15.932  -3.968  1.00 37.56  ? 2154 HOH A O   1 
HETATM 1213 O O   . HOH C 3 .   ? -7.537  13.301  -0.719  0.64 29.72  ? 2155 HOH A O   1 
HETATM 1214 O O   . HOH C 3 .   ? 9.809   1.246   -5.169  1.00 18.39  ? 2156 HOH A O   1 
HETATM 1215 O O   . HOH C 3 .   ? -8.795  -26.594 10.498  1.00 46.63  ? 2157 HOH A O   1 
HETATM 1216 O O   . HOH C 3 .   ? 0.833   -24.908 12.284  1.00 18.58  ? 2158 HOH A O   1 
HETATM 1217 O O   . HOH C 3 .   ? -0.164  -21.871 4.084   1.00 33.36  ? 2159 HOH A O   1 
HETATM 1218 O O   . HOH C 3 .   ? -6.061  7.297   12.275  1.00 49.30  ? 2160 HOH A O   1 
HETATM 1219 O O   . HOH C 3 .   ? 7.359   -7.977  5.674   1.00 21.05  ? 2161 HOH A O   1 
HETATM 1220 O O   . HOH C 3 .   ? 2.107   -26.491 10.429  1.00 39.90  ? 2162 HOH A O   1 
HETATM 1221 O O   . HOH C 3 .   ? 5.999   -11.538 14.243  1.00 28.84  ? 2163 HOH A O   1 
HETATM 1222 O O   . HOH C 3 .   ? 7.470   -2.881  -5.573  1.00 258.13 ? 2164 HOH A O   1 
HETATM 1223 O O   . HOH C 3 .   ? -14.501 -0.241  16.823  1.00 25.86  ? 2165 HOH A O   1 
HETATM 1224 O O   . HOH C 3 .   ? 6.879   -3.004  -10.009 1.00 27.78  ? 2166 HOH A O   1 
HETATM 1225 O O   . HOH C 3 .   ? -7.349  -9.372  15.425  1.00 42.57  ? 2167 HOH A O   1 
HETATM 1226 O O   . HOH C 3 .   ? 9.477   -5.554  -2.621  1.00 36.32  ? 2168 HOH A O   1 
HETATM 1227 O O   . HOH C 3 .   ? 4.987   14.268  8.331   1.00 39.70  ? 2169 HOH A O   1 
HETATM 1228 O O   . HOH C 3 .   ? 12.729  6.845   5.500   1.00 24.83  ? 2170 HOH A O   1 
HETATM 1229 O O   . HOH C 3 .   ? 12.402  3.196   -11.138 1.00 27.32  ? 2171 HOH A O   1 
HETATM 1230 O O   . HOH C 3 .   ? -10.166 6.839   12.216  1.00 33.92  ? 2172 HOH A O   1 
HETATM 1231 O O   . HOH C 3 .   ? 8.620   -0.974  -1.731  1.00 21.49  ? 2173 HOH A O   1 
HETATM 1232 O O   . HOH C 3 .   ? -0.344  -1.295  11.906  1.00 34.91  ? 2174 HOH A O   1 
HETATM 1233 O O   . HOH C 3 .   ? -8.245  8.086   11.241  1.00 33.20  ? 2175 HOH A O   1 
HETATM 1234 O O   . HOH C 3 .   ? -7.440  16.166  4.032   1.00 30.29  ? 2176 HOH A O   1 
HETATM 1235 O O   . HOH C 3 .   ? -5.535  7.257   -13.437 0.64 26.79  ? 2177 HOH A O   1 
HETATM 1236 O O   . HOH C 3 .   ? 3.899   -5.206  16.325  1.00 37.02  ? 2178 HOH A O   1 
HETATM 1237 O O   . HOH C 3 .   ? 17.200  8.509   -2.155  1.00 36.40  ? 2179 HOH A O   1 
HETATM 1238 O O   . HOH C 3 .   ? -10.484 3.884   14.067  1.00 38.85  ? 2180 HOH A O   1 
HETATM 1239 O O   . HOH C 3 .   ? -4.777  2.725   14.400  1.00 42.92  ? 2181 HOH A O   1 
HETATM 1240 O O   . HOH C 3 .   ? 3.810   -9.907  0.608   1.00 29.65  ? 2182 HOH A O   1 
HETATM 1241 O O   . HOH C 3 .   ? 13.756  8.049   3.443   1.00 36.48  ? 2183 HOH A O   1 
HETATM 1242 O O   . HOH C 3 .   ? 4.381   -6.772  -10.263 1.00 37.22  ? 2184 HOH A O   1 
HETATM 1243 O O   . HOH C 3 .   ? -13.074 -7.850  8.812   1.00 22.77  ? 2185 HOH A O   1 
HETATM 1244 O O   . HOH C 3 .   ? 10.709  3.170   -3.349  1.00 17.12  ? 2186 HOH A O   1 
HETATM 1245 O O   . HOH C 3 .   ? -10.806 -8.685  12.810  1.00 26.65  ? 2187 HOH A O   1 
HETATM 1246 O O   . HOH C 3 .   ? -6.305  5.171   -11.331 1.00 35.06  ? 2188 HOH A O   1 
HETATM 1247 O O   . HOH C 3 .   ? -0.165  -13.139 -3.302  1.00 39.54  ? 2189 HOH A O   1 
HETATM 1248 O O   . HOH C 3 .   ? 2.703   -4.783  -9.100  1.00 25.59  ? 2190 HOH A O   1 
HETATM 1249 O O   . HOH C 3 .   ? -10.571 6.685   -8.693  0.64 34.21  ? 2191 HOH A O   1 
HETATM 1250 O O   . HOH C 3 .   ? 9.624   -8.786  -2.993  1.00 41.85  ? 2192 HOH A O   1 
HETATM 1251 O O   . HOH C 3 .   ? -1.780  21.607  -12.717 0.64 31.13  ? 2193 HOH A O   1 
HETATM 1252 O O   . HOH C 3 .   ? -5.491  15.485  -7.499  1.00 53.15  ? 2194 HOH A O   1 
HETATM 1253 O O   . HOH C 3 .   ? 2.619   -17.194 1.254   1.00 37.27  ? 2195 HOH A O   1 
HETATM 1254 O O   . HOH C 3 .   ? -5.278  -18.943 20.119  1.00 46.51  ? 2196 HOH A O   1 
HETATM 1255 O O   . HOH C 3 .   ? 11.468  -1.256  9.239   1.00 30.55  ? 2197 HOH A O   1 
HETATM 1256 O O   . HOH C 3 .   ? 0.812   -24.603 4.789   1.00 41.23  ? 2198 HOH A O   1 
HETATM 1257 O O   . HOH C 3 .   ? 15.254  3.635   -1.448  1.00 39.73  ? 2199 HOH A O   1 
HETATM 1258 O O   . HOH C 3 .   ? -13.858 -10.729 7.307   0.50 13.99  ? 2200 HOH A O   1 
HETATM 1259 O O   . HOH C 3 .   ? 4.211   -22.528 4.261   1.00 35.38  ? 2201 HOH A O   1 
HETATM 1260 O O   . HOH C 3 .   ? 11.576  -0.366  4.507   1.00 30.14  ? 2202 HOH A O   1 
HETATM 1261 O O   . HOH C 3 .   ? -7.604  -1.247  -9.451  1.00 40.39  ? 2203 HOH A O   1 
HETATM 1262 O O   . HOH C 3 .   ? -9.269  10.068  -11.291 0.64 35.60  ? 2204 HOH A O   1 
HETATM 1263 O O   . HOH C 3 .   ? 5.620   -6.164  -5.918  1.00 37.24  ? 2205 HOH A O   1 
HETATM 1264 O O   . HOH C 3 .   ? -8.146  10.468  10.543  1.00 99.02  ? 2206 HOH A O   1 
HETATM 1265 O O   . HOH C 3 .   ? 6.243   -7.048  15.640  1.00 39.56  ? 2207 HOH A O   1 
HETATM 1266 O O   . HOH C 3 .   ? 14.367  4.000   1.177   1.00 41.78  ? 2208 HOH A O   1 
HETATM 1267 O O   . HOH C 3 .   ? 0.378   -17.568 2.702   1.00 26.06  ? 2209 HOH A O   1 
# 
